data_2OBN
#
_entry.id   2OBN
#
_cell.length_a   75.090
_cell.length_b   123.070
_cell.length_c   75.210
_cell.angle_alpha   90.000
_cell.angle_beta   103.100
_cell.angle_gamma   90.000
#
_symmetry.space_group_name_H-M   'P 1 21 1'
#
loop_
_entity.id
_entity.type
_entity.pdbx_description
1 polymer 'Hypothetical protein'
2 non-polymer 'PHOSPHATE ION'
3 non-polymer 'TETRAETHYLENE GLYCOL'
4 water water
#
_entity_poly.entity_id   1
_entity_poly.type   'polypeptide(L)'
_entity_poly.pdbx_seq_one_letter_code
;G(MSE)RLPLNQRVAILLHEGTTGTIGKTGLALLRYSEAPIVAVIDRNCAGQSLREITGIYRYVPIVKSVEAALEYKPQV
LVIGIAPKGGGIPDDYWIELKTALQAG(MSE)SLVNGLHTPLANIPDLNALLQPGQLIWDVRKEPANLDVASGAARTLPC
RRVLTVGTD(MSE)AIGK(MSE)STSLELHWAAKLRGWRSKFLATGQTGV(MSE)LEGDGVALDAVRVDFAAGAVEQ
(MSE)V(MSE)RYGKNYDILHIEGQGSLLHPGSTATLPLIRGSQPTQLVLVHRAGQTHNGNNPHVPIPPLPEVIRLYETV
ASGGGAFGTVPVVGIALNTAHLDEYAAKEAIAHTIAETGLPCTDVVRFGADVLLDAV(MSE)QN
;
_entity_poly.pdbx_strand_id   A,B,C,D
#
# COMPACT_ATOMS: atom_id res chain seq x y z
N ASN A 7 12.98 8.98 -22.36
CA ASN A 7 14.42 8.53 -22.31
C ASN A 7 14.71 7.23 -23.07
N GLN A 8 13.68 6.45 -23.40
CA GLN A 8 13.85 5.19 -24.16
C GLN A 8 13.53 5.45 -25.62
N ARG A 9 14.23 4.77 -26.51
CA ARG A 9 13.99 4.94 -27.94
C ARG A 9 12.73 4.16 -28.33
N VAL A 10 11.83 4.84 -29.04
CA VAL A 10 10.53 4.31 -29.40
C VAL A 10 10.36 3.95 -30.87
N ALA A 11 9.77 2.78 -31.10
CA ALA A 11 9.34 2.34 -32.42
C ALA A 11 7.82 2.21 -32.27
N ILE A 12 7.08 2.74 -33.24
CA ILE A 12 5.62 2.72 -33.23
C ILE A 12 5.04 1.76 -34.25
N LEU A 13 4.29 0.77 -33.78
CA LEU A 13 3.61 -0.17 -34.66
C LEU A 13 2.44 0.61 -35.28
N LEU A 14 2.50 0.86 -36.58
CA LEU A 14 1.51 1.73 -37.20
C LEU A 14 1.01 1.22 -38.56
N HIS A 15 0.97 -0.12 -38.70
CA HIS A 15 0.54 -0.77 -39.94
C HIS A 15 -0.83 -0.30 -40.34
N GLU A 16 -0.90 0.29 -41.53
CA GLU A 16 -2.14 0.82 -42.14
C GLU A 16 -2.69 2.10 -41.49
N GLY A 17 -1.97 2.64 -40.49
CA GLY A 17 -2.42 3.81 -39.73
C GLY A 17 -1.71 5.14 -39.99
N THR A 18 -0.60 5.13 -40.73
CA THR A 18 0.13 6.35 -41.03
C THR A 18 -0.72 7.26 -41.93
N THR A 19 -1.35 6.68 -42.95
CA THR A 19 -2.23 7.42 -43.86
C THR A 19 -3.66 6.86 -43.93
N GLY A 20 -3.94 5.79 -43.17
CA GLY A 20 -5.27 5.21 -43.10
C GLY A 20 -5.99 5.82 -41.91
N THR A 21 -6.93 5.08 -41.32
CA THR A 21 -7.75 5.60 -40.21
C THR A 21 -7.54 4.96 -38.83
N ILE A 22 -6.91 3.79 -38.77
CA ILE A 22 -6.70 3.11 -37.48
C ILE A 22 -5.51 3.57 -36.61
N GLY A 23 -4.67 4.47 -37.11
CA GLY A 23 -3.47 4.92 -36.37
C GLY A 23 -3.50 6.27 -35.66
N LYS A 24 -4.65 6.67 -35.14
CA LYS A 24 -4.80 7.96 -34.44
C LYS A 24 -3.79 8.10 -33.28
N THR A 25 -3.57 7.01 -32.54
CA THR A 25 -2.67 7.00 -31.40
C THR A 25 -1.20 7.27 -31.78
N GLY A 26 -0.67 6.48 -32.71
CA GLY A 26 0.71 6.68 -33.16
C GLY A 26 0.98 8.06 -33.75
N LEU A 27 0.04 8.56 -34.55
CA LEU A 27 0.19 9.89 -35.16
C LEU A 27 0.22 11.00 -34.11
N ALA A 28 -0.54 10.82 -33.03
CA ALA A 28 -0.58 11.78 -31.92
C ALA A 28 0.74 11.73 -31.12
N LEU A 29 1.30 10.54 -30.97
CA LEU A 29 2.60 10.39 -30.31
C LEU A 29 3.69 11.05 -31.15
N LEU A 30 3.66 10.79 -32.45
CA LEU A 30 4.59 11.46 -33.38
C LEU A 30 4.46 12.99 -33.29
N ARG A 31 3.24 13.48 -33.14
CA ARG A 31 2.99 14.92 -33.07
C ARG A 31 3.34 15.55 -31.71
N TYR A 32 3.21 14.77 -30.62
CA TYR A 32 3.39 15.30 -29.26
C TYR A 32 4.43 14.68 -28.32
N SER A 33 4.86 13.45 -28.56
CA SER A 33 5.77 12.82 -27.62
C SER A 33 7.16 13.45 -27.56
N GLU A 34 7.62 13.74 -26.35
CA GLU A 34 8.96 14.27 -26.13
C GLU A 34 10.00 13.12 -26.17
N ALA A 35 9.54 11.87 -26.22
CA ALA A 35 10.47 10.73 -26.32
C ALA A 35 11.13 10.68 -27.70
N PRO A 36 12.37 10.15 -27.77
CA PRO A 36 13.06 9.98 -29.06
C PRO A 36 12.44 8.83 -29.87
N ILE A 37 11.60 9.16 -30.86
CA ILE A 37 10.94 8.16 -31.69
C ILE A 37 11.86 7.88 -32.87
N VAL A 38 12.36 6.66 -32.95
CA VAL A 38 13.35 6.29 -33.98
C VAL A 38 12.82 5.52 -35.18
N ALA A 39 11.57 5.06 -35.11
CA ALA A 39 11.01 4.31 -36.22
C ALA A 39 9.49 4.22 -36.19
N VAL A 40 8.89 4.34 -37.38
CA VAL A 40 7.47 4.18 -37.58
C VAL A 40 7.38 2.90 -38.39
N ILE A 41 6.61 1.95 -37.91
CA ILE A 41 6.47 0.67 -38.57
C ILE A 41 5.14 0.62 -39.31
N ASP A 42 5.21 0.57 -40.63
CA ASP A 42 4.00 0.52 -41.46
C ASP A 42 4.38 0.01 -42.85
N ARG A 43 3.86 -1.18 -43.19
CA ARG A 43 4.11 -1.84 -44.47
C ARG A 43 3.70 -0.98 -45.64
N ASN A 44 2.53 -0.36 -45.51
CA ASN A 44 1.95 0.49 -46.54
C ASN A 44 2.75 1.76 -46.88
N CYS A 45 3.65 2.19 -46.00
CA CYS A 45 4.40 3.42 -46.21
C CYS A 45 5.91 3.32 -45.99
N ALA A 46 6.47 2.11 -45.99
CA ALA A 46 7.91 1.94 -45.78
C ALA A 46 8.73 2.76 -46.79
N GLY A 47 9.74 3.48 -46.29
CA GLY A 47 10.62 4.31 -47.12
C GLY A 47 10.07 5.66 -47.54
N GLN A 48 8.81 5.94 -47.22
CA GLN A 48 8.16 7.19 -47.61
C GLN A 48 8.42 8.30 -46.61
N SER A 49 8.21 9.54 -47.03
CA SER A 49 8.42 10.70 -46.17
C SER A 49 7.24 10.91 -45.23
N LEU A 50 7.48 10.87 -43.93
CA LEU A 50 6.44 11.09 -42.93
C LEU A 50 5.77 12.47 -43.09
N ARG A 51 6.58 13.49 -43.40
CA ARG A 51 6.06 14.85 -43.56
C ARG A 51 5.17 14.91 -44.78
N GLU A 52 5.64 14.38 -45.91
CA GLU A 52 4.90 14.43 -47.16
C GLU A 52 3.55 13.68 -47.12
N ILE A 53 3.51 12.54 -46.42
CA ILE A 53 2.28 11.73 -46.35
C ILE A 53 1.37 12.04 -45.17
N THR A 54 1.85 12.80 -44.19
CA THR A 54 1.05 13.15 -43.00
C THR A 54 1.03 14.64 -42.62
N GLY A 55 2.05 15.40 -43.01
CA GLY A 55 2.17 16.80 -42.65
C GLY A 55 3.03 17.02 -41.41
N ILE A 56 3.13 16.01 -40.54
CA ILE A 56 3.90 16.09 -39.29
C ILE A 56 5.38 16.38 -39.58
N TYR A 57 5.95 17.32 -38.83
CA TYR A 57 7.32 17.76 -39.09
C TYR A 57 8.52 16.96 -38.59
N ARG A 58 8.40 16.19 -37.51
CA ARG A 58 9.59 15.44 -37.07
C ARG A 58 10.00 14.36 -38.08
N TYR A 59 11.32 14.18 -38.25
CA TYR A 59 11.82 13.15 -39.15
C TYR A 59 11.90 11.80 -38.42
N VAL A 60 11.29 10.78 -39.00
CA VAL A 60 11.36 9.41 -38.47
C VAL A 60 11.29 8.48 -39.68
N PRO A 61 12.21 7.52 -39.77
CA PRO A 61 12.11 6.60 -40.89
C PRO A 61 10.92 5.65 -40.74
N ILE A 62 10.27 5.39 -41.87
CA ILE A 62 9.14 4.47 -41.90
C ILE A 62 9.70 3.15 -42.45
N VAL A 63 9.62 2.10 -41.65
CA VAL A 63 10.14 0.79 -42.04
C VAL A 63 9.02 -0.23 -42.17
N LYS A 64 9.33 -1.33 -42.85
CA LYS A 64 8.34 -2.38 -43.15
C LYS A 64 7.89 -3.20 -41.95
N SER A 65 8.75 -3.40 -40.97
CA SER A 65 8.42 -4.22 -39.81
C SER A 65 9.26 -3.90 -38.58
N VAL A 66 8.92 -4.55 -37.47
CA VAL A 66 9.68 -4.43 -36.22
C VAL A 66 11.12 -4.84 -36.49
N GLU A 67 11.31 -5.94 -37.20
CA GLU A 67 12.65 -6.43 -37.52
C GLU A 67 13.47 -5.40 -38.28
N ALA A 68 12.85 -4.73 -39.26
CA ALA A 68 13.53 -3.66 -40.00
C ALA A 68 13.78 -2.42 -39.12
N ALA A 69 12.99 -2.27 -38.06
CA ALA A 69 13.21 -1.17 -37.12
C ALA A 69 14.42 -1.42 -36.20
N LEU A 70 14.79 -2.68 -35.96
CA LEU A 70 15.91 -3.02 -35.03
C LEU A 70 17.22 -2.26 -35.31
N GLU A 71 17.47 -2.01 -36.59
CA GLU A 71 18.60 -1.21 -37.06
C GLU A 71 18.71 0.14 -36.36
N TYR A 72 17.58 0.71 -35.94
CA TYR A 72 17.57 2.00 -35.24
C TYR A 72 17.61 1.87 -33.70
N LYS A 73 17.87 0.66 -33.21
CA LYS A 73 18.02 0.37 -31.79
C LYS A 73 16.84 0.85 -30.93
N PRO A 74 15.60 0.52 -31.32
CA PRO A 74 14.48 0.94 -30.51
C PRO A 74 14.43 0.10 -29.21
N GLN A 75 14.06 0.74 -28.10
CA GLN A 75 13.96 0.08 -26.80
C GLN A 75 12.52 -0.25 -26.38
N VAL A 76 11.55 0.46 -26.95
CA VAL A 76 10.14 0.26 -26.61
C VAL A 76 9.29 0.22 -27.86
N LEU A 77 8.43 -0.81 -27.97
CA LEU A 77 7.49 -0.91 -29.07
C LEU A 77 6.15 -0.41 -28.54
N VAL A 78 5.61 0.62 -29.19
CA VAL A 78 4.30 1.17 -28.84
C VAL A 78 3.32 0.82 -29.93
N ILE A 79 2.20 0.25 -29.51
CA ILE A 79 1.12 -0.12 -30.43
C ILE A 79 0.35 1.18 -30.69
N GLY A 80 0.52 1.72 -31.91
CA GLY A 80 -0.12 2.98 -32.29
C GLY A 80 -1.36 2.82 -33.14
N ILE A 81 -1.77 1.57 -33.34
CA ILE A 81 -2.95 1.23 -34.15
C ILE A 81 -3.93 0.42 -33.33
N ALA A 82 -5.19 0.48 -33.75
CA ALA A 82 -6.28 -0.26 -33.14
C ALA A 82 -7.23 -0.73 -34.22
N PRO A 83 -7.49 -2.05 -34.31
CA PRO A 83 -8.46 -2.49 -35.32
C PRO A 83 -9.89 -2.10 -34.91
N LYS A 84 -10.82 -2.07 -35.86
CA LYS A 84 -12.22 -1.70 -35.58
C LYS A 84 -12.97 -2.81 -34.83
N GLY A 86 -12.81 -5.67 -32.97
CA GLY A 86 -11.75 -6.64 -33.08
C GLY A 86 -10.79 -6.56 -31.90
N GLY A 87 -10.15 -7.68 -31.58
CA GLY A 87 -9.20 -7.77 -30.47
C GLY A 87 -7.78 -7.60 -30.97
N ILE A 88 -7.04 -8.71 -31.02
CA ILE A 88 -5.67 -8.71 -31.49
C ILE A 88 -5.63 -9.41 -32.85
N PRO A 89 -5.42 -8.66 -33.94
CA PRO A 89 -5.34 -9.31 -35.24
C PRO A 89 -4.21 -10.32 -35.28
N ASP A 90 -4.36 -11.32 -36.16
CA ASP A 90 -3.37 -12.39 -36.28
C ASP A 90 -1.98 -11.87 -36.70
N ASP A 91 -1.93 -10.83 -37.53
CA ASP A 91 -0.67 -10.25 -38.02
C ASP A 91 0.12 -9.43 -36.99
N TYR A 92 -0.42 -9.26 -35.78
CA TYR A 92 0.27 -8.53 -34.72
C TYR A 92 1.27 -9.41 -33.95
N TRP A 93 0.95 -10.70 -33.79
CA TRP A 93 1.77 -11.61 -32.95
C TRP A 93 3.26 -11.69 -33.28
N ILE A 94 3.60 -11.77 -34.57
CA ILE A 94 5.01 -11.83 -34.97
C ILE A 94 5.73 -10.55 -34.55
N GLU A 95 5.08 -9.41 -34.77
CA GLU A 95 5.66 -8.12 -34.42
C GLU A 95 5.94 -7.98 -32.92
N LEU A 96 5.02 -8.46 -32.10
CA LEU A 96 5.16 -8.37 -30.65
C LEU A 96 6.28 -9.27 -30.14
N LYS A 97 6.26 -10.54 -30.54
CA LYS A 97 7.28 -11.51 -30.12
C LYS A 97 8.69 -11.08 -30.56
N THR A 98 8.79 -10.55 -31.78
CA THR A 98 10.05 -10.07 -32.35
C THR A 98 10.65 -8.95 -31.49
N ALA A 99 9.80 -8.05 -31.00
CA ALA A 99 10.22 -6.94 -30.15
C ALA A 99 10.66 -7.42 -28.77
N LEU A 100 9.92 -8.36 -28.21
CA LEU A 100 10.24 -8.91 -26.88
C LEU A 100 11.53 -9.69 -26.87
N GLN A 101 11.75 -10.51 -27.91
CA GLN A 101 12.98 -11.29 -28.09
C GLN A 101 14.19 -10.37 -28.22
N ALA A 102 13.97 -9.23 -28.88
CA ALA A 102 15.00 -8.21 -29.04
C ALA A 102 15.19 -7.32 -27.78
N GLY A 103 14.63 -7.72 -26.65
CA GLY A 103 14.81 -7.03 -25.38
C GLY A 103 14.04 -5.73 -25.15
N SER A 105 10.48 -3.35 -24.42
CA SER A 105 9.25 -3.32 -23.64
C SER A 105 8.11 -3.09 -24.64
N LEU A 106 6.88 -3.42 -24.22
CA LEU A 106 5.68 -3.19 -25.03
C LEU A 106 4.73 -2.27 -24.30
N VAL A 107 4.24 -1.26 -25.01
CA VAL A 107 3.26 -0.33 -24.47
C VAL A 107 1.99 -0.59 -25.27
N ASN A 108 1.04 -1.28 -24.62
CA ASN A 108 -0.21 -1.73 -25.23
C ASN A 108 -1.41 -0.85 -24.94
N GLY A 109 -1.94 -0.22 -25.98
CA GLY A 109 -3.12 0.61 -25.87
C GLY A 109 -4.40 -0.06 -26.32
N LEU A 110 -4.34 -1.34 -26.66
CA LEU A 110 -5.51 -2.08 -27.07
C LEU A 110 -6.37 -2.40 -25.87
N HIS A 111 -7.62 -2.76 -26.12
CA HIS A 111 -8.52 -3.19 -25.06
C HIS A 111 -8.15 -4.57 -24.53
N THR A 112 -7.53 -5.39 -25.38
CA THR A 112 -7.10 -6.72 -24.97
C THR A 112 -5.77 -6.58 -24.25
N PRO A 113 -5.71 -7.01 -22.96
CA PRO A 113 -4.47 -6.92 -22.21
C PRO A 113 -3.51 -8.00 -22.63
N LEU A 114 -2.22 -7.63 -22.75
CA LEU A 114 -1.13 -8.54 -23.17
C LEU A 114 -0.12 -8.97 -22.09
N ALA A 115 -0.13 -8.30 -20.92
CA ALA A 115 0.88 -8.57 -19.86
C ALA A 115 0.80 -9.95 -19.21
N ASN A 116 -0.36 -10.60 -19.24
CA ASN A 116 -0.51 -11.91 -18.60
C ASN A 116 -0.69 -13.05 -19.59
N ILE A 117 -0.18 -12.86 -20.81
CA ILE A 117 -0.20 -13.90 -21.83
C ILE A 117 1.13 -14.65 -21.71
N PRO A 118 1.09 -15.95 -21.36
CA PRO A 118 2.28 -16.79 -21.19
C PRO A 118 3.37 -16.66 -22.26
N ASP A 119 2.97 -16.77 -23.53
CA ASP A 119 3.91 -16.68 -24.66
C ASP A 119 4.67 -15.35 -24.71
N LEU A 120 4.00 -14.23 -24.42
CA LEU A 120 4.69 -12.94 -24.45
C LEU A 120 5.55 -12.76 -23.20
N ASN A 121 4.99 -13.13 -22.06
CA ASN A 121 5.66 -12.96 -20.76
C ASN A 121 6.97 -13.75 -20.69
N ALA A 122 6.98 -14.93 -21.30
CA ALA A 122 8.17 -15.77 -21.36
C ALA A 122 9.31 -15.06 -22.12
N LEU A 123 8.98 -14.31 -23.16
CA LEU A 123 9.99 -13.59 -23.94
C LEU A 123 10.49 -12.31 -23.27
N LEU A 124 9.82 -11.89 -22.19
CA LEU A 124 10.17 -10.65 -21.50
C LEU A 124 11.49 -10.79 -20.73
N GLN A 125 12.39 -9.83 -20.91
CA GLN A 125 13.69 -9.84 -20.26
C GLN A 125 13.77 -8.93 -19.04
N PRO A 126 14.75 -9.19 -18.14
CA PRO A 126 14.89 -8.39 -16.94
C PRO A 126 15.02 -6.89 -17.23
N GLY A 127 14.26 -6.11 -16.49
CA GLY A 127 14.24 -4.66 -16.67
C GLY A 127 13.26 -4.16 -17.72
N GLN A 128 12.48 -5.06 -18.32
CA GLN A 128 11.50 -4.67 -19.33
C GLN A 128 10.11 -5.07 -18.85
N LEU A 129 9.11 -4.41 -19.41
CA LEU A 129 7.75 -4.65 -19.01
C LEU A 129 6.79 -4.62 -20.17
N ILE A 130 5.58 -5.12 -19.91
CA ILE A 130 4.48 -5.07 -20.84
C ILE A 130 3.44 -4.21 -20.13
N TRP A 131 3.17 -3.02 -20.65
CA TRP A 131 2.25 -2.08 -20.04
C TRP A 131 0.93 -2.05 -20.78
N ASP A 132 -0.13 -2.48 -20.09
CA ASP A 132 -1.49 -2.47 -20.59
C ASP A 132 -2.08 -1.14 -20.13
N VAL A 133 -2.08 -0.17 -21.04
CA VAL A 133 -2.50 1.20 -20.71
C VAL A 133 -3.99 1.29 -20.33
N ARG A 134 -4.81 0.45 -20.95
CA ARG A 134 -6.25 0.42 -20.71
C ARG A 134 -6.74 -0.38 -19.49
N LYS A 135 -5.85 -0.79 -18.60
CA LYS A 135 -6.24 -1.51 -17.41
C LYS A 135 -7.02 -0.53 -16.51
N GLU A 136 -8.21 -0.94 -16.07
CA GLU A 136 -9.01 -0.13 -15.17
C GLU A 136 -8.25 0.00 -13.83
N PRO A 137 -8.17 1.23 -13.27
CA PRO A 137 -7.49 1.39 -11.99
C PRO A 137 -8.13 0.59 -10.85
N ALA A 138 -7.31 0.19 -9.89
CA ALA A 138 -7.78 -0.58 -8.76
C ALA A 138 -8.59 0.25 -7.77
N ASN A 139 -9.44 -0.43 -7.01
CA ASN A 139 -10.26 0.17 -5.96
C ASN A 139 -11.01 1.44 -6.28
N LEU A 140 -11.84 1.37 -7.31
CA LEU A 140 -12.69 2.49 -7.66
C LEU A 140 -13.97 2.43 -6.85
N ASP A 141 -14.53 3.61 -6.60
CA ASP A 141 -15.81 3.78 -5.95
C ASP A 141 -16.74 4.44 -6.94
N VAL A 142 -18.02 4.50 -6.58
CA VAL A 142 -18.99 5.21 -7.39
C VAL A 142 -18.79 6.68 -6.99
N ALA A 143 -18.73 7.57 -7.98
CA ALA A 143 -18.51 8.98 -7.70
C ALA A 143 -19.63 9.60 -6.88
N SER A 144 -19.30 10.66 -6.15
CA SER A 144 -20.21 11.34 -5.23
C SER A 144 -20.15 12.86 -5.31
N GLY A 145 -19.66 13.38 -6.42
CA GLY A 145 -19.54 14.83 -6.61
C GLY A 145 -18.51 15.47 -5.72
N ALA A 146 -17.50 14.71 -5.29
CA ALA A 146 -16.47 15.23 -4.38
C ALA A 146 -15.58 16.31 -5.00
N ALA A 147 -15.42 16.26 -6.31
CA ALA A 147 -14.58 17.24 -7.01
C ALA A 147 -15.08 18.69 -6.85
N ARG A 148 -16.37 18.87 -6.58
CA ARG A 148 -16.95 20.21 -6.41
C ARG A 148 -16.34 20.98 -5.23
N THR A 149 -15.78 20.25 -4.27
CA THR A 149 -15.16 20.84 -3.10
C THR A 149 -13.73 21.34 -3.33
N LEU A 150 -13.13 21.06 -4.48
CA LEU A 150 -11.73 21.48 -4.73
C LEU A 150 -11.66 22.97 -5.06
N PRO A 151 -10.62 23.66 -4.54
CA PRO A 151 -10.46 25.10 -4.76
C PRO A 151 -9.94 25.49 -6.15
N CYS A 152 -9.46 24.54 -6.92
CA CYS A 152 -8.95 24.79 -8.26
C CYS A 152 -10.02 24.87 -9.34
N ARG A 153 -9.64 25.43 -10.48
CA ARG A 153 -10.48 25.43 -11.65
C ARG A 153 -10.32 24.05 -12.31
N ARG A 154 -11.42 23.55 -12.86
CA ARG A 154 -11.42 22.26 -13.53
C ARG A 154 -12.03 22.49 -14.90
N VAL A 155 -11.15 22.57 -15.90
CA VAL A 155 -11.54 22.84 -17.27
C VAL A 155 -11.56 21.57 -18.11
N LEU A 156 -12.72 21.26 -18.66
CA LEU A 156 -12.91 20.08 -19.49
C LEU A 156 -13.18 20.51 -20.93
N THR A 157 -12.45 19.91 -21.86
CA THR A 157 -12.71 20.12 -23.28
C THR A 157 -13.82 19.16 -23.71
N VAL A 158 -14.77 19.66 -24.50
CA VAL A 158 -15.86 18.85 -25.05
C VAL A 158 -15.92 19.08 -26.57
N GLY A 159 -16.65 18.25 -27.29
CA GLY A 159 -16.67 18.41 -28.73
C GLY A 159 -17.90 17.99 -29.47
N THR A 160 -17.94 18.41 -30.73
CA THR A 160 -19.01 18.12 -31.67
C THR A 160 -18.79 16.77 -32.37
N ASP A 161 -17.62 16.19 -32.19
CA ASP A 161 -17.29 14.90 -32.73
C ASP A 161 -16.03 14.42 -31.99
N ALA A 163 -11.98 12.78 -32.40
CA ALA A 163 -10.79 12.98 -33.23
C ALA A 163 -10.75 14.36 -33.89
N ILE A 164 -11.00 15.41 -33.11
CA ILE A 164 -11.04 16.77 -33.64
C ILE A 164 -10.09 17.79 -32.98
N GLY A 165 -9.37 17.38 -31.95
CA GLY A 165 -8.45 18.25 -31.23
C GLY A 165 -8.80 18.58 -29.79
N LYS A 166 -9.61 17.77 -29.12
CA LYS A 166 -9.89 18.04 -27.68
C LYS A 166 -8.60 17.94 -26.85
N SER A 168 -5.48 18.22 -27.92
CA SER A 168 -4.62 19.31 -28.31
C SER A 168 -5.02 20.61 -27.62
N THR A 169 -6.32 20.87 -27.57
CA THR A 169 -6.80 22.06 -26.92
C THR A 169 -6.42 22.06 -25.44
N SER A 170 -6.72 20.96 -24.75
CA SER A 170 -6.34 20.82 -23.33
C SER A 170 -4.85 21.05 -23.12
N LEU A 171 -4.02 20.48 -24.00
CA LEU A 171 -2.57 20.65 -23.88
C LEU A 171 -2.11 22.09 -24.03
N GLU A 172 -2.63 22.76 -25.04
CA GLU A 172 -2.25 24.16 -25.31
C GLU A 172 -2.65 25.09 -24.20
N LEU A 173 -3.82 24.88 -23.62
CA LEU A 173 -4.29 25.67 -22.50
C LEU A 173 -3.41 25.39 -21.30
N HIS A 174 -3.04 24.13 -21.12
CA HIS A 174 -2.12 23.76 -20.06
C HIS A 174 -0.77 24.43 -20.26
N TRP A 175 -0.23 24.35 -21.47
CA TRP A 175 1.07 24.94 -21.77
C TRP A 175 1.06 26.47 -21.68
N ALA A 176 -0.07 27.08 -22.03
CA ALA A 176 -0.21 28.52 -21.90
C ALA A 176 -0.26 28.88 -20.42
N ALA A 177 -0.95 28.06 -19.60
CA ALA A 177 -1.04 28.33 -18.17
C ALA A 177 0.33 28.23 -17.51
N LYS A 178 1.07 27.16 -17.81
CA LYS A 178 2.42 26.99 -17.27
C LYS A 178 3.35 28.13 -17.61
N LEU A 179 3.27 28.63 -18.84
CA LEU A 179 4.07 29.77 -19.28
C LEU A 179 3.80 31.02 -18.42
N ARG A 180 2.53 31.25 -18.12
CA ARG A 180 2.08 32.39 -17.32
C ARG A 180 2.46 32.25 -15.84
N GLY A 181 3.03 31.11 -15.45
CA GLY A 181 3.50 30.89 -14.09
C GLY A 181 2.52 30.21 -13.15
N TRP A 182 1.39 29.73 -13.67
CA TRP A 182 0.39 29.14 -12.81
C TRP A 182 0.63 27.67 -12.58
N ARG A 183 0.12 27.20 -11.46
CA ARG A 183 0.24 25.81 -11.10
C ARG A 183 -0.86 25.11 -11.90
N SER A 184 -0.43 24.49 -12.98
CA SER A 184 -1.32 23.85 -13.92
C SER A 184 -0.98 22.37 -14.05
N LYS A 185 -2.00 21.54 -14.25
CA LYS A 185 -1.84 20.10 -14.41
C LYS A 185 -2.75 19.56 -15.53
N PHE A 186 -2.18 18.74 -16.40
CA PHE A 186 -2.95 18.11 -17.47
C PHE A 186 -3.29 16.70 -16.99
N LEU A 187 -4.54 16.32 -17.19
CA LEU A 187 -5.07 15.03 -16.79
C LEU A 187 -5.56 14.24 -18.02
N ALA A 188 -4.82 13.16 -18.30
CA ALA A 188 -5.10 12.28 -19.42
C ALA A 188 -6.30 11.38 -19.09
N THR A 189 -7.17 11.22 -20.08
CA THR A 189 -8.40 10.46 -19.94
C THR A 189 -8.58 9.36 -21.00
N GLY A 190 -7.51 9.08 -21.75
CA GLY A 190 -7.49 8.06 -22.80
C GLY A 190 -6.08 7.50 -22.96
N GLN A 191 -5.96 6.42 -23.72
CA GLN A 191 -4.67 5.74 -23.94
C GLN A 191 -3.56 6.66 -24.45
N THR A 192 -3.88 7.53 -25.39
CA THR A 192 -2.87 8.41 -26.00
C THR A 192 -2.31 9.41 -25.00
N GLY A 193 -3.20 10.06 -24.27
CA GLY A 193 -2.78 11.03 -23.28
C GLY A 193 -2.04 10.39 -22.13
N VAL A 194 -2.42 9.17 -21.76
CA VAL A 194 -1.75 8.44 -20.69
C VAL A 194 -0.32 8.08 -21.12
N LEU A 196 1.44 9.78 -23.30
CA LEU A 196 2.15 11.06 -23.36
C LEU A 196 2.53 11.61 -21.99
N GLU A 197 1.69 11.31 -21.00
CA GLU A 197 1.90 11.77 -19.62
C GLU A 197 2.44 10.74 -18.65
N GLY A 198 2.37 9.45 -19.01
CA GLY A 198 2.84 8.38 -18.13
C GLY A 198 1.85 7.99 -17.02
N ASP A 199 0.84 8.83 -16.76
CA ASP A 199 -0.21 8.57 -15.77
C ASP A 199 -1.55 9.11 -16.30
N GLY A 200 -2.63 8.91 -15.53
CA GLY A 200 -3.98 9.38 -15.90
C GLY A 200 -4.90 8.16 -15.92
N VAL A 201 -5.96 8.18 -16.74
CA VAL A 201 -6.85 7.01 -16.82
C VAL A 201 -7.41 6.82 -18.20
N ALA A 202 -7.44 5.58 -18.68
CA ALA A 202 -8.03 5.25 -19.97
C ALA A 202 -9.51 5.00 -19.70
N LEU A 203 -10.29 6.08 -19.73
CA LEU A 203 -11.71 6.03 -19.36
C LEU A 203 -12.59 5.03 -20.09
N ASP A 204 -12.36 4.88 -21.39
CA ASP A 204 -13.20 4.01 -22.18
C ASP A 204 -13.10 2.52 -21.83
N ALA A 205 -12.07 2.15 -21.08
CA ALA A 205 -11.88 0.77 -20.61
C ALA A 205 -12.44 0.56 -19.20
N VAL A 206 -13.01 1.61 -18.59
CA VAL A 206 -13.54 1.48 -17.24
C VAL A 206 -14.98 1.03 -17.34
N ARG A 207 -15.40 0.15 -16.42
CA ARG A 207 -16.81 -0.27 -16.33
C ARG A 207 -17.73 0.93 -16.08
N VAL A 208 -18.88 0.96 -16.76
CA VAL A 208 -19.87 2.07 -16.67
C VAL A 208 -20.14 2.52 -15.22
N ASP A 209 -20.36 1.56 -14.32
CA ASP A 209 -20.66 1.86 -12.94
C ASP A 209 -19.59 2.72 -12.23
N PHE A 210 -18.32 2.52 -12.61
CA PHE A 210 -17.19 3.20 -11.95
C PHE A 210 -16.48 4.31 -12.74
N ALA A 211 -16.96 4.58 -13.95
CA ALA A 211 -16.43 5.57 -14.84
C ALA A 211 -16.35 6.99 -14.22
N ALA A 212 -17.44 7.45 -13.60
CA ALA A 212 -17.41 8.75 -12.93
C ALA A 212 -16.38 8.75 -11.80
N GLY A 213 -16.37 7.64 -11.04
CA GLY A 213 -15.42 7.42 -9.96
C GLY A 213 -13.97 7.37 -10.39
N ALA A 214 -13.69 6.82 -11.56
CA ALA A 214 -12.33 6.84 -12.09
C ALA A 214 -11.89 8.30 -12.38
N VAL A 215 -12.80 9.13 -12.87
CA VAL A 215 -12.48 10.53 -13.15
C VAL A 215 -12.36 11.28 -11.82
N GLU A 216 -13.31 11.05 -10.92
CA GLU A 216 -13.26 11.65 -9.59
C GLU A 216 -11.95 11.38 -8.85
N GLN A 217 -11.54 10.11 -8.82
CA GLN A 217 -10.37 9.68 -8.10
C GLN A 217 -9.11 10.40 -8.55
N VAL A 219 -9.06 13.38 -10.25
CA VAL A 219 -9.18 14.80 -9.98
C VAL A 219 -8.87 15.10 -8.50
N ARG A 221 -6.85 13.34 -6.56
CA ARG A 221 -5.40 13.22 -6.35
C ARG A 221 -4.62 14.52 -6.53
N TYR A 222 -4.90 15.22 -7.62
CA TYR A 222 -4.12 16.40 -7.96
C TYR A 222 -4.80 17.75 -7.69
N GLY A 223 -6.09 17.74 -7.35
CA GLY A 223 -6.85 18.97 -7.14
C GLY A 223 -6.47 19.95 -6.04
N LYS A 224 -5.86 19.46 -4.95
CA LYS A 224 -5.46 20.35 -3.85
C LYS A 224 -4.05 20.92 -4.05
N ASN A 225 -3.31 20.43 -5.05
CA ASN A 225 -1.94 20.85 -5.29
C ASN A 225 -1.72 21.78 -6.51
N TYR A 226 -2.80 22.03 -7.25
CA TYR A 226 -2.76 22.92 -8.43
C TYR A 226 -3.86 23.98 -8.39
N ASP A 227 -3.65 25.03 -9.17
CA ASP A 227 -4.63 26.11 -9.31
C ASP A 227 -5.63 25.78 -10.41
N ILE A 228 -5.19 24.98 -11.39
CA ILE A 228 -6.03 24.63 -12.51
C ILE A 228 -5.69 23.27 -13.07
N LEU A 229 -6.73 22.49 -13.32
CA LEU A 229 -6.60 21.16 -13.93
C LEU A 229 -7.23 21.21 -15.32
N HIS A 230 -6.55 20.62 -16.30
CA HIS A 230 -7.05 20.55 -17.66
C HIS A 230 -7.44 19.10 -17.94
N ILE A 231 -8.73 18.79 -17.82
CA ILE A 231 -9.19 17.43 -18.05
C ILE A 231 -9.37 17.21 -19.56
N GLU A 232 -8.63 16.24 -20.11
CA GLU A 232 -8.73 15.89 -21.53
C GLU A 232 -10.13 15.36 -21.82
N GLY A 233 -10.74 15.91 -22.87
CA GLY A 233 -12.06 15.50 -23.30
C GLY A 233 -12.03 14.18 -24.05
N GLN A 234 -13.18 13.50 -24.04
CA GLN A 234 -13.38 12.25 -24.78
C GLN A 234 -14.79 12.23 -25.32
N GLY A 235 -14.94 11.60 -26.47
CA GLY A 235 -16.23 11.41 -27.06
C GLY A 235 -16.92 12.67 -27.52
N SER A 236 -18.23 12.56 -27.61
CA SER A 236 -19.09 13.66 -27.98
C SER A 236 -20.52 13.26 -27.74
N LEU A 237 -21.31 14.15 -27.17
CA LEU A 237 -22.74 13.90 -26.98
C LEU A 237 -23.50 13.84 -28.31
N LEU A 238 -22.88 14.28 -29.40
CA LEU A 238 -23.47 14.24 -30.74
C LEU A 238 -23.13 12.93 -31.49
N HIS A 239 -22.21 12.14 -30.95
CA HIS A 239 -21.81 10.90 -31.59
C HIS A 239 -22.71 9.79 -31.04
N PRO A 240 -23.38 9.04 -31.93
CA PRO A 240 -24.35 8.03 -31.49
C PRO A 240 -23.83 6.83 -30.69
N GLY A 241 -22.53 6.58 -30.72
CA GLY A 241 -21.92 5.47 -29.94
C GLY A 241 -21.12 5.90 -28.73
N SER A 242 -21.10 7.20 -28.45
CA SER A 242 -20.25 7.73 -27.40
C SER A 242 -20.91 7.86 -26.02
N THR A 243 -20.17 7.40 -25.00
CA THR A 243 -20.57 7.46 -23.59
C THR A 243 -19.68 8.34 -22.71
N ALA A 244 -18.38 8.35 -23.00
CA ALA A 244 -17.37 8.98 -22.15
C ALA A 244 -17.56 10.41 -21.68
N THR A 245 -18.23 11.25 -22.46
CA THR A 245 -18.34 12.64 -22.04
C THR A 245 -19.06 12.84 -20.70
N LEU A 246 -20.05 11.99 -20.41
CA LEU A 246 -20.85 12.10 -19.19
C LEU A 246 -20.05 11.84 -17.92
N PRO A 247 -19.40 10.66 -17.83
CA PRO A 247 -18.56 10.45 -16.66
C PRO A 247 -17.48 11.51 -16.50
N LEU A 248 -16.96 12.07 -17.58
CA LEU A 248 -15.97 13.16 -17.46
C LEU A 248 -16.60 14.37 -16.77
N ILE A 249 -17.78 14.75 -17.21
CA ILE A 249 -18.48 15.88 -16.61
C ILE A 249 -18.84 15.52 -15.14
N ARG A 250 -19.45 14.37 -14.92
CA ARG A 250 -19.87 14.01 -13.57
C ARG A 250 -18.75 13.89 -12.57
N GLY A 251 -17.67 13.18 -12.92
CA GLY A 251 -16.54 12.97 -12.05
C GLY A 251 -15.67 14.18 -11.74
N SER A 252 -15.50 15.06 -12.71
CA SER A 252 -14.66 16.22 -12.52
C SER A 252 -15.40 17.46 -11.99
N GLN A 253 -16.74 17.49 -12.07
CA GLN A 253 -17.50 18.63 -11.59
C GLN A 253 -16.87 19.93 -12.13
N PRO A 254 -16.76 20.05 -13.46
CA PRO A 254 -16.00 21.13 -14.05
C PRO A 254 -16.52 22.53 -13.73
N THR A 255 -15.60 23.48 -13.71
CA THR A 255 -15.92 24.88 -13.47
C THR A 255 -16.14 25.61 -14.81
N GLN A 256 -15.44 25.18 -15.85
CA GLN A 256 -15.59 25.76 -17.17
C GLN A 256 -15.46 24.67 -18.21
N LEU A 257 -16.16 24.84 -19.33
CA LEU A 257 -16.06 23.96 -20.48
C LEU A 257 -15.52 24.78 -21.64
N VAL A 258 -14.74 24.12 -22.50
CA VAL A 258 -14.24 24.71 -23.73
C VAL A 258 -14.71 23.79 -24.83
N LEU A 259 -15.53 24.29 -25.73
CA LEU A 259 -16.07 23.47 -26.82
C LEU A 259 -15.14 23.43 -28.03
N VAL A 260 -14.86 22.21 -28.50
CA VAL A 260 -14.02 22.04 -29.67
C VAL A 260 -14.88 21.65 -30.89
N HIS A 261 -14.56 22.21 -32.04
CA HIS A 261 -15.30 21.96 -33.26
C HIS A 261 -14.43 22.16 -34.48
N ARG A 262 -14.53 21.24 -35.45
CA ARG A 262 -13.80 21.38 -36.72
C ARG A 262 -14.61 22.28 -37.62
N ALA A 263 -13.98 23.34 -38.12
CA ALA A 263 -14.65 24.31 -38.98
C ALA A 263 -15.25 23.66 -40.23
N GLY A 264 -16.52 23.98 -40.51
CA GLY A 264 -17.19 23.46 -41.70
C GLY A 264 -17.79 22.07 -41.57
N GLN A 265 -17.59 21.39 -40.43
CA GLN A 265 -18.14 20.05 -40.28
C GLN A 265 -19.61 20.16 -39.92
N THR A 266 -20.45 19.56 -40.76
CA THR A 266 -21.90 19.61 -40.61
C THR A 266 -22.48 18.31 -40.05
N HIS A 267 -21.78 17.19 -40.24
CA HIS A 267 -22.27 15.89 -39.78
C HIS A 267 -21.17 15.10 -39.10
N ASN A 268 -21.59 14.07 -38.35
CA ASN A 268 -20.71 13.14 -37.65
C ASN A 268 -19.82 12.41 -38.66
N GLY A 269 -18.56 12.19 -38.28
CA GLY A 269 -17.59 11.53 -39.16
C GLY A 269 -17.86 10.05 -39.42
N ASN A 270 -17.98 9.27 -38.36
CA ASN A 270 -18.28 7.84 -38.46
C ASN A 270 -19.68 7.52 -38.97
N ASN A 271 -20.64 8.40 -38.68
CA ASN A 271 -22.05 8.19 -39.04
C ASN A 271 -22.60 9.42 -39.75
N PRO A 272 -22.28 9.59 -41.05
CA PRO A 272 -22.68 10.74 -41.88
C PRO A 272 -24.15 11.16 -41.82
N HIS A 273 -25.05 10.24 -41.49
CA HIS A 273 -26.46 10.57 -41.36
C HIS A 273 -26.74 11.47 -40.15
N VAL A 274 -25.88 11.47 -39.14
CA VAL A 274 -26.10 12.23 -37.92
C VAL A 274 -25.50 13.65 -38.04
N PRO A 275 -26.36 14.69 -38.03
CA PRO A 275 -25.85 16.06 -38.15
C PRO A 275 -25.34 16.70 -36.86
N ILE A 276 -24.49 17.70 -37.03
CA ILE A 276 -23.96 18.51 -35.95
C ILE A 276 -24.82 19.77 -35.90
N PRO A 277 -25.61 19.96 -34.83
CA PRO A 277 -26.48 21.14 -34.78
C PRO A 277 -25.73 22.48 -34.67
N PRO A 278 -26.44 23.61 -34.83
CA PRO A 278 -25.78 24.90 -34.69
C PRO A 278 -25.09 24.97 -33.32
N LEU A 279 -23.94 25.61 -33.26
CA LEU A 279 -23.16 25.62 -32.03
C LEU A 279 -23.89 26.11 -30.78
N PRO A 280 -24.73 27.15 -30.89
CA PRO A 280 -25.48 27.52 -29.69
C PRO A 280 -26.36 26.37 -29.15
N GLU A 281 -26.87 25.50 -30.03
CA GLU A 281 -27.62 24.35 -29.60
C GLU A 281 -26.71 23.31 -28.93
N VAL A 282 -25.48 23.18 -29.43
CA VAL A 282 -24.52 22.23 -28.85
C VAL A 282 -24.09 22.73 -27.46
N ILE A 283 -23.92 24.04 -27.34
CA ILE A 283 -23.59 24.68 -26.09
C ILE A 283 -24.68 24.44 -25.05
N ARG A 284 -25.94 24.57 -25.45
CA ARG A 284 -27.07 24.40 -24.55
C ARG A 284 -27.11 22.95 -24.04
N LEU A 285 -26.89 22.02 -24.98
CA LEU A 285 -26.84 20.62 -24.65
C LEU A 285 -25.80 20.36 -23.57
N TYR A 286 -24.56 20.80 -23.83
CA TYR A 286 -23.49 20.59 -22.87
C TYR A 286 -23.72 21.26 -21.54
N GLU A 287 -24.22 22.50 -21.57
CA GLU A 287 -24.48 23.23 -20.34
C GLU A 287 -25.61 22.60 -19.54
N THR A 288 -26.60 22.06 -20.24
CA THR A 288 -27.74 21.43 -19.60
C THR A 288 -27.26 20.15 -18.92
N VAL A 289 -26.50 19.33 -19.65
CA VAL A 289 -25.96 18.10 -19.08
C VAL A 289 -25.07 18.41 -17.89
N ALA A 290 -24.22 19.43 -18.00
CA ALA A 290 -23.33 19.81 -16.91
C ALA A 290 -24.05 20.27 -15.64
N SER A 291 -25.12 21.07 -15.78
CA SER A 291 -25.88 21.53 -14.62
C SER A 291 -26.87 20.47 -14.11
N GLY A 292 -27.17 19.45 -14.93
CA GLY A 292 -28.17 18.43 -14.57
C GLY A 292 -29.57 19.04 -14.38
N GLY A 293 -29.83 20.16 -15.02
CA GLY A 293 -31.07 20.88 -14.91
C GLY A 293 -31.25 21.52 -13.56
N GLY A 294 -30.15 21.70 -12.81
CA GLY A 294 -30.21 22.26 -11.47
C GLY A 294 -29.63 21.37 -10.39
N ALA A 295 -29.30 20.13 -10.70
CA ALA A 295 -28.73 19.24 -9.68
C ALA A 295 -27.28 19.62 -9.32
N PHE A 296 -26.59 20.22 -10.29
CA PHE A 296 -25.21 20.64 -10.14
C PHE A 296 -25.10 22.10 -10.50
N GLY A 297 -24.01 22.72 -10.11
CA GLY A 297 -23.83 24.13 -10.42
C GLY A 297 -23.78 24.38 -11.91
N THR A 298 -24.08 25.62 -12.26
CA THR A 298 -24.02 26.09 -13.62
C THR A 298 -22.57 26.06 -14.07
N VAL A 299 -22.34 25.42 -15.22
CA VAL A 299 -21.01 25.31 -15.82
C VAL A 299 -21.13 25.87 -17.25
N PRO A 300 -20.47 27.00 -17.51
CA PRO A 300 -20.53 27.59 -18.84
C PRO A 300 -19.51 27.06 -19.86
N VAL A 301 -19.90 27.07 -21.12
CA VAL A 301 -18.97 26.88 -22.21
C VAL A 301 -18.48 28.32 -22.37
N VAL A 302 -17.21 28.57 -22.01
CA VAL A 302 -16.64 29.93 -22.01
C VAL A 302 -16.00 30.36 -23.33
N GLY A 303 -15.68 29.40 -24.18
CA GLY A 303 -15.09 29.71 -25.46
C GLY A 303 -15.11 28.52 -26.39
N ILE A 304 -14.77 28.78 -27.66
CA ILE A 304 -14.76 27.77 -28.71
C ILE A 304 -13.38 27.62 -29.36
N ALA A 305 -12.83 26.42 -29.25
CA ALA A 305 -11.55 26.08 -29.89
C ALA A 305 -11.89 25.52 -31.26
N LEU A 306 -11.61 26.31 -32.30
CA LEU A 306 -11.95 25.91 -33.64
C LEU A 306 -10.78 25.23 -34.33
N ASN A 307 -11.00 24.04 -34.87
CA ASN A 307 -9.97 23.35 -35.65
C ASN A 307 -10.10 23.81 -37.10
N THR A 308 -9.21 24.73 -37.50
CA THR A 308 -9.20 25.29 -38.85
C THR A 308 -8.07 24.74 -39.71
N ALA A 309 -7.37 23.71 -39.23
CA ALA A 309 -6.21 23.11 -39.90
C ALA A 309 -6.34 22.96 -41.42
N HIS A 310 -7.41 22.30 -41.85
CA HIS A 310 -7.69 22.05 -43.27
C HIS A 310 -7.89 23.29 -44.17
N LEU A 311 -7.98 24.47 -43.57
CA LEU A 311 -8.21 25.72 -44.32
C LEU A 311 -6.98 26.60 -44.39
N ASP A 312 -6.94 27.53 -45.36
CA ASP A 312 -5.84 28.50 -45.45
C ASP A 312 -6.07 29.54 -44.34
N GLU A 313 -5.07 30.37 -44.06
CA GLU A 313 -5.17 31.34 -42.97
C GLU A 313 -6.34 32.32 -43.10
N TYR A 314 -6.58 32.82 -44.31
CA TYR A 314 -7.68 33.76 -44.53
C TYR A 314 -9.03 33.14 -44.21
N ALA A 315 -9.24 31.91 -44.67
CA ALA A 315 -10.49 31.20 -44.44
C ALA A 315 -10.64 30.79 -42.97
N ALA A 316 -9.52 30.55 -42.29
CA ALA A 316 -9.51 30.20 -40.87
C ALA A 316 -9.91 31.41 -40.04
N LYS A 317 -9.32 32.57 -40.33
CA LYS A 317 -9.64 33.79 -39.60
C LYS A 317 -11.11 34.17 -39.76
N GLU A 318 -11.61 33.99 -40.97
CA GLU A 318 -13.00 34.28 -41.30
C GLU A 318 -13.96 33.27 -40.65
N ALA A 319 -13.57 32.00 -40.65
CA ALA A 319 -14.36 30.95 -39.99
C ALA A 319 -14.46 31.24 -38.49
N ILE A 320 -13.35 31.67 -37.89
CA ILE A 320 -13.31 32.09 -36.49
C ILE A 320 -14.30 33.23 -36.25
N ALA A 321 -14.27 34.23 -37.11
CA ALA A 321 -15.16 35.39 -37.02
C ALA A 321 -16.64 35.02 -37.14
N HIS A 322 -16.96 34.06 -38.00
CA HIS A 322 -18.33 33.57 -38.16
C HIS A 322 -18.83 32.88 -36.90
N THR A 323 -17.94 32.14 -36.25
CA THR A 323 -18.25 31.43 -35.03
C THR A 323 -18.54 32.41 -33.89
N ILE A 324 -17.77 33.50 -33.86
CA ILE A 324 -17.94 34.55 -32.86
C ILE A 324 -19.28 35.24 -33.11
N ALA A 325 -19.55 35.61 -34.36
CA ALA A 325 -20.82 36.22 -34.73
C ALA A 325 -22.01 35.35 -34.38
N GLU A 326 -21.87 34.03 -34.61
CA GLU A 326 -22.95 33.09 -34.36
C GLU A 326 -23.15 32.72 -32.88
N THR A 327 -22.07 32.68 -32.09
CA THR A 327 -22.16 32.30 -30.67
C THR A 327 -21.99 33.43 -29.66
N GLY A 328 -21.27 34.48 -30.04
CA GLY A 328 -20.98 35.59 -29.13
C GLY A 328 -19.93 35.25 -28.09
N LEU A 329 -19.24 34.13 -28.25
CA LEU A 329 -18.22 33.69 -27.31
C LEU A 329 -16.81 33.92 -27.88
N PRO A 330 -15.81 34.06 -26.99
CA PRO A 330 -14.41 34.11 -27.44
C PRO A 330 -14.09 32.84 -28.24
N CYS A 331 -13.34 33.00 -29.32
CA CYS A 331 -13.00 31.88 -30.17
C CYS A 331 -11.72 32.10 -30.95
N THR A 332 -10.96 31.01 -31.11
CA THR A 332 -9.78 31.02 -31.95
C THR A 332 -9.41 29.56 -32.19
N ASP A 333 -8.36 29.35 -32.97
CA ASP A 333 -7.75 28.05 -33.16
C ASP A 333 -6.50 28.18 -32.27
N VAL A 334 -6.46 27.39 -31.21
CA VAL A 334 -5.36 27.46 -30.22
C VAL A 334 -4.06 26.85 -30.73
N VAL A 335 -4.16 25.80 -31.55
CA VAL A 335 -3.01 25.14 -32.13
C VAL A 335 -2.37 26.02 -33.22
N ARG A 336 -3.14 27.00 -33.71
CA ARG A 336 -2.69 27.84 -34.80
C ARG A 336 -2.46 29.32 -34.47
N PHE A 337 -3.17 29.87 -33.48
CA PHE A 337 -3.03 31.29 -33.14
C PHE A 337 -2.78 31.57 -31.65
N GLY A 338 -2.45 30.53 -30.88
CA GLY A 338 -2.19 30.69 -29.44
C GLY A 338 -3.43 30.39 -28.63
N ALA A 339 -3.22 29.91 -27.41
CA ALA A 339 -4.32 29.52 -26.52
C ALA A 339 -4.77 30.63 -25.59
N ASP A 340 -4.06 31.74 -25.62
CA ASP A 340 -4.31 32.87 -24.71
C ASP A 340 -5.75 33.41 -24.76
N VAL A 341 -6.33 33.48 -25.95
CA VAL A 341 -7.72 33.92 -26.12
C VAL A 341 -8.61 33.13 -25.17
N LEU A 342 -8.59 31.80 -25.31
CA LEU A 342 -9.42 30.89 -24.48
C LEU A 342 -8.98 30.76 -23.02
N LEU A 343 -7.69 30.84 -22.73
CA LEU A 343 -7.22 30.81 -21.34
C LEU A 343 -7.76 32.03 -20.59
N ASP A 344 -7.80 33.17 -21.27
CA ASP A 344 -8.37 34.36 -20.65
C ASP A 344 -9.87 34.21 -20.43
N ALA A 345 -10.57 33.63 -21.40
CA ALA A 345 -12.00 33.35 -21.25
C ALA A 345 -12.23 32.43 -20.03
N VAL A 346 -11.35 31.46 -19.82
CA VAL A 346 -11.45 30.58 -18.66
C VAL A 346 -11.20 31.35 -17.36
N GLN A 348 -11.35 34.55 -16.57
CA GLN A 348 -12.21 35.65 -16.14
C GLN A 348 -13.63 35.19 -15.74
N ASN A 349 -13.92 33.91 -15.92
CA ASN A 349 -15.21 33.36 -15.52
C ASN A 349 -15.25 33.10 -14.01
N ASN B 7 -36.27 -23.59 -14.25
CA ASN B 7 -36.88 -24.82 -13.65
C ASN B 7 -36.24 -25.27 -12.32
N GLN B 8 -35.03 -24.79 -12.02
CA GLN B 8 -34.30 -25.19 -10.80
C GLN B 8 -34.81 -24.52 -9.53
N ARG B 9 -34.87 -25.29 -8.45
CA ARG B 9 -35.35 -24.77 -7.17
C ARG B 9 -34.32 -23.81 -6.65
N VAL B 10 -34.78 -22.65 -6.21
CA VAL B 10 -33.91 -21.56 -5.79
C VAL B 10 -33.97 -21.24 -4.30
N ALA B 11 -32.78 -21.00 -3.74
CA ALA B 11 -32.64 -20.49 -2.40
C ALA B 11 -31.99 -19.11 -2.63
N ILE B 12 -32.52 -18.07 -2.00
CA ILE B 12 -31.96 -16.73 -2.15
C ILE B 12 -31.18 -16.35 -0.90
N LEU B 13 -29.89 -16.05 -1.07
CA LEU B 13 -29.06 -15.60 0.04
C LEU B 13 -29.53 -14.16 0.26
N LEU B 14 -30.11 -13.89 1.43
CA LEU B 14 -30.70 -12.58 1.67
C LEU B 14 -30.51 -12.09 3.11
N HIS B 15 -29.35 -12.41 3.71
CA HIS B 15 -29.05 -11.99 5.09
C HIS B 15 -29.06 -10.49 5.24
N GLU B 16 -29.89 -9.99 6.16
CA GLU B 16 -30.06 -8.54 6.43
C GLU B 16 -30.76 -7.74 5.32
N GLY B 17 -31.11 -8.38 4.20
CA GLY B 17 -31.76 -7.69 3.11
C GLY B 17 -33.26 -7.86 2.99
N THR B 18 -33.88 -8.77 3.75
CA THR B 18 -35.34 -8.95 3.62
C THR B 18 -36.07 -7.70 4.08
N THR B 19 -35.72 -7.19 5.26
CA THR B 19 -36.31 -5.96 5.81
C THR B 19 -35.32 -4.80 5.90
N GLY B 20 -34.07 -5.04 5.49
CA GLY B 20 -33.05 -4.00 5.54
C GLY B 20 -32.98 -3.28 4.21
N THR B 21 -31.81 -2.72 3.92
CA THR B 21 -31.57 -1.96 2.68
C THR B 21 -30.69 -2.63 1.61
N ILE B 22 -29.95 -3.68 1.96
CA ILE B 22 -29.01 -4.35 1.02
C ILE B 22 -29.56 -5.50 0.14
N GLY B 23 -30.84 -5.87 0.33
CA GLY B 23 -31.45 -6.97 -0.43
C GLY B 23 -32.30 -6.61 -1.65
N LYS B 24 -32.05 -5.46 -2.29
CA LYS B 24 -32.85 -5.03 -3.44
C LYS B 24 -33.00 -6.10 -4.52
N THR B 25 -31.93 -6.81 -4.80
CA THR B 25 -31.94 -7.86 -5.82
C THR B 25 -32.82 -9.03 -5.37
N GLY B 26 -32.58 -9.52 -4.16
CA GLY B 26 -33.37 -10.61 -3.61
C GLY B 26 -34.85 -10.32 -3.55
N LEU B 27 -35.23 -9.14 -3.08
CA LEU B 27 -36.65 -8.77 -3.02
C LEU B 27 -37.25 -8.62 -4.41
N ALA B 28 -36.45 -8.15 -5.37
CA ALA B 28 -36.96 -8.02 -6.73
C ALA B 28 -37.27 -9.41 -7.28
N LEU B 29 -36.36 -10.36 -7.06
CA LEU B 29 -36.58 -11.74 -7.49
C LEU B 29 -37.82 -12.34 -6.82
N LEU B 30 -37.96 -12.13 -5.51
CA LEU B 30 -39.14 -12.61 -4.80
C LEU B 30 -40.42 -11.97 -5.34
N ARG B 31 -40.33 -10.71 -5.78
CA ARG B 31 -41.50 -10.02 -6.31
C ARG B 31 -41.84 -10.44 -7.74
N TYR B 32 -40.83 -10.77 -8.55
CA TYR B 32 -41.10 -11.04 -9.96
C TYR B 32 -40.73 -12.41 -10.54
N SER B 33 -39.83 -13.18 -9.93
CA SER B 33 -39.39 -14.44 -10.53
C SER B 33 -40.44 -15.55 -10.56
N GLU B 34 -40.63 -16.15 -11.73
CA GLU B 34 -41.55 -17.28 -11.90
C GLU B 34 -40.87 -18.59 -11.50
N ALA B 35 -39.59 -18.54 -11.13
CA ALA B 35 -38.85 -19.73 -10.72
C ALA B 35 -39.41 -20.27 -9.42
N PRO B 36 -39.27 -21.59 -9.19
CA PRO B 36 -39.73 -22.14 -7.92
C PRO B 36 -38.75 -21.80 -6.78
N ILE B 37 -39.01 -20.69 -6.08
CA ILE B 37 -38.16 -20.27 -4.97
C ILE B 37 -38.64 -20.99 -3.71
N VAL B 38 -37.81 -21.92 -3.23
CA VAL B 38 -38.12 -22.78 -2.07
C VAL B 38 -37.62 -22.28 -0.72
N ALA B 39 -36.75 -21.28 -0.71
CA ALA B 39 -36.28 -20.71 0.55
C ALA B 39 -35.66 -19.33 0.37
N VAL B 40 -35.82 -18.52 1.40
CA VAL B 40 -35.22 -17.21 1.55
C VAL B 40 -34.32 -17.36 2.76
N ILE B 41 -33.04 -17.03 2.60
CA ILE B 41 -32.06 -17.20 3.66
C ILE B 41 -31.75 -15.85 4.29
N ASP B 42 -32.22 -15.65 5.52
CA ASP B 42 -31.96 -14.42 6.26
C ASP B 42 -32.07 -14.72 7.77
N ARG B 43 -30.92 -14.71 8.45
CA ARG B 43 -30.81 -14.97 9.88
C ARG B 43 -31.60 -13.98 10.78
N ASN B 44 -31.80 -12.77 10.29
CA ASN B 44 -32.60 -11.77 10.98
C ASN B 44 -34.12 -12.01 10.90
N CYS B 45 -34.57 -12.82 9.94
CA CYS B 45 -36.00 -13.04 9.68
C CYS B 45 -36.47 -14.50 9.72
N ALA B 46 -35.64 -15.41 10.20
CA ALA B 46 -35.98 -16.82 10.20
C ALA B 46 -37.34 -17.10 10.87
N GLY B 47 -38.20 -17.83 10.15
CA GLY B 47 -39.53 -18.18 10.66
C GLY B 47 -40.62 -17.12 10.47
N GLN B 48 -40.27 -15.94 9.96
CA GLN B 48 -41.26 -14.87 9.76
C GLN B 48 -42.01 -14.98 8.42
N SER B 49 -43.11 -14.24 8.32
CA SER B 49 -43.94 -14.20 7.11
C SER B 49 -43.36 -13.22 6.09
N LEU B 50 -43.03 -13.73 4.91
CA LEU B 50 -42.50 -12.87 3.84
C LEU B 50 -43.47 -11.72 3.52
N ARG B 51 -44.76 -12.04 3.37
CA ARG B 51 -45.79 -11.04 3.06
C ARG B 51 -45.86 -9.93 4.10
N GLU B 52 -45.93 -10.28 5.38
CA GLU B 52 -46.07 -9.27 6.43
C GLU B 52 -44.89 -8.32 6.53
N ILE B 53 -43.68 -8.83 6.39
CA ILE B 53 -42.48 -8.01 6.55
C ILE B 53 -41.97 -7.29 5.28
N THR B 54 -42.37 -7.78 4.09
CA THR B 54 -42.00 -7.16 2.81
C THR B 54 -43.17 -6.54 2.03
N GLY B 55 -44.37 -7.10 2.16
CA GLY B 55 -45.52 -6.65 1.38
C GLY B 55 -45.63 -7.35 0.02
N ILE B 56 -44.77 -8.34 -0.23
CA ILE B 56 -44.80 -9.12 -1.47
C ILE B 56 -45.80 -10.26 -1.27
N TYR B 57 -46.72 -10.45 -2.21
CA TYR B 57 -47.75 -11.49 -2.09
C TYR B 57 -47.28 -12.84 -2.59
N ARG B 58 -46.49 -13.48 -1.74
CA ARG B 58 -45.90 -14.76 -2.04
C ARG B 58 -45.44 -15.39 -0.76
N TYR B 59 -45.58 -16.71 -0.69
CA TYR B 59 -45.07 -17.42 0.46
C TYR B 59 -43.79 -18.16 0.07
N VAL B 60 -42.75 -17.93 0.87
CA VAL B 60 -41.49 -18.66 0.80
C VAL B 60 -41.01 -18.74 2.24
N PRO B 61 -40.69 -19.95 2.73
CA PRO B 61 -40.17 -19.99 4.10
C PRO B 61 -38.86 -19.23 4.23
N ILE B 62 -38.71 -18.51 5.33
CA ILE B 62 -37.46 -17.80 5.62
C ILE B 62 -36.71 -18.66 6.62
N VAL B 63 -35.46 -18.98 6.29
CA VAL B 63 -34.63 -19.84 7.14
C VAL B 63 -33.33 -19.13 7.56
N LYS B 64 -32.74 -19.60 8.63
CA LYS B 64 -31.56 -18.93 9.20
C LYS B 64 -30.27 -19.02 8.39
N SER B 65 -30.15 -20.02 7.52
CA SER B 65 -28.91 -20.25 6.80
C SER B 65 -29.08 -21.21 5.65
N VAL B 66 -28.02 -21.32 4.84
CA VAL B 66 -27.98 -22.23 3.70
C VAL B 66 -28.21 -23.65 4.17
N GLU B 67 -27.62 -23.99 5.32
CA GLU B 67 -27.77 -25.32 5.91
C GLU B 67 -29.25 -25.61 6.21
N ALA B 68 -29.95 -24.62 6.80
CA ALA B 68 -31.37 -24.75 7.13
C ALA B 68 -32.23 -24.77 5.84
N ALA B 69 -31.72 -24.15 4.79
CA ALA B 69 -32.38 -24.16 3.48
C ALA B 69 -32.33 -25.54 2.80
N LEU B 70 -31.33 -26.35 3.10
CA LEU B 70 -31.16 -27.66 2.45
C LEU B 70 -32.38 -28.56 2.58
N GLU B 71 -33.10 -28.40 3.68
CA GLU B 71 -34.33 -29.13 3.97
C GLU B 71 -35.34 -29.01 2.83
N TYR B 72 -35.31 -27.88 2.12
CA TYR B 72 -36.22 -27.59 1.01
C TYR B 72 -35.67 -28.01 -0.35
N LYS B 73 -34.49 -28.64 -0.34
CA LYS B 73 -33.82 -29.17 -1.52
C LYS B 73 -33.60 -28.15 -2.66
N PRO B 74 -32.99 -26.98 -2.35
CA PRO B 74 -32.71 -26.03 -3.43
C PRO B 74 -31.55 -26.54 -4.29
N GLN B 75 -31.60 -26.17 -5.56
CA GLN B 75 -30.59 -26.58 -6.52
C GLN B 75 -29.62 -25.44 -6.85
N VAL B 76 -30.05 -24.20 -6.59
CA VAL B 76 -29.25 -23.01 -6.90
C VAL B 76 -29.32 -21.97 -5.77
N LEU B 77 -28.18 -21.42 -5.40
CA LEU B 77 -28.14 -20.34 -4.42
C LEU B 77 -27.94 -19.08 -5.24
N VAL B 78 -28.87 -18.14 -5.11
CA VAL B 78 -28.81 -16.86 -5.82
C VAL B 78 -28.47 -15.77 -4.82
N ILE B 79 -27.38 -15.04 -5.06
CA ILE B 79 -26.98 -13.94 -4.19
C ILE B 79 -27.99 -12.78 -4.37
N GLY B 80 -28.73 -12.51 -3.30
CA GLY B 80 -29.73 -11.46 -3.31
C GLY B 80 -29.37 -10.26 -2.45
N ILE B 81 -28.13 -10.19 -2.00
CA ILE B 81 -27.64 -9.06 -1.18
C ILE B 81 -26.33 -8.54 -1.69
N ALA B 82 -26.04 -7.29 -1.37
CA ALA B 82 -24.80 -6.66 -1.79
C ALA B 82 -24.41 -5.64 -0.74
N PRO B 83 -23.13 -5.68 -0.29
CA PRO B 83 -22.73 -4.71 0.72
C PRO B 83 -22.63 -3.31 0.11
N LYS B 84 -22.89 -2.28 0.90
CA LYS B 84 -22.73 -0.90 0.41
C LYS B 84 -21.27 -0.78 0.00
N GLY B 85 -21.03 -0.78 -1.32
CA GLY B 85 -19.70 -0.73 -1.96
C GLY B 85 -18.58 -1.47 -1.25
N GLY B 86 -18.75 -2.78 -1.03
CA GLY B 86 -17.78 -3.56 -0.25
C GLY B 86 -17.34 -4.93 -0.73
N GLY B 87 -17.10 -5.06 -2.04
CA GLY B 87 -16.63 -6.33 -2.65
C GLY B 87 -17.40 -7.58 -2.21
N ILE B 88 -16.70 -8.49 -1.52
CA ILE B 88 -17.31 -9.70 -0.98
C ILE B 88 -17.08 -9.69 0.52
N PRO B 89 -18.14 -9.48 1.32
CA PRO B 89 -17.94 -9.52 2.78
C PRO B 89 -17.44 -10.89 3.24
N ASP B 90 -16.67 -10.90 4.33
CA ASP B 90 -16.07 -12.12 4.84
C ASP B 90 -17.07 -13.18 5.27
N ASP B 91 -18.27 -12.77 5.71
CA ASP B 91 -19.28 -13.73 6.17
C ASP B 91 -20.04 -14.46 5.04
N TYR B 92 -19.88 -14.01 3.80
CA TYR B 92 -20.54 -14.64 2.65
C TYR B 92 -19.94 -16.00 2.29
N TRP B 93 -18.62 -16.10 2.35
CA TRP B 93 -17.88 -17.31 1.95
C TRP B 93 -18.40 -18.62 2.54
N ILE B 94 -18.68 -18.63 3.83
CA ILE B 94 -19.21 -19.82 4.50
C ILE B 94 -20.49 -20.30 3.81
N GLU B 95 -21.40 -19.35 3.56
CA GLU B 95 -22.69 -19.67 2.92
C GLU B 95 -22.51 -20.15 1.49
N LEU B 96 -21.59 -19.52 0.76
CA LEU B 96 -21.29 -19.89 -0.61
C LEU B 96 -20.71 -21.31 -0.66
N LYS B 97 -19.69 -21.54 0.16
CA LYS B 97 -19.02 -22.86 0.21
C LYS B 97 -19.96 -23.98 0.63
N THR B 98 -20.85 -23.70 1.57
CA THR B 98 -21.84 -24.67 2.04
C THR B 98 -22.79 -25.10 0.92
N ALA B 99 -23.21 -24.13 0.10
CA ALA B 99 -24.06 -24.42 -1.04
C ALA B 99 -23.29 -25.31 -2.04
N LEU B 100 -22.03 -24.96 -2.29
CA LEU B 100 -21.22 -25.71 -3.25
C LEU B 100 -20.99 -27.16 -2.82
N GLN B 101 -20.65 -27.36 -1.55
CA GLN B 101 -20.47 -28.71 -1.02
C GLN B 101 -21.75 -29.53 -1.01
N ALA B 102 -22.92 -28.87 -1.00
CA ALA B 102 -24.21 -29.55 -1.08
C ALA B 102 -24.65 -29.92 -2.52
N GLY B 103 -23.79 -29.68 -3.52
CA GLY B 103 -24.13 -29.98 -4.92
C GLY B 103 -24.97 -28.93 -5.62
N SER B 105 -25.62 -25.07 -7.54
CA SER B 105 -25.01 -24.10 -8.44
C SER B 105 -25.12 -22.74 -7.78
N LEU B 106 -24.42 -21.76 -8.32
CA LEU B 106 -24.37 -20.41 -7.74
C LEU B 106 -24.65 -19.32 -8.77
N VAL B 107 -25.56 -18.41 -8.43
CA VAL B 107 -25.85 -17.27 -9.29
C VAL B 107 -25.38 -16.01 -8.55
N ASN B 108 -24.43 -15.31 -9.20
CA ASN B 108 -23.77 -14.13 -8.67
C ASN B 108 -23.98 -12.87 -9.52
N GLY B 109 -24.69 -11.89 -8.96
CA GLY B 109 -24.93 -10.63 -9.63
C GLY B 109 -23.98 -9.52 -9.23
N LEU B 110 -23.08 -9.79 -8.30
CA LEU B 110 -22.15 -8.79 -7.82
C LEU B 110 -21.11 -8.49 -8.87
N HIS B 111 -20.46 -7.33 -8.75
CA HIS B 111 -19.41 -6.93 -9.69
C HIS B 111 -18.22 -7.88 -9.64
N THR B 112 -17.88 -8.36 -8.44
CA THR B 112 -16.74 -9.27 -8.26
C THR B 112 -17.10 -10.67 -8.79
N PRO B 113 -16.34 -11.16 -9.79
CA PRO B 113 -16.62 -12.49 -10.35
C PRO B 113 -16.17 -13.64 -9.45
N LEU B 114 -17.02 -14.66 -9.29
CA LEU B 114 -16.77 -15.80 -8.43
C LEU B 114 -16.49 -17.15 -9.13
N ALA B 115 -16.65 -17.20 -10.45
CA ALA B 115 -16.48 -18.43 -11.22
C ALA B 115 -15.05 -18.97 -11.30
N ASN B 116 -14.06 -18.10 -11.15
CA ASN B 116 -12.65 -18.51 -11.23
C ASN B 116 -11.88 -18.33 -9.93
N ILE B 117 -12.56 -18.50 -8.80
CA ILE B 117 -11.90 -18.46 -7.51
C ILE B 117 -11.62 -19.92 -7.13
N PRO B 118 -10.33 -20.30 -7.03
CA PRO B 118 -9.95 -21.70 -6.73
C PRO B 118 -10.67 -22.32 -5.54
N ASP B 119 -10.87 -21.54 -4.49
CA ASP B 119 -11.51 -22.02 -3.27
C ASP B 119 -12.96 -22.42 -3.49
N LEU B 120 -13.60 -21.84 -4.51
CA LEU B 120 -14.97 -22.17 -4.88
C LEU B 120 -14.98 -23.23 -5.98
N ASN B 121 -14.14 -23.08 -7.00
CA ASN B 121 -14.03 -24.13 -8.06
C ASN B 121 -13.78 -25.52 -7.54
N ALA B 122 -12.98 -25.64 -6.48
CA ALA B 122 -12.65 -26.93 -5.90
C ALA B 122 -13.87 -27.63 -5.31
N LEU B 123 -14.81 -26.85 -4.78
CA LEU B 123 -16.02 -27.37 -4.17
C LEU B 123 -17.18 -27.57 -5.15
N LEU B 124 -17.04 -27.02 -6.36
CA LEU B 124 -18.07 -27.12 -7.39
C LEU B 124 -18.17 -28.54 -7.97
N GLN B 125 -19.28 -29.20 -7.70
CA GLN B 125 -19.51 -30.58 -8.11
C GLN B 125 -19.84 -30.68 -9.59
N PRO B 126 -19.54 -31.84 -10.22
CA PRO B 126 -19.79 -31.99 -11.67
C PRO B 126 -21.25 -31.71 -12.03
N GLY B 127 -21.45 -31.02 -13.13
CA GLY B 127 -22.79 -30.63 -13.57
C GLY B 127 -23.21 -29.27 -13.03
N GLN B 128 -22.59 -28.82 -11.95
CA GLN B 128 -22.95 -27.52 -11.36
C GLN B 128 -22.10 -26.39 -11.95
N LEU B 129 -22.66 -25.19 -11.89
CA LEU B 129 -22.06 -24.02 -12.50
C LEU B 129 -22.10 -22.80 -11.57
N ILE B 130 -21.16 -21.87 -11.78
CA ILE B 130 -21.16 -20.57 -11.09
C ILE B 130 -21.35 -19.51 -12.19
N TRP B 131 -22.47 -18.78 -12.12
CA TRP B 131 -22.80 -17.73 -13.10
C TRP B 131 -22.57 -16.29 -12.57
N ASP B 132 -21.58 -15.63 -13.18
CA ASP B 132 -21.26 -14.24 -12.90
C ASP B 132 -22.05 -13.43 -13.91
N VAL B 133 -23.23 -13.03 -13.47
CA VAL B 133 -24.19 -12.31 -14.29
C VAL B 133 -23.62 -11.04 -14.90
N ARG B 134 -22.80 -10.30 -14.14
CA ARG B 134 -22.23 -9.07 -14.66
C ARG B 134 -21.13 -9.20 -15.71
N LYS B 135 -20.74 -10.41 -16.10
CA LYS B 135 -19.70 -10.59 -17.12
C LYS B 135 -20.15 -9.94 -18.45
N GLU B 136 -19.27 -9.16 -19.07
CA GLU B 136 -19.60 -8.43 -20.29
C GLU B 136 -19.93 -9.37 -21.45
N PRO B 137 -21.00 -9.07 -22.21
CA PRO B 137 -21.25 -9.93 -23.37
C PRO B 137 -20.08 -9.91 -24.37
N ALA B 138 -19.95 -10.99 -25.12
CA ALA B 138 -18.89 -11.10 -26.11
C ALA B 138 -19.22 -10.38 -27.42
N ASN B 139 -18.17 -10.08 -28.17
CA ASN B 139 -18.28 -9.50 -29.52
C ASN B 139 -19.02 -8.19 -29.59
N LEU B 140 -18.73 -7.29 -28.66
CA LEU B 140 -19.34 -5.98 -28.68
C LEU B 140 -18.55 -5.09 -29.62
N ASP B 141 -19.25 -4.15 -30.25
CA ASP B 141 -18.60 -3.19 -31.14
C ASP B 141 -19.11 -1.83 -30.70
N VAL B 142 -18.69 -0.78 -31.38
CA VAL B 142 -19.15 0.57 -31.08
C VAL B 142 -20.52 0.73 -31.74
N ALA B 143 -21.45 1.41 -31.05
CA ALA B 143 -22.79 1.60 -31.59
C ALA B 143 -22.80 2.69 -32.66
N SER B 144 -23.75 2.59 -33.59
CA SER B 144 -23.84 3.54 -34.72
C SER B 144 -25.24 4.13 -34.89
N GLY B 145 -26.10 4.02 -33.87
CA GLY B 145 -27.47 4.49 -33.98
C GLY B 145 -28.36 3.64 -34.89
N ALA B 146 -27.98 2.38 -35.12
CA ALA B 146 -28.70 1.46 -36.02
C ALA B 146 -30.12 1.14 -35.61
N ALA B 147 -30.44 1.30 -34.32
CA ALA B 147 -31.77 1.03 -33.80
C ALA B 147 -32.83 2.00 -34.32
N ARG B 148 -32.41 3.20 -34.78
CA ARG B 148 -33.33 4.19 -35.30
C ARG B 148 -34.09 3.68 -36.51
N THR B 149 -33.49 2.69 -37.16
CA THR B 149 -34.00 2.00 -38.34
C THR B 149 -35.15 1.00 -38.05
N LEU B 150 -35.33 0.63 -36.79
CA LEU B 150 -36.28 -0.39 -36.42
C LEU B 150 -37.73 0.09 -36.47
N PRO B 151 -38.65 -0.81 -36.87
CA PRO B 151 -40.07 -0.48 -37.03
C PRO B 151 -40.83 -0.38 -35.73
N CYS B 152 -40.37 -1.09 -34.72
CA CYS B 152 -41.01 -1.11 -33.42
C CYS B 152 -40.84 0.17 -32.63
N ARG B 153 -41.73 0.38 -31.68
CA ARG B 153 -41.56 1.47 -30.71
C ARG B 153 -40.49 1.00 -29.73
N ARG B 154 -39.73 1.95 -29.22
CA ARG B 154 -38.66 1.69 -28.27
C ARG B 154 -38.81 2.68 -27.12
N VAL B 155 -39.30 2.15 -26.00
CA VAL B 155 -39.63 2.91 -24.82
C VAL B 155 -38.62 2.63 -23.71
N LEU B 156 -37.93 3.68 -23.30
CA LEU B 156 -36.96 3.63 -22.24
C LEU B 156 -37.49 4.34 -21.00
N THR B 157 -37.41 3.67 -19.85
CA THR B 157 -37.73 4.30 -18.59
C THR B 157 -36.46 5.00 -18.16
N VAL B 158 -36.63 6.24 -17.70
CA VAL B 158 -35.54 7.08 -17.20
C VAL B 158 -35.98 7.53 -15.81
N GLY B 159 -35.05 7.97 -14.96
CA GLY B 159 -35.46 8.36 -13.60
C GLY B 159 -34.79 9.56 -12.97
N THR B 160 -35.45 10.06 -11.92
CA THR B 160 -34.91 11.19 -11.12
C THR B 160 -33.88 10.70 -10.10
N ASP B 161 -33.74 9.38 -9.95
CA ASP B 161 -32.78 8.77 -9.05
C ASP B 161 -32.75 7.27 -9.40
N ALA B 163 -33.03 3.14 -8.09
CA ALA B 163 -33.83 2.31 -7.21
C ALA B 163 -35.17 2.96 -6.88
N ILE B 164 -35.91 3.40 -7.90
CA ILE B 164 -37.21 4.05 -7.71
C ILE B 164 -38.38 3.37 -8.41
N GLY B 165 -38.12 2.28 -9.12
CA GLY B 165 -39.18 1.57 -9.85
C GLY B 165 -39.10 1.62 -11.36
N LYS B 166 -37.96 1.99 -11.93
CA LYS B 166 -37.80 2.02 -13.39
C LYS B 166 -38.08 0.65 -14.01
N SER B 168 -39.78 -1.91 -12.55
CA SER B 168 -41.19 -2.16 -12.29
C SER B 168 -42.09 -1.53 -13.36
N THR B 169 -41.80 -0.27 -13.70
CA THR B 169 -42.54 0.48 -14.71
C THR B 169 -42.42 -0.13 -16.09
N SER B 170 -41.21 -0.52 -16.48
CA SER B 170 -40.99 -1.14 -17.79
C SER B 170 -41.76 -2.46 -17.87
N LEU B 171 -41.74 -3.22 -16.77
CA LEU B 171 -42.45 -4.49 -16.71
C LEU B 171 -43.96 -4.31 -16.76
N GLU B 172 -44.49 -3.41 -15.93
CA GLU B 172 -45.93 -3.14 -15.94
C GLU B 172 -46.37 -2.65 -17.32
N LEU B 173 -45.57 -1.78 -17.96
CA LEU B 173 -45.89 -1.29 -19.31
C LEU B 173 -45.87 -2.43 -20.34
N HIS B 174 -44.97 -3.38 -20.14
CA HIS B 174 -44.88 -4.56 -21.00
C HIS B 174 -46.10 -5.48 -20.83
N TRP B 175 -46.51 -5.70 -19.59
CA TRP B 175 -47.67 -6.54 -19.33
C TRP B 175 -48.97 -5.90 -19.86
N ALA B 176 -49.06 -4.57 -19.80
CA ALA B 176 -50.25 -3.86 -20.31
C ALA B 176 -50.32 -3.94 -21.83
N ALA B 177 -49.18 -3.76 -22.50
CA ALA B 177 -49.15 -3.88 -23.97
C ALA B 177 -49.50 -5.30 -24.43
N LYS B 178 -49.04 -6.30 -23.68
CA LYS B 178 -49.34 -7.72 -23.99
C LYS B 178 -50.83 -8.01 -23.81
N LEU B 179 -51.39 -7.47 -22.74
CA LEU B 179 -52.79 -7.68 -22.41
C LEU B 179 -53.69 -7.13 -23.50
N ARG B 180 -53.25 -6.03 -24.11
CA ARG B 180 -54.02 -5.37 -25.14
C ARG B 180 -53.76 -5.86 -26.56
N GLY B 181 -52.96 -6.91 -26.70
CA GLY B 181 -52.76 -7.56 -28.00
C GLY B 181 -51.55 -7.20 -28.81
N TRP B 182 -50.67 -6.38 -28.25
CA TRP B 182 -49.44 -6.04 -28.92
C TRP B 182 -48.38 -7.12 -28.69
N ARG B 183 -47.53 -7.32 -29.69
CA ARG B 183 -46.37 -8.20 -29.54
C ARG B 183 -45.35 -7.33 -28.81
N SER B 184 -45.19 -7.59 -27.52
CA SER B 184 -44.34 -6.80 -26.62
C SER B 184 -43.17 -7.60 -26.06
N LYS B 185 -42.01 -6.94 -25.94
CA LYS B 185 -40.84 -7.55 -25.34
C LYS B 185 -40.17 -6.63 -24.32
N PHE B 186 -39.83 -7.19 -23.16
CA PHE B 186 -39.11 -6.50 -22.10
C PHE B 186 -37.63 -6.85 -22.28
N LEU B 187 -36.75 -5.84 -22.18
CA LEU B 187 -35.28 -6.03 -22.32
C LEU B 187 -34.56 -5.62 -21.06
N ALA B 188 -33.84 -6.55 -20.47
CA ALA B 188 -33.14 -6.35 -19.21
C ALA B 188 -31.79 -5.69 -19.44
N THR B 189 -31.45 -4.76 -18.55
CA THR B 189 -30.22 -3.98 -18.65
C THR B 189 -29.40 -3.93 -17.31
N GLY B 190 -29.79 -4.74 -16.32
CA GLY B 190 -29.10 -4.83 -15.04
C GLY B 190 -29.09 -6.28 -14.58
N GLN B 191 -28.28 -6.58 -13.57
CA GLN B 191 -28.14 -7.98 -13.08
C GLN B 191 -29.48 -8.61 -12.64
N THR B 192 -30.29 -7.84 -11.91
CA THR B 192 -31.60 -8.30 -11.47
C THR B 192 -32.48 -8.64 -12.66
N GLY B 193 -32.55 -7.72 -13.62
CA GLY B 193 -33.35 -7.91 -14.81
C GLY B 193 -32.90 -9.12 -15.59
N VAL B 194 -31.57 -9.29 -15.70
CA VAL B 194 -31.00 -10.43 -16.42
C VAL B 194 -31.29 -11.74 -15.67
N LEU B 196 -33.93 -12.27 -13.82
CA LEU B 196 -35.35 -12.52 -14.05
C LEU B 196 -35.63 -13.11 -15.43
N GLU B 197 -35.09 -12.45 -16.46
CA GLU B 197 -35.34 -12.88 -17.83
C GLU B 197 -34.47 -14.03 -18.27
N GLY B 198 -33.31 -14.17 -17.63
CA GLY B 198 -32.34 -15.19 -18.00
C GLY B 198 -31.49 -14.75 -19.17
N ASP B 199 -31.67 -13.50 -19.61
CA ASP B 199 -30.90 -12.94 -20.72
C ASP B 199 -30.97 -11.40 -20.68
N GLY B 200 -30.14 -10.76 -21.49
CA GLY B 200 -30.06 -9.31 -21.58
C GLY B 200 -28.62 -8.90 -21.34
N VAL B 201 -28.42 -7.73 -20.75
CA VAL B 201 -27.06 -7.26 -20.45
C VAL B 201 -26.99 -6.45 -19.15
N ALA B 202 -26.00 -6.75 -18.29
CA ALA B 202 -25.78 -5.98 -17.08
C ALA B 202 -24.90 -4.79 -17.50
N LEU B 203 -25.55 -3.75 -18.01
CA LEU B 203 -24.86 -2.59 -18.58
C LEU B 203 -23.85 -1.88 -17.70
N ASP B 204 -24.08 -1.83 -16.38
CA ASP B 204 -23.15 -1.09 -15.50
C ASP B 204 -21.79 -1.76 -15.32
N ALA B 205 -21.67 -3.00 -15.77
CA ALA B 205 -20.42 -3.75 -15.77
C ALA B 205 -19.76 -3.79 -17.15
N VAL B 206 -20.38 -3.14 -18.14
CA VAL B 206 -19.81 -3.08 -19.50
C VAL B 206 -18.81 -1.92 -19.55
N ARG B 207 -17.71 -2.11 -20.29
CA ARG B 207 -16.72 -1.03 -20.45
C ARG B 207 -17.37 0.13 -21.19
N VAL B 208 -16.96 1.34 -20.83
CA VAL B 208 -17.54 2.58 -21.40
C VAL B 208 -17.60 2.56 -22.94
N ASP B 209 -16.50 2.21 -23.58
CA ASP B 209 -16.38 2.17 -25.03
C ASP B 209 -17.47 1.31 -25.71
N PHE B 210 -17.86 0.23 -25.06
CA PHE B 210 -18.81 -0.73 -25.65
C PHE B 210 -20.23 -0.69 -25.08
N ALA B 211 -20.47 0.26 -24.17
CA ALA B 211 -21.75 0.35 -23.47
C ALA B 211 -22.94 0.57 -24.39
N ALA B 212 -22.84 1.57 -25.27
CA ALA B 212 -23.91 1.86 -26.21
C ALA B 212 -24.09 0.68 -27.17
N GLY B 213 -22.99 0.05 -27.54
CA GLY B 213 -22.99 -1.10 -28.46
C GLY B 213 -23.67 -2.31 -27.83
N ALA B 214 -23.54 -2.43 -26.50
CA ALA B 214 -24.17 -3.52 -25.78
C ALA B 214 -25.68 -3.36 -25.82
N VAL B 215 -26.15 -2.13 -25.72
CA VAL B 215 -27.59 -1.82 -25.77
C VAL B 215 -28.09 -1.99 -27.22
N GLU B 216 -27.36 -1.41 -28.16
CA GLU B 216 -27.74 -1.51 -29.56
C GLU B 216 -27.87 -2.97 -30.00
N GLN B 217 -26.90 -3.79 -29.63
CA GLN B 217 -26.88 -5.19 -30.00
C GLN B 217 -28.14 -5.94 -29.54
N VAL B 219 -31.09 -4.59 -28.66
CA VAL B 219 -32.23 -3.95 -29.32
C VAL B 219 -32.36 -4.38 -30.78
N ARG B 221 -31.39 -7.26 -31.90
CA ARG B 221 -31.67 -8.69 -31.86
C ARG B 221 -33.16 -9.02 -31.85
N TYR B 222 -33.98 -8.18 -31.24
CA TYR B 222 -35.43 -8.43 -31.13
C TYR B 222 -36.32 -7.43 -31.86
N GLY B 223 -35.79 -6.25 -32.17
CA GLY B 223 -36.55 -5.14 -32.77
C GLY B 223 -37.44 -5.36 -33.96
N LYS B 224 -37.01 -6.23 -34.86
CA LYS B 224 -37.78 -6.53 -36.06
C LYS B 224 -38.93 -7.52 -35.78
N ASN B 225 -38.93 -8.15 -34.59
CA ASN B 225 -39.95 -9.14 -34.25
C ASN B 225 -41.07 -8.69 -33.32
N TYR B 226 -41.04 -7.44 -32.86
CA TYR B 226 -42.05 -6.96 -31.94
C TYR B 226 -42.59 -5.60 -32.38
N ASP B 227 -43.76 -5.26 -31.86
CA ASP B 227 -44.38 -3.95 -32.10
C ASP B 227 -43.76 -2.94 -31.12
N ILE B 228 -43.39 -3.41 -29.94
CA ILE B 228 -42.84 -2.54 -28.92
C ILE B 228 -41.77 -3.20 -28.06
N LEU B 229 -40.67 -2.48 -27.84
CA LEU B 229 -39.60 -2.89 -26.95
C LEU B 229 -39.63 -1.99 -25.73
N HIS B 230 -39.58 -2.61 -24.55
CA HIS B 230 -39.52 -1.89 -23.27
C HIS B 230 -38.12 -2.07 -22.68
N ILE B 231 -37.26 -1.07 -22.86
CA ILE B 231 -35.90 -1.14 -22.34
C ILE B 231 -35.84 -0.70 -20.85
N GLU B 232 -35.40 -1.62 -19.99
CA GLU B 232 -35.23 -1.35 -18.58
C GLU B 232 -34.26 -0.18 -18.38
N GLY B 233 -34.68 0.83 -17.62
CA GLY B 233 -33.81 1.95 -17.33
C GLY B 233 -32.79 1.63 -16.24
N GLN B 234 -31.73 2.43 -16.22
CA GLN B 234 -30.67 2.34 -15.21
C GLN B 234 -30.10 3.73 -14.96
N GLY B 235 -29.71 3.98 -13.72
CA GLY B 235 -29.11 5.23 -13.35
C GLY B 235 -30.01 6.43 -13.36
N SER B 236 -29.39 7.61 -13.43
CA SER B 236 -30.09 8.87 -13.49
C SER B 236 -29.13 9.97 -13.85
N LEU B 237 -29.57 10.91 -14.70
CA LEU B 237 -28.74 12.05 -15.05
C LEU B 237 -28.61 13.04 -13.87
N LEU B 238 -29.32 12.77 -12.76
CA LEU B 238 -29.30 13.60 -11.57
C LEU B 238 -28.39 13.02 -10.49
N HIS B 239 -27.96 11.77 -10.68
CA HIS B 239 -27.07 11.10 -9.75
C HIS B 239 -25.64 11.43 -10.17
N PRO B 240 -24.81 11.96 -9.23
CA PRO B 240 -23.42 12.38 -9.54
C PRO B 240 -22.42 11.28 -9.97
N GLY B 241 -22.76 10.03 -9.74
CA GLY B 241 -21.88 8.91 -10.09
C GLY B 241 -22.37 7.99 -11.19
N SER B 242 -23.53 8.30 -11.75
CA SER B 242 -24.18 7.49 -12.76
C SER B 242 -23.86 7.89 -14.19
N THR B 243 -23.70 6.87 -15.02
CA THR B 243 -23.36 6.99 -16.43
C THR B 243 -24.35 6.27 -17.34
N ALA B 244 -24.95 5.18 -16.84
CA ALA B 244 -25.68 4.23 -17.70
C ALA B 244 -26.86 4.74 -18.51
N THR B 245 -27.44 5.86 -18.12
CA THR B 245 -28.56 6.39 -18.88
C THR B 245 -28.13 6.80 -20.30
N LEU B 246 -26.93 7.35 -20.45
CA LEU B 246 -26.51 7.83 -21.76
C LEU B 246 -26.44 6.70 -22.81
N PRO B 247 -25.68 5.60 -22.54
CA PRO B 247 -25.69 4.48 -23.50
C PRO B 247 -27.07 3.85 -23.71
N LEU B 248 -27.93 3.83 -22.70
CA LEU B 248 -29.30 3.31 -22.89
C LEU B 248 -30.03 4.11 -23.98
N ILE B 249 -29.97 5.43 -23.86
CA ILE B 249 -30.58 6.33 -24.83
C ILE B 249 -29.92 6.24 -26.23
N ARG B 250 -28.60 6.25 -26.26
CA ARG B 250 -27.87 6.22 -27.53
C ARG B 250 -28.00 4.85 -28.19
N GLY B 251 -27.82 3.79 -27.43
CA GLY B 251 -27.92 2.45 -27.99
C GLY B 251 -29.31 2.07 -28.47
N SER B 252 -30.35 2.45 -27.73
CA SER B 252 -31.72 2.07 -28.05
C SER B 252 -32.43 3.03 -28.99
N GLN B 253 -31.93 4.25 -29.15
CA GLN B 253 -32.57 5.24 -30.04
C GLN B 253 -34.06 5.28 -29.73
N PRO B 254 -34.42 5.59 -28.48
CA PRO B 254 -35.82 5.44 -28.09
C PRO B 254 -36.79 6.32 -28.85
N THR B 255 -38.01 5.81 -29.03
CA THR B 255 -39.09 6.58 -29.67
C THR B 255 -39.88 7.40 -28.61
N GLN B 256 -39.98 6.87 -27.40
CA GLN B 256 -40.62 7.57 -26.27
C GLN B 256 -39.87 7.28 -24.98
N LEU B 257 -39.95 8.24 -24.05
CA LEU B 257 -39.36 8.09 -22.73
C LEU B 257 -40.49 8.18 -21.71
N VAL B 258 -40.36 7.44 -20.62
CA VAL B 258 -41.28 7.52 -19.48
C VAL B 258 -40.39 7.86 -18.28
N LEU B 259 -40.69 8.99 -17.64
CA LEU B 259 -39.90 9.44 -16.51
C LEU B 259 -40.46 8.89 -15.20
N VAL B 260 -39.62 8.20 -14.43
CA VAL B 260 -40.03 7.64 -13.15
C VAL B 260 -39.53 8.58 -12.04
N HIS B 261 -40.34 8.75 -11.00
CA HIS B 261 -40.00 9.62 -9.89
C HIS B 261 -40.75 9.24 -8.62
N ARG B 262 -40.06 9.28 -7.50
CA ARG B 262 -40.70 9.00 -6.20
C ARG B 262 -41.29 10.30 -5.68
N ALA B 263 -42.60 10.29 -5.47
CA ALA B 263 -43.32 11.45 -4.97
C ALA B 263 -42.68 11.99 -3.69
N GLY B 264 -42.39 13.29 -3.70
CA GLY B 264 -41.85 13.98 -2.52
C GLY B 264 -40.33 13.98 -2.39
N GLN B 265 -39.62 13.20 -3.20
CA GLN B 265 -38.17 13.18 -3.08
C GLN B 265 -37.58 14.44 -3.68
N THR B 266 -36.73 15.12 -2.91
CA THR B 266 -36.12 16.38 -3.34
C THR B 266 -34.61 16.32 -3.52
N HIS B 267 -33.98 15.23 -3.08
CA HIS B 267 -32.52 15.10 -3.17
C HIS B 267 -32.14 13.67 -3.51
N ASN B 268 -30.97 13.51 -4.11
CA ASN B 268 -30.43 12.20 -4.45
C ASN B 268 -30.35 11.37 -3.15
N GLY B 269 -30.65 10.08 -3.24
CA GLY B 269 -30.61 9.22 -2.07
C GLY B 269 -29.22 8.94 -1.55
N ASN B 270 -28.33 8.52 -2.44
CA ASN B 270 -26.95 8.23 -2.03
C ASN B 270 -26.14 9.48 -1.68
N ASN B 271 -26.41 10.59 -2.38
CA ASN B 271 -25.68 11.86 -2.20
C ASN B 271 -26.69 12.99 -1.89
N PRO B 272 -27.19 13.05 -0.64
CA PRO B 272 -28.26 13.97 -0.22
C PRO B 272 -28.04 15.47 -0.44
N HIS B 273 -26.81 15.87 -0.74
CA HIS B 273 -26.50 17.28 -1.01
C HIS B 273 -26.96 17.70 -2.40
N VAL B 274 -27.15 16.73 -3.31
CA VAL B 274 -27.53 16.99 -4.69
C VAL B 274 -29.03 17.08 -4.83
N PRO B 275 -29.55 18.26 -5.19
CA PRO B 275 -31.01 18.29 -5.35
C PRO B 275 -31.57 17.60 -6.60
N ILE B 276 -32.87 17.33 -6.55
CA ILE B 276 -33.62 16.88 -7.70
C ILE B 276 -34.33 18.12 -8.20
N PRO B 277 -34.01 18.60 -9.41
CA PRO B 277 -34.75 19.78 -9.85
C PRO B 277 -36.27 19.53 -10.02
N PRO B 278 -37.05 20.61 -10.19
CA PRO B 278 -38.47 20.39 -10.46
C PRO B 278 -38.61 19.54 -11.71
N LEU B 279 -39.69 18.77 -11.82
CA LEU B 279 -39.88 17.85 -12.93
C LEU B 279 -39.84 18.45 -14.34
N PRO B 280 -40.40 19.67 -14.55
CA PRO B 280 -40.27 20.28 -15.88
C PRO B 280 -38.81 20.44 -16.32
N GLU B 281 -37.93 20.76 -15.37
CA GLU B 281 -36.48 20.87 -15.67
C GLU B 281 -35.86 19.51 -15.97
N VAL B 282 -36.28 18.48 -15.24
CA VAL B 282 -35.77 17.13 -15.45
C VAL B 282 -36.24 16.65 -16.84
N ILE B 283 -37.49 16.94 -17.20
CA ILE B 283 -38.02 16.57 -18.53
C ILE B 283 -37.20 17.21 -19.66
N ARG B 284 -36.92 18.51 -19.52
CA ARG B 284 -36.11 19.23 -20.50
C ARG B 284 -34.69 18.61 -20.61
N LEU B 285 -34.07 18.30 -19.48
CA LEU B 285 -32.77 17.66 -19.47
C LEU B 285 -32.77 16.36 -20.32
N TYR B 286 -33.64 15.42 -19.97
CA TYR B 286 -33.71 14.16 -20.74
C TYR B 286 -34.02 14.36 -22.23
N GLU B 287 -34.94 15.27 -22.53
CA GLU B 287 -35.30 15.50 -23.93
C GLU B 287 -34.14 16.06 -24.73
N THR B 288 -33.41 16.98 -24.12
CA THR B 288 -32.24 17.61 -24.74
C THR B 288 -31.14 16.57 -24.98
N VAL B 289 -30.92 15.68 -24.00
CA VAL B 289 -29.95 14.58 -24.13
C VAL B 289 -30.40 13.61 -25.21
N ALA B 290 -31.67 13.23 -25.20
CA ALA B 290 -32.18 12.27 -26.18
C ALA B 290 -32.15 12.79 -27.62
N SER B 291 -32.41 14.08 -27.83
CA SER B 291 -32.33 14.67 -29.18
C SER B 291 -30.91 15.11 -29.52
N GLY B 292 -30.02 15.18 -28.52
CA GLY B 292 -28.66 15.64 -28.75
C GLY B 292 -28.65 17.03 -29.34
N GLY B 293 -29.52 17.91 -28.82
CA GLY B 293 -29.63 19.27 -29.33
C GLY B 293 -29.98 19.37 -30.81
N GLY B 294 -30.44 18.27 -31.42
CA GLY B 294 -30.81 18.20 -32.83
C GLY B 294 -30.11 17.12 -33.65
N ALA B 295 -29.16 16.41 -33.05
CA ALA B 295 -28.41 15.38 -33.78
C ALA B 295 -29.30 14.15 -34.02
N PHE B 296 -30.17 13.88 -33.06
CA PHE B 296 -31.07 12.76 -33.14
C PHE B 296 -32.46 13.34 -33.26
N GLY B 297 -33.44 12.51 -33.54
CA GLY B 297 -34.80 12.99 -33.66
C GLY B 297 -35.33 13.38 -32.29
N THR B 298 -36.42 14.16 -32.30
CA THR B 298 -37.04 14.57 -31.05
C THR B 298 -37.57 13.31 -30.37
N VAL B 299 -37.24 13.15 -29.09
CA VAL B 299 -37.72 12.03 -28.29
C VAL B 299 -38.43 12.63 -27.07
N PRO B 300 -39.76 12.48 -26.99
CA PRO B 300 -40.48 13.07 -25.88
C PRO B 300 -40.60 12.22 -24.62
N VAL B 301 -40.70 12.90 -23.48
CA VAL B 301 -41.07 12.28 -22.22
C VAL B 301 -42.60 12.34 -22.35
N VAL B 302 -43.24 11.18 -22.47
CA VAL B 302 -44.67 11.13 -22.75
C VAL B 302 -45.54 11.10 -21.53
N GLY B 303 -44.94 10.89 -20.37
CA GLY B 303 -45.69 10.79 -19.14
C GLY B 303 -44.76 10.49 -17.98
N ILE B 304 -45.32 10.55 -16.79
CA ILE B 304 -44.57 10.34 -15.59
C ILE B 304 -45.14 9.17 -14.80
N ALA B 305 -44.26 8.23 -14.44
CA ALA B 305 -44.61 7.11 -13.57
C ALA B 305 -44.20 7.48 -12.13
N LEU B 306 -45.20 7.86 -11.34
CA LEU B 306 -44.98 8.34 -9.99
C LEU B 306 -44.98 7.21 -8.96
N ASN B 307 -43.86 7.03 -8.25
CA ASN B 307 -43.78 6.02 -7.21
C ASN B 307 -44.35 6.66 -5.94
N THR B 308 -45.55 6.21 -5.55
CA THR B 308 -46.26 6.70 -4.39
C THR B 308 -46.41 5.65 -3.29
N ALA B 309 -45.66 4.55 -3.35
CA ALA B 309 -45.82 3.43 -2.41
C ALA B 309 -45.83 3.79 -0.93
N HIS B 310 -45.08 4.83 -0.59
CA HIS B 310 -44.98 5.30 0.79
C HIS B 310 -46.20 6.11 1.28
N LEU B 311 -47.13 6.44 0.38
CA LEU B 311 -48.29 7.28 0.68
C LEU B 311 -49.57 6.49 0.82
N ASP B 312 -50.56 7.07 1.51
CA ASP B 312 -51.90 6.46 1.57
C ASP B 312 -52.54 6.71 0.18
N GLU B 313 -53.63 6.01 -0.11
CA GLU B 313 -54.27 6.11 -1.45
C GLU B 313 -54.73 7.52 -1.81
N TYR B 314 -55.25 8.22 -0.83
CA TYR B 314 -55.75 9.59 -0.99
C TYR B 314 -54.61 10.54 -1.33
N ALA B 315 -53.49 10.38 -0.64
CA ALA B 315 -52.32 11.20 -0.87
C ALA B 315 -51.67 10.85 -2.21
N ALA B 316 -51.69 9.56 -2.56
CA ALA B 316 -51.12 9.09 -3.83
C ALA B 316 -51.83 9.74 -4.99
N LYS B 317 -53.17 9.77 -4.91
CA LYS B 317 -53.99 10.39 -5.94
C LYS B 317 -53.74 11.89 -6.01
N GLU B 318 -53.62 12.56 -4.86
CA GLU B 318 -53.27 13.99 -4.86
C GLU B 318 -51.91 14.23 -5.50
N ALA B 319 -50.93 13.40 -5.14
CA ALA B 319 -49.58 13.54 -5.70
C ALA B 319 -49.62 13.40 -7.24
N ILE B 320 -50.39 12.44 -7.73
CA ILE B 320 -50.58 12.24 -9.15
C ILE B 320 -51.21 13.48 -9.79
N ALA B 321 -52.26 14.00 -9.16
CA ALA B 321 -52.94 15.21 -9.64
C ALA B 321 -51.98 16.39 -9.69
N HIS B 322 -51.16 16.53 -8.66
CA HIS B 322 -50.17 17.62 -8.57
C HIS B 322 -49.11 17.51 -9.66
N THR B 323 -48.66 16.29 -9.93
CA THR B 323 -47.64 16.04 -10.97
C THR B 323 -48.15 16.39 -12.36
N ILE B 324 -49.42 16.13 -12.63
CA ILE B 324 -50.05 16.45 -13.90
C ILE B 324 -50.17 17.97 -14.07
N ALA B 325 -50.59 18.64 -13.01
CA ALA B 325 -50.72 20.10 -13.04
C ALA B 325 -49.36 20.74 -13.28
N GLU B 326 -48.35 20.28 -12.54
CA GLU B 326 -47.01 20.84 -12.67
C GLU B 326 -46.38 20.64 -14.05
N THR B 327 -46.51 19.42 -14.58
CA THR B 327 -45.83 19.03 -15.83
C THR B 327 -46.64 19.10 -17.10
N GLY B 328 -47.97 19.02 -16.98
CA GLY B 328 -48.86 19.01 -18.12
C GLY B 328 -48.86 17.69 -18.87
N LEU B 329 -48.32 16.63 -18.24
CA LEU B 329 -48.24 15.31 -18.86
C LEU B 329 -49.07 14.26 -18.12
N PRO B 330 -49.45 13.18 -18.84
CA PRO B 330 -50.13 12.05 -18.23
C PRO B 330 -49.32 11.45 -17.08
N CYS B 331 -49.99 10.96 -16.05
CA CYS B 331 -49.26 10.44 -14.89
C CYS B 331 -50.07 9.53 -14.02
N THR B 332 -49.42 8.47 -13.55
CA THR B 332 -50.00 7.59 -12.56
C THR B 332 -48.92 6.75 -11.93
N ASP B 333 -49.29 6.04 -10.88
CA ASP B 333 -48.43 5.02 -10.26
C ASP B 333 -48.87 3.74 -10.98
N VAL B 334 -48.04 3.24 -11.88
CA VAL B 334 -48.41 2.07 -12.71
C VAL B 334 -48.51 0.75 -11.95
N VAL B 335 -47.76 0.65 -10.86
CA VAL B 335 -47.77 -0.52 -10.00
C VAL B 335 -49.08 -0.51 -9.22
N ARG B 336 -49.38 0.65 -8.66
CA ARG B 336 -50.53 0.83 -7.80
C ARG B 336 -51.89 0.91 -8.50
N PHE B 337 -51.94 1.63 -9.62
CA PHE B 337 -53.21 1.86 -10.31
C PHE B 337 -53.31 1.31 -11.73
N GLY B 338 -52.25 0.69 -12.25
CA GLY B 338 -52.25 0.16 -13.61
C GLY B 338 -51.45 1.04 -14.58
N ALA B 339 -50.99 0.45 -15.67
CA ALA B 339 -50.15 1.15 -16.63
C ALA B 339 -50.85 1.74 -17.84
N ASP B 340 -52.16 1.51 -18.01
CA ASP B 340 -52.85 1.95 -19.25
C ASP B 340 -52.76 3.45 -19.56
N VAL B 341 -52.82 4.27 -18.53
CA VAL B 341 -52.68 5.73 -18.69
C VAL B 341 -51.35 6.09 -19.40
N LEU B 342 -50.27 5.40 -19.06
CA LEU B 342 -48.97 5.69 -19.69
C LEU B 342 -48.75 4.90 -21.00
N LEU B 343 -49.38 3.73 -21.12
CA LEU B 343 -49.28 2.97 -22.37
C LEU B 343 -49.98 3.76 -23.48
N ASP B 344 -51.15 4.32 -23.17
CA ASP B 344 -51.86 5.18 -24.11
C ASP B 344 -50.97 6.36 -24.53
N ALA B 345 -50.28 6.97 -23.56
CA ALA B 345 -49.40 8.11 -23.86
C ALA B 345 -48.27 7.71 -24.80
N VAL B 346 -47.73 6.51 -24.60
CA VAL B 346 -46.71 5.96 -25.49
C VAL B 346 -47.29 5.73 -26.90
N GLN B 348 -49.98 6.94 -28.45
CA GLN B 348 -50.53 8.01 -29.28
C GLN B 348 -49.53 9.14 -29.44
N ASN B 349 -48.25 8.78 -29.33
CA ASN B 349 -47.18 9.69 -29.64
C ASN B 349 -46.97 9.50 -31.13
N LEU C 4 -3.75 -11.82 23.46
CA LEU C 4 -4.73 -11.64 24.57
C LEU C 4 -6.08 -12.10 24.03
N PRO C 5 -6.69 -13.14 24.65
CA PRO C 5 -7.97 -13.64 24.11
C PRO C 5 -9.11 -12.62 24.06
N LEU C 6 -9.73 -12.48 22.88
CA LEU C 6 -10.88 -11.59 22.68
C LEU C 6 -12.18 -12.25 23.18
N ASN C 7 -12.06 -13.49 23.68
CA ASN C 7 -13.19 -14.25 24.22
C ASN C 7 -13.17 -14.48 25.73
N GLN C 8 -12.03 -14.25 26.38
CA GLN C 8 -11.92 -14.48 27.83
C GLN C 8 -11.93 -13.16 28.62
N ARG C 9 -12.52 -13.21 29.82
CA ARG C 9 -12.58 -12.02 30.68
C ARG C 9 -11.19 -11.75 31.25
N VAL C 10 -10.79 -10.48 31.25
CA VAL C 10 -9.46 -10.06 31.64
C VAL C 10 -9.39 -9.10 32.82
N ALA C 11 -8.39 -9.33 33.68
CA ALA C 11 -8.04 -8.43 34.76
C ALA C 11 -6.60 -7.98 34.47
N ILE C 12 -6.36 -6.68 34.57
CA ILE C 12 -5.03 -6.12 34.32
C ILE C 12 -4.32 -5.72 35.61
N LEU C 13 -3.15 -6.32 35.87
CA LEU C 13 -2.35 -5.96 37.02
C LEU C 13 -1.75 -4.61 36.68
N LEU C 14 -2.09 -3.58 37.46
CA LEU C 14 -1.66 -2.23 37.11
C LEU C 14 -1.27 -1.35 38.33
N HIS C 15 -0.67 -1.97 39.34
CA HIS C 15 -0.23 -1.29 40.54
C HIS C 15 0.77 -0.16 40.27
N GLU C 16 0.40 1.07 40.65
CA GLU C 16 1.22 2.29 40.43
C GLU C 16 1.32 2.69 38.95
N GLY C 17 0.56 2.05 38.07
CA GLY C 17 0.64 2.29 36.63
C GLY C 17 -0.59 2.92 35.98
N THR C 18 -1.70 3.02 36.70
CA THR C 18 -2.91 3.60 36.11
C THR C 18 -2.73 5.10 35.90
N THR C 19 -2.15 5.75 36.91
CA THR C 19 -1.87 7.19 36.88
C THR C 19 -0.37 7.50 37.02
N GLY C 20 0.46 6.46 37.16
CA GLY C 20 1.90 6.64 37.26
C GLY C 20 2.55 6.54 35.89
N THR C 21 3.78 6.05 35.85
CA THR C 21 4.56 5.96 34.60
C THR C 21 4.91 4.54 34.11
N ILE C 22 4.66 3.53 34.95
CA ILE C 22 5.04 2.14 34.66
C ILE C 22 3.96 1.26 34.02
N GLY C 23 2.77 1.81 33.77
CA GLY C 23 1.65 1.02 33.19
C GLY C 23 1.31 1.25 31.73
N LYS C 24 2.29 1.67 30.92
CA LYS C 24 2.10 1.92 29.49
C LYS C 24 1.34 0.79 28.78
N THR C 25 1.70 -0.45 29.08
CA THR C 25 1.09 -1.62 28.48
C THR C 25 -0.38 -1.76 28.84
N GLY C 26 -0.68 -1.75 30.14
CA GLY C 26 -2.06 -1.87 30.63
C GLY C 26 -2.98 -0.79 30.10
N LEU C 27 -2.52 0.46 30.17
CA LEU C 27 -3.29 1.59 29.66
C LEU C 27 -3.59 1.47 28.18
N ALA C 28 -2.62 0.94 27.41
CA ALA C 28 -2.81 0.76 25.98
C ALA C 28 -3.82 -0.36 25.70
N LEU C 29 -3.79 -1.43 26.51
CA LEU C 29 -4.76 -2.52 26.36
C LEU C 29 -6.16 -2.00 26.63
N LEU C 30 -6.32 -1.26 27.72
CA LEU C 30 -7.58 -0.58 28.03
C LEU C 30 -8.02 0.37 26.90
N ARG C 31 -7.07 1.04 26.23
CA ARG C 31 -7.42 1.94 25.14
C ARG C 31 -7.79 1.18 23.85
N TYR C 32 -7.15 0.04 23.59
CA TYR C 32 -7.34 -0.65 22.31
C TYR C 32 -7.92 -2.07 22.29
N SER C 33 -7.85 -2.80 23.41
CA SER C 33 -8.30 -4.20 23.40
C SER C 33 -9.81 -4.43 23.30
N GLU C 34 -10.21 -5.35 22.43
CA GLU C 34 -11.59 -5.74 22.28
C GLU C 34 -11.97 -6.87 23.26
N ALA C 35 -10.98 -7.35 24.01
CA ALA C 35 -11.22 -8.37 25.02
C ALA C 35 -12.10 -7.79 26.15
N PRO C 36 -12.95 -8.63 26.76
CA PRO C 36 -13.79 -8.14 27.87
C PRO C 36 -12.99 -7.89 29.16
N ILE C 37 -12.45 -6.68 29.30
CA ILE C 37 -11.66 -6.28 30.48
C ILE C 37 -12.62 -5.94 31.62
N VAL C 38 -12.67 -6.81 32.61
CA VAL C 38 -13.60 -6.71 33.75
C VAL C 38 -13.07 -6.02 35.01
N ALA C 39 -11.75 -5.94 35.14
CA ALA C 39 -11.14 -5.30 36.32
C ALA C 39 -9.73 -4.77 36.07
N VAL C 40 -9.41 -3.68 36.75
CA VAL C 40 -8.08 -3.07 36.75
C VAL C 40 -7.63 -3.23 38.19
N ILE C 41 -6.43 -3.76 38.37
CA ILE C 41 -5.88 -4.00 39.69
C ILE C 41 -4.82 -2.93 39.97
N ASP C 42 -5.09 -2.06 40.93
CA ASP C 42 -4.18 -0.96 41.30
C ASP C 42 -4.53 -0.44 42.71
N ARG C 43 -3.67 -0.73 43.66
CA ARG C 43 -3.87 -0.32 45.05
C ARG C 43 -3.95 1.21 45.23
N ASN C 44 -3.23 1.94 44.38
CA ASN C 44 -3.21 3.42 44.44
C ASN C 44 -4.45 4.12 43.86
N CYS C 45 -5.32 3.37 43.18
CA CYS C 45 -6.52 3.93 42.56
C CYS C 45 -7.79 3.12 42.80
N ALA C 46 -7.77 2.17 43.72
CA ALA C 46 -8.95 1.33 43.98
C ALA C 46 -10.21 2.17 44.17
N GLY C 47 -11.32 1.76 43.56
CA GLY C 47 -12.60 2.46 43.68
C GLY C 47 -12.75 3.79 42.96
N GLN C 48 -11.73 4.23 42.23
CA GLN C 48 -11.79 5.49 41.51
C GLN C 48 -12.27 5.30 40.07
N SER C 49 -12.65 6.41 39.44
CA SER C 49 -13.10 6.39 38.06
C SER C 49 -11.89 6.29 37.12
N LEU C 50 -11.94 5.33 36.20
CA LEU C 50 -10.87 5.15 35.22
C LEU C 50 -10.86 6.35 34.27
N ARG C 51 -12.03 6.71 33.76
CA ARG C 51 -12.19 7.84 32.85
C ARG C 51 -11.68 9.15 33.47
N GLU C 52 -11.99 9.38 34.74
CA GLU C 52 -11.57 10.61 35.43
C GLU C 52 -10.05 10.60 35.67
N ILE C 53 -9.54 9.49 36.18
CA ILE C 53 -8.11 9.36 36.47
C ILE C 53 -7.22 9.37 35.22
N THR C 54 -7.62 8.64 34.18
CA THR C 54 -6.81 8.42 32.97
C THR C 54 -7.19 9.20 31.72
N GLY C 55 -8.47 9.51 31.55
CA GLY C 55 -8.97 10.17 30.34
C GLY C 55 -9.43 9.13 29.32
N ILE C 56 -9.18 7.84 29.61
CA ILE C 56 -9.58 6.75 28.73
C ILE C 56 -11.06 6.51 28.91
N TYR C 57 -11.75 6.39 27.79
CA TYR C 57 -13.18 6.26 27.79
C TYR C 57 -13.70 4.81 27.79
N ARG C 58 -13.60 4.15 28.93
CA ARG C 58 -14.22 2.83 29.09
C ARG C 58 -14.38 2.62 30.58
N TYR C 59 -15.39 1.84 30.92
CA TYR C 59 -15.72 1.54 32.31
C TYR C 59 -15.12 0.23 32.75
N VAL C 60 -14.24 0.31 33.74
CA VAL C 60 -13.65 -0.88 34.36
C VAL C 60 -13.42 -0.54 35.83
N PRO C 61 -13.97 -1.37 36.74
CA PRO C 61 -13.71 -1.09 38.15
C PRO C 61 -12.22 -1.28 38.50
N ILE C 62 -11.67 -0.32 39.24
CA ILE C 62 -10.29 -0.39 39.71
C ILE C 62 -10.37 -0.99 41.11
N VAL C 63 -9.66 -2.09 41.35
CA VAL C 63 -9.68 -2.77 42.67
C VAL C 63 -8.29 -2.77 43.32
N LYS C 64 -8.24 -2.97 44.64
CA LYS C 64 -6.98 -2.93 45.38
C LYS C 64 -6.01 -4.10 45.12
N SER C 65 -6.53 -5.24 44.65
CA SER C 65 -5.71 -6.43 44.44
C SER C 65 -6.42 -7.49 43.61
N VAL C 66 -5.73 -8.59 43.33
CA VAL C 66 -6.27 -9.73 42.58
C VAL C 66 -7.40 -10.39 43.33
N GLU C 67 -7.23 -10.52 44.65
CA GLU C 67 -8.25 -11.11 45.52
C GLU C 67 -9.58 -10.37 45.28
N ALA C 68 -9.53 -9.04 45.35
CA ALA C 68 -10.71 -8.19 45.12
C ALA C 68 -11.28 -8.25 43.68
N ALA C 69 -10.42 -8.55 42.71
CA ALA C 69 -10.84 -8.68 41.31
C ALA C 69 -11.67 -9.96 41.06
N LEU C 70 -11.45 -11.01 41.86
CA LEU C 70 -12.12 -12.30 41.70
C LEU C 70 -13.64 -12.17 41.62
N GLU C 71 -14.15 -11.15 42.31
CA GLU C 71 -15.56 -10.75 42.29
C GLU C 71 -16.10 -10.57 40.86
N TYR C 72 -15.27 -10.10 39.94
CA TYR C 72 -15.67 -9.93 38.54
C TYR C 72 -15.34 -11.16 37.66
N LYS C 73 -14.99 -12.27 38.31
CA LYS C 73 -14.65 -13.56 37.67
C LYS C 73 -13.72 -13.47 36.46
N PRO C 74 -12.56 -12.79 36.62
CA PRO C 74 -11.62 -12.74 35.52
C PRO C 74 -11.02 -14.14 35.28
N GLN C 75 -10.74 -14.43 34.01
CA GLN C 75 -10.19 -15.71 33.57
C GLN C 75 -8.68 -15.64 33.22
N VAL C 76 -8.19 -14.43 32.91
CA VAL C 76 -6.80 -14.21 32.54
C VAL C 76 -6.25 -12.97 33.22
N LEU C 77 -5.02 -13.09 33.73
CA LEU C 77 -4.34 -11.98 34.36
C LEU C 77 -3.25 -11.51 33.41
N VAL C 78 -3.36 -10.25 32.99
CA VAL C 78 -2.34 -9.63 32.14
C VAL C 78 -1.51 -8.69 33.01
N ILE C 79 -0.20 -8.82 32.90
CA ILE C 79 0.72 -7.95 33.63
C ILE C 79 0.80 -6.67 32.76
N GLY C 80 0.22 -5.59 33.28
CA GLY C 80 0.19 -4.32 32.56
C GLY C 80 1.24 -3.34 33.01
N ILE C 81 2.16 -3.78 33.86
CA ILE C 81 3.21 -2.95 34.41
C ILE C 81 4.60 -3.59 34.29
N ALA C 82 5.62 -2.75 34.35
CA ALA C 82 7.01 -3.18 34.31
C ALA C 82 7.79 -2.27 35.24
N PRO C 83 8.72 -2.82 36.05
CA PRO C 83 9.50 -1.97 36.94
C PRO C 83 10.57 -1.16 36.21
N GLY C 85 13.33 0.29 35.78
CA GLY C 85 14.01 -0.95 35.45
C GLY C 85 13.94 -1.99 36.55
N GLY C 86 14.47 -3.18 36.25
CA GLY C 86 14.49 -4.31 37.19
C GLY C 86 13.91 -5.57 36.59
N GLY C 87 13.92 -6.65 37.36
CA GLY C 87 13.37 -7.94 36.94
C GLY C 87 11.92 -8.04 37.38
N ILE C 88 11.65 -8.94 38.33
CA ILE C 88 10.31 -9.14 38.88
C ILE C 88 10.30 -8.65 40.34
N PRO C 89 9.60 -7.55 40.64
CA PRO C 89 9.54 -7.08 42.03
C PRO C 89 8.98 -8.16 42.96
N ASP C 90 9.28 -8.04 44.24
CA ASP C 90 8.86 -9.04 45.21
C ASP C 90 7.35 -9.03 45.47
N ASP C 91 6.71 -7.88 45.34
CA ASP C 91 5.24 -7.79 45.58
C ASP C 91 4.37 -8.35 44.45
N TYR C 92 4.98 -8.69 43.31
CA TYR C 92 4.23 -9.28 42.18
C TYR C 92 3.81 -10.72 42.46
N TRP C 93 4.69 -11.47 43.14
CA TRP C 93 4.47 -12.90 43.41
C TRP C 93 3.11 -13.23 44.05
N ILE C 94 2.74 -12.49 45.10
CA ILE C 94 1.45 -12.70 45.78
C ILE C 94 0.29 -12.58 44.80
N GLU C 95 0.31 -11.55 43.98
CA GLU C 95 -0.74 -11.31 42.99
C GLU C 95 -0.79 -12.45 41.96
N LEU C 96 0.39 -12.85 41.46
CA LEU C 96 0.50 -13.93 40.47
C LEU C 96 -0.06 -15.24 41.00
N LYS C 97 0.41 -15.63 42.20
CA LYS C 97 -0.01 -16.87 42.84
C LYS C 97 -1.51 -16.88 43.13
N THR C 98 -2.02 -15.77 43.63
CA THR C 98 -3.44 -15.65 43.96
C THR C 98 -4.33 -15.86 42.73
N ALA C 99 -3.86 -15.36 41.58
CA ALA C 99 -4.56 -15.50 40.31
C ALA C 99 -4.51 -16.95 39.79
N LEU C 100 -3.33 -17.57 39.84
CA LEU C 100 -3.15 -18.96 39.40
C LEU C 100 -3.97 -19.90 40.27
N GLN C 101 -3.94 -19.66 41.58
CA GLN C 101 -4.71 -20.46 42.53
C GLN C 101 -6.22 -20.38 42.24
N ALA C 102 -6.65 -19.24 41.67
CA ALA C 102 -8.06 -19.03 41.29
C ALA C 102 -8.41 -19.57 39.88
N GLY C 103 -7.53 -20.38 39.29
CA GLY C 103 -7.79 -20.99 37.99
C GLY C 103 -7.66 -20.06 36.79
N SER C 105 -5.30 -17.83 33.84
CA SER C 105 -4.08 -17.89 33.04
C SER C 105 -3.34 -16.55 33.18
N LEU C 106 -2.05 -16.57 32.91
CA LEU C 106 -1.22 -15.36 32.98
C LEU C 106 -0.67 -14.98 31.60
N VAL C 107 -0.69 -13.69 31.29
CA VAL C 107 -0.06 -13.17 30.08
C VAL C 107 1.01 -12.25 30.61
N ASN C 108 2.27 -12.64 30.38
CA ASN C 108 3.45 -11.93 30.90
C ASN C 108 4.23 -11.14 29.85
N GLY C 109 4.22 -9.81 29.98
CA GLY C 109 4.97 -8.92 29.08
C GLY C 109 6.36 -8.53 29.60
N LEU C 110 6.75 -9.04 30.76
CA LEU C 110 8.05 -8.71 31.34
C LEU C 110 9.21 -9.39 30.62
N HIS C 111 10.39 -8.80 30.77
CA HIS C 111 11.61 -9.37 30.20
C HIS C 111 11.93 -10.72 30.80
N THR C 112 11.65 -10.86 32.10
CA THR C 112 11.85 -12.12 32.83
C THR C 112 10.73 -13.12 32.52
N PRO C 113 11.08 -14.32 32.02
CA PRO C 113 10.04 -15.30 31.68
C PRO C 113 9.53 -16.04 32.91
N LEU C 114 8.20 -16.16 33.02
CA LEU C 114 7.53 -16.80 34.14
C LEU C 114 6.95 -18.19 33.86
N ALA C 115 7.03 -18.65 32.61
CA ALA C 115 6.43 -19.95 32.22
C ALA C 115 7.06 -21.17 32.86
N ASN C 116 8.34 -21.10 33.21
CA ASN C 116 9.04 -22.25 33.79
C ASN C 116 9.53 -22.00 35.20
N ILE C 117 8.66 -21.46 36.05
CA ILE C 117 8.98 -21.23 37.45
C ILE C 117 8.23 -22.27 38.29
N PRO C 118 8.95 -23.24 38.90
CA PRO C 118 8.37 -24.32 39.70
C PRO C 118 7.23 -23.91 40.63
N ASP C 119 7.40 -22.80 41.36
CA ASP C 119 6.35 -22.30 42.26
C ASP C 119 5.08 -21.85 41.52
N LEU C 120 5.24 -21.32 40.30
CA LEU C 120 4.11 -20.91 39.48
C LEU C 120 3.43 -22.11 38.83
N ASN C 121 4.21 -22.99 38.19
CA ASN C 121 3.65 -24.19 37.53
C ASN C 121 2.84 -25.10 38.43
N ALA C 122 3.21 -25.17 39.70
CA ALA C 122 2.49 -25.97 40.68
C ALA C 122 1.11 -25.40 41.02
N LEU C 123 0.93 -24.11 40.76
CA LEU C 123 -0.36 -23.43 41.01
C LEU C 123 -1.21 -23.31 39.74
N LEU C 124 -0.56 -23.50 38.59
CA LEU C 124 -1.23 -23.44 37.30
C LEU C 124 -2.20 -24.62 37.16
N GLN C 125 -3.50 -24.33 37.13
CA GLN C 125 -4.51 -25.40 37.02
C GLN C 125 -4.62 -25.93 35.58
N PRO C 126 -5.23 -27.13 35.40
CA PRO C 126 -5.36 -27.70 34.06
C PRO C 126 -6.22 -26.85 33.14
N GLY C 127 -5.75 -26.67 31.90
CA GLY C 127 -6.44 -25.85 30.90
C GLY C 127 -5.92 -24.41 30.84
N GLN C 128 -5.14 -24.01 31.84
CA GLN C 128 -4.61 -22.65 31.93
C GLN C 128 -3.15 -22.62 31.48
N LEU C 129 -2.68 -21.45 31.05
CA LEU C 129 -1.30 -21.30 30.57
C LEU C 129 -0.66 -19.99 31.01
N ILE C 130 0.66 -19.97 30.93
CA ILE C 130 1.47 -18.79 31.22
C ILE C 130 2.17 -18.38 29.92
N TRP C 131 1.75 -17.26 29.35
CA TRP C 131 2.31 -16.77 28.09
C TRP C 131 3.37 -15.67 28.26
N ASP C 132 4.62 -16.04 27.95
CA ASP C 132 5.77 -15.14 27.97
C ASP C 132 5.87 -14.44 26.62
N VAL C 133 5.22 -13.29 26.54
CA VAL C 133 5.14 -12.51 25.31
C VAL C 133 6.49 -12.13 24.70
N ARG C 134 7.48 -11.86 25.56
CA ARG C 134 8.81 -11.44 25.09
C ARG C 134 9.79 -12.52 24.63
N LYS C 135 9.37 -13.77 24.61
CA LYS C 135 10.24 -14.87 24.17
C LYS C 135 10.64 -14.61 22.70
N GLU C 136 11.94 -14.70 22.43
CA GLU C 136 12.48 -14.51 21.09
C GLU C 136 11.93 -15.61 20.17
N PRO C 137 11.56 -15.28 18.92
CA PRO C 137 11.12 -16.35 18.03
C PRO C 137 12.28 -17.28 17.70
N ALA C 138 11.96 -18.51 17.32
CA ALA C 138 12.97 -19.50 16.99
C ALA C 138 13.36 -19.40 15.53
N ASN C 139 14.50 -20.01 15.20
CA ASN C 139 14.98 -20.09 13.84
C ASN C 139 15.23 -18.76 13.16
N LEU C 140 15.85 -17.83 13.87
CA LEU C 140 16.19 -16.56 13.26
C LEU C 140 17.51 -16.65 12.53
N ASP C 141 17.59 -15.90 11.43
CA ASP C 141 18.80 -15.76 10.63
C ASP C 141 19.20 -14.31 10.71
N VAL C 142 20.39 -14.03 10.22
CA VAL C 142 20.84 -12.67 10.07
C VAL C 142 20.15 -12.18 8.78
N ALA C 143 19.53 -11.01 8.86
CA ALA C 143 18.83 -10.44 7.71
C ALA C 143 19.75 -10.25 6.51
N SER C 144 19.15 -10.34 5.34
CA SER C 144 19.85 -10.23 4.05
C SER C 144 19.21 -9.28 3.06
N GLY C 145 18.32 -8.42 3.55
CA GLY C 145 17.59 -7.46 2.72
C GLY C 145 16.52 -8.09 1.82
N ALA C 146 16.10 -9.31 2.12
CA ALA C 146 15.08 -10.03 1.34
C ALA C 146 13.73 -9.32 1.18
N ALA C 147 13.34 -8.53 2.17
CA ALA C 147 12.06 -7.78 2.13
C ALA C 147 11.95 -6.84 0.92
N ARG C 148 13.09 -6.39 0.40
CA ARG C 148 13.09 -5.49 -0.76
C ARG C 148 12.46 -6.15 -2.00
N THR C 149 12.42 -7.49 -2.01
CA THR C 149 11.90 -8.26 -3.15
C THR C 149 10.39 -8.46 -3.13
N LEU C 150 9.71 -7.92 -2.13
CA LEU C 150 8.27 -8.11 -2.01
C LEU C 150 7.51 -7.07 -2.81
N PRO C 151 6.33 -7.46 -3.34
CA PRO C 151 5.48 -6.58 -4.17
C PRO C 151 4.59 -5.59 -3.40
N CYS C 152 4.42 -5.80 -2.10
CA CYS C 152 3.59 -4.94 -1.29
C CYS C 152 4.28 -3.68 -0.80
N ARG C 153 3.48 -2.71 -0.38
CA ARG C 153 4.02 -1.54 0.31
C ARG C 153 4.36 -1.98 1.72
N ARG C 154 5.41 -1.41 2.29
CA ARG C 154 5.87 -1.71 3.63
C ARG C 154 6.07 -0.38 4.32
N VAL C 155 5.12 -0.02 5.18
CA VAL C 155 5.13 1.29 5.82
C VAL C 155 5.54 1.17 7.27
N LEU C 156 6.56 1.92 7.66
CA LEU C 156 7.08 1.89 9.02
C LEU C 156 6.87 3.23 9.68
N THR C 157 6.34 3.21 10.90
CA THR C 157 6.19 4.44 11.68
C THR C 157 7.47 4.62 12.48
N VAL C 158 8.02 5.84 12.43
CA VAL C 158 9.21 6.21 13.19
C VAL C 158 8.86 7.44 14.03
N GLY C 159 9.66 7.75 15.06
CA GLY C 159 9.34 8.87 15.91
C GLY C 159 10.45 9.72 16.50
N THR C 160 10.07 10.90 16.97
CA THR C 160 10.99 11.81 17.63
C THR C 160 11.22 11.40 19.10
N ASP C 161 10.48 10.39 19.58
CA ASP C 161 10.66 9.90 20.93
C ASP C 161 9.89 8.59 21.04
N ALA C 163 6.87 6.36 23.18
CA ALA C 163 5.58 6.56 23.85
C ALA C 163 4.82 7.76 23.33
N ILE C 164 4.79 7.93 22.01
CA ILE C 164 4.15 9.09 21.40
C ILE C 164 3.05 8.79 20.41
N GLY C 165 2.76 7.52 20.17
CA GLY C 165 1.68 7.13 19.27
C GLY C 165 2.10 6.47 17.97
N LYS C 166 3.28 5.88 17.93
CA LYS C 166 3.72 5.16 16.74
C LYS C 166 2.80 3.97 16.44
N SER C 168 -0.38 3.52 17.49
CA SER C 168 -1.68 4.09 17.15
C SER C 168 -1.75 4.51 15.71
N THR C 169 -0.68 5.14 15.24
CA THR C 169 -0.60 5.63 13.87
C THR C 169 -0.61 4.47 12.88
N SER C 170 0.18 3.43 13.16
CA SER C 170 0.20 2.24 12.30
C SER C 170 -1.20 1.61 12.24
N LEU C 171 -1.84 1.50 13.40
CA LEU C 171 -3.19 0.92 13.51
C LEU C 171 -4.24 1.67 12.71
N GLU C 172 -4.27 2.99 12.84
CA GLU C 172 -5.22 3.84 12.13
C GLU C 172 -5.05 3.76 10.62
N LEU C 173 -3.79 3.78 10.18
CA LEU C 173 -3.47 3.66 8.76
C LEU C 173 -3.93 2.30 8.25
N HIS C 174 -3.73 1.26 9.06
CA HIS C 174 -4.19 -0.09 8.72
C HIS C 174 -5.72 -0.17 8.66
N TRP C 175 -6.40 0.41 9.63
CA TRP C 175 -7.88 0.38 9.63
C TRP C 175 -8.46 1.12 8.42
N ALA C 176 -7.92 2.30 8.14
CA ALA C 176 -8.34 3.09 6.98
C ALA C 176 -8.10 2.30 5.68
N ALA C 177 -6.94 1.64 5.59
CA ALA C 177 -6.59 0.86 4.42
C ALA C 177 -7.59 -0.28 4.17
N LYS C 178 -7.97 -0.98 5.24
CA LYS C 178 -8.98 -2.03 5.15
C LYS C 178 -10.30 -1.46 4.62
N LEU C 179 -10.70 -0.31 5.13
CA LEU C 179 -11.96 0.35 4.72
C LEU C 179 -11.97 0.78 3.25
N ARG C 180 -10.81 1.15 2.72
CA ARG C 180 -10.73 1.54 1.30
C ARG C 180 -10.71 0.34 0.36
N GLY C 181 -10.62 -0.86 0.92
CA GLY C 181 -10.67 -2.10 0.14
C GLY C 181 -9.31 -2.69 -0.19
N TRP C 182 -8.26 -2.25 0.50
CA TRP C 182 -6.93 -2.82 0.28
C TRP C 182 -6.75 -4.02 1.20
N ARG C 183 -5.89 -4.94 0.75
CA ARG C 183 -5.47 -6.06 1.56
C ARG C 183 -4.38 -5.48 2.46
N SER C 184 -4.74 -5.26 3.73
CA SER C 184 -3.87 -4.65 4.69
C SER C 184 -3.56 -5.57 5.89
N LYS C 185 -2.33 -5.49 6.40
CA LYS C 185 -1.86 -6.29 7.53
C LYS C 185 -1.03 -5.39 8.44
N PHE C 186 -1.35 -5.44 9.73
CA PHE C 186 -0.61 -4.74 10.75
C PHE C 186 0.36 -5.75 11.34
N LEU C 187 1.63 -5.35 11.49
CA LEU C 187 2.66 -6.22 12.03
C LEU C 187 3.19 -5.71 13.38
N ALA C 188 2.94 -6.48 14.44
CA ALA C 188 3.31 -6.08 15.81
C ALA C 188 4.80 -6.30 16.07
N THR C 189 5.43 -5.29 16.70
CA THR C 189 6.87 -5.30 16.97
C THR C 189 7.24 -5.11 18.47
N GLY C 190 6.24 -4.99 19.33
CA GLY C 190 6.45 -4.89 20.77
C GLY C 190 5.42 -5.74 21.50
N GLN C 191 5.56 -5.81 22.82
CA GLN C 191 4.68 -6.62 23.66
C GLN C 191 3.20 -6.23 23.56
N THR C 192 2.92 -4.94 23.64
CA THR C 192 1.54 -4.46 23.57
C THR C 192 0.91 -4.80 22.22
N GLY C 193 1.65 -4.57 21.13
CA GLY C 193 1.14 -4.90 19.80
C GLY C 193 0.86 -6.37 19.65
N VAL C 194 1.72 -7.22 20.22
CA VAL C 194 1.59 -8.67 20.12
C VAL C 194 0.41 -9.18 20.95
N LEU C 196 -2.24 -7.47 21.53
CA LEU C 196 -3.42 -6.99 20.83
C LEU C 196 -3.71 -7.84 19.61
N GLU C 197 -2.68 -8.15 18.84
CA GLU C 197 -2.85 -8.95 17.61
C GLU C 197 -2.76 -10.45 17.78
N GLY C 198 -2.04 -10.90 18.81
CA GLY C 198 -1.87 -12.34 19.09
C GLY C 198 -0.59 -12.91 18.48
N ASP C 199 0.03 -12.15 17.58
CA ASP C 199 1.25 -12.57 16.94
C ASP C 199 2.04 -11.32 16.51
N GLY C 200 3.31 -11.55 16.14
CA GLY C 200 4.23 -10.51 15.71
C GLY C 200 5.51 -10.86 16.43
N VAL C 201 6.32 -9.87 16.77
CA VAL C 201 7.55 -10.12 17.52
C VAL C 201 7.81 -9.03 18.56
N ALA C 202 8.23 -9.42 19.76
CA ALA C 202 8.62 -8.44 20.79
C ALA C 202 10.08 -8.11 20.48
N LEU C 203 10.30 -7.15 19.58
CA LEU C 203 11.63 -6.85 19.08
C LEU C 203 12.70 -6.53 20.10
N ASP C 204 12.35 -5.76 21.12
CA ASP C 204 13.29 -5.36 22.15
C ASP C 204 13.87 -6.51 23.01
N ALA C 205 13.28 -7.69 22.90
CA ALA C 205 13.77 -8.87 23.59
C ALA C 205 14.61 -9.77 22.65
N VAL C 206 14.77 -9.37 21.39
CA VAL C 206 15.56 -10.19 20.45
C VAL C 206 17.02 -9.79 20.59
N ARG C 207 17.92 -10.76 20.41
CA ARG C 207 19.35 -10.46 20.43
C ARG C 207 19.75 -9.60 19.24
N VAL C 208 20.61 -8.62 19.53
CA VAL C 208 21.10 -7.66 18.53
C VAL C 208 21.44 -8.29 17.17
N ASP C 209 22.13 -9.43 17.19
CA ASP C 209 22.57 -10.11 15.98
C ASP C 209 21.41 -10.53 15.06
N PHE C 210 20.25 -10.83 15.62
CA PHE C 210 19.10 -11.32 14.85
C PHE C 210 17.91 -10.38 14.85
N ALA C 211 18.10 -9.16 15.35
CA ALA C 211 17.02 -8.20 15.42
C ALA C 211 16.45 -7.89 14.04
N ALA C 212 17.32 -7.54 13.10
CA ALA C 212 16.84 -7.27 11.71
C ALA C 212 16.23 -8.52 11.09
N GLY C 213 16.79 -9.69 11.41
CA GLY C 213 16.27 -10.98 10.91
C GLY C 213 14.88 -11.34 11.42
N ALA C 214 14.61 -10.99 12.69
CA ALA C 214 13.30 -11.18 13.29
C ALA C 214 12.27 -10.35 12.52
N VAL C 215 12.63 -9.13 12.17
CA VAL C 215 11.75 -8.24 11.43
C VAL C 215 11.57 -8.78 10.01
N GLU C 216 12.67 -9.17 9.38
CA GLU C 216 12.63 -9.72 8.04
C GLU C 216 11.76 -10.96 7.97
N GLN C 217 11.95 -11.88 8.89
CA GLN C 217 11.18 -13.14 8.95
C GLN C 217 9.67 -12.87 8.97
N VAL C 219 8.02 -10.03 8.18
CA VAL C 219 7.62 -9.36 6.94
C VAL C 219 7.53 -10.36 5.78
N ARG C 221 6.85 -13.49 5.90
CA ARG C 221 5.76 -14.42 6.17
C ARG C 221 4.44 -13.95 5.54
N TYR C 222 4.26 -12.62 5.45
CA TYR C 222 3.02 -12.00 4.97
C TYR C 222 3.08 -11.17 3.69
N GLY C 223 4.26 -10.68 3.33
CA GLY C 223 4.42 -9.76 2.20
C GLY C 223 3.80 -10.11 0.87
N LYS C 224 3.82 -11.40 0.51
CA LYS C 224 3.28 -11.85 -0.77
C LYS C 224 1.74 -11.89 -0.85
N ASN C 225 1.04 -11.80 0.29
CA ASN C 225 -0.44 -11.91 0.32
C ASN C 225 -1.23 -10.63 0.59
N TYR C 226 -0.55 -9.50 0.82
CA TYR C 226 -1.23 -8.24 1.09
C TYR C 226 -0.71 -7.16 0.19
N ASP C 227 -1.48 -6.08 0.07
CA ASP C 227 -1.09 -4.92 -0.72
C ASP C 227 -0.22 -3.97 0.11
N ILE C 228 -0.44 -3.96 1.41
CA ILE C 228 0.33 -3.10 2.30
C ILE C 228 0.51 -3.73 3.68
N LEU C 229 1.75 -3.60 4.19
CA LEU C 229 2.12 -4.06 5.51
C LEU C 229 2.43 -2.83 6.35
N HIS C 230 1.79 -2.72 7.50
CA HIS C 230 1.99 -1.60 8.43
C HIS C 230 2.81 -2.12 9.59
N ILE C 231 4.11 -1.80 9.59
CA ILE C 231 5.04 -2.27 10.64
C ILE C 231 5.04 -1.29 11.81
N GLU C 232 4.72 -1.80 12.99
CA GLU C 232 4.69 -0.97 14.19
C GLU C 232 6.09 -0.51 14.50
N GLY C 233 6.21 0.78 14.79
CA GLY C 233 7.48 1.38 15.08
C GLY C 233 7.85 1.27 16.53
N GLN C 234 9.15 1.32 16.81
CA GLN C 234 9.66 1.27 18.17
C GLN C 234 10.84 2.24 18.32
N GLY C 235 11.01 2.78 19.52
CA GLY C 235 12.13 3.63 19.80
C GLY C 235 12.21 4.94 19.04
N SER C 236 13.42 5.50 19.03
CA SER C 236 13.71 6.73 18.33
C SER C 236 15.21 6.89 18.17
N LEU C 237 15.62 7.37 17.00
CA LEU C 237 17.04 7.66 16.77
C LEU C 237 17.47 8.92 17.53
N LEU C 238 16.56 9.60 18.23
CA LEU C 238 16.89 10.76 19.06
C LEU C 238 16.99 10.37 20.54
N HIS C 239 16.56 9.16 20.87
CA HIS C 239 16.58 8.66 22.24
C HIS C 239 17.99 8.05 22.49
N PRO C 240 18.68 8.49 23.56
CA PRO C 240 20.04 8.01 23.81
C PRO C 240 20.19 6.53 24.19
N GLY C 241 19.09 5.89 24.60
CA GLY C 241 19.08 4.46 24.97
C GLY C 241 18.42 3.53 23.95
N SER C 242 17.94 4.08 22.84
CA SER C 242 17.19 3.30 21.87
C SER C 242 18.02 2.74 20.72
N THR C 243 17.75 1.47 20.43
CA THR C 243 18.38 0.69 19.34
C THR C 243 17.39 0.21 18.27
N ALA C 244 16.16 -0.08 18.68
CA ALA C 244 15.14 -0.75 17.86
C ALA C 244 14.77 -0.21 16.47
N THR C 245 14.88 1.09 16.27
CA THR C 245 14.51 1.67 14.97
C THR C 245 15.38 1.12 13.82
N LEU C 246 16.65 0.88 14.10
CA LEU C 246 17.56 0.40 13.06
C LEU C 246 17.14 -0.95 12.48
N PRO C 247 17.03 -2.00 13.32
CA PRO C 247 16.57 -3.28 12.74
C PRO C 247 15.18 -3.23 12.10
N LEU C 248 14.27 -2.37 12.57
CA LEU C 248 12.96 -2.23 11.92
C LEU C 248 13.12 -1.77 10.46
N ILE C 249 13.99 -0.78 10.25
CA ILE C 249 14.28 -0.27 8.91
C ILE C 249 15.04 -1.29 8.11
N ARG C 250 16.10 -1.83 8.69
CA ARG C 250 16.91 -2.79 7.95
C ARG C 250 16.12 -4.04 7.55
N GLY C 251 15.38 -4.58 8.51
CA GLY C 251 14.62 -5.81 8.32
C GLY C 251 13.44 -5.69 7.40
N SER C 252 12.73 -4.57 7.49
CA SER C 252 11.51 -4.40 6.70
C SER C 252 11.73 -3.80 5.32
N GLN C 253 12.91 -3.20 5.08
CA GLN C 253 13.22 -2.52 3.82
C GLN C 253 11.98 -1.70 3.44
N PRO C 254 11.61 -0.75 4.30
CA PRO C 254 10.33 -0.07 4.09
C PRO C 254 10.25 0.69 2.78
N THR C 255 9.06 0.76 2.17
CA THR C 255 8.86 1.55 0.96
C THR C 255 8.48 3.00 1.30
N GLN C 256 7.91 3.21 2.50
CA GLN C 256 7.55 4.55 2.98
C GLN C 256 7.70 4.65 4.49
N LEU C 257 8.05 5.84 4.96
CA LEU C 257 8.14 6.13 6.38
C LEU C 257 7.09 7.17 6.74
N VAL C 258 6.54 7.06 7.94
CA VAL C 258 5.62 8.06 8.47
C VAL C 258 6.22 8.48 9.78
N LEU C 259 6.54 9.77 9.89
CA LEU C 259 7.14 10.29 11.11
C LEU C 259 6.08 10.74 12.11
N VAL C 260 6.18 10.23 13.34
CA VAL C 260 5.27 10.58 14.40
C VAL C 260 5.98 11.55 15.34
N HIS C 261 5.24 12.51 15.87
CA HIS C 261 5.81 13.51 16.75
C HIS C 261 4.74 14.14 17.64
N ARG C 262 5.07 14.33 18.92
CA ARG C 262 4.15 15.03 19.84
C ARG C 262 4.33 16.53 19.67
N ALA C 263 3.25 17.24 19.33
CA ALA C 263 3.33 18.68 19.12
C ALA C 263 3.78 19.41 20.38
N GLY C 264 4.75 20.31 20.23
CA GLY C 264 5.28 21.08 21.35
C GLY C 264 6.43 20.43 22.11
N GLN C 265 6.68 19.13 21.92
CA GLN C 265 7.80 18.48 22.62
C GLN C 265 9.12 18.97 22.01
N THR C 266 10.02 19.43 22.87
CA THR C 266 11.31 19.99 22.43
C THR C 266 12.52 19.16 22.88
N HIS C 267 12.31 18.22 23.81
CA HIS C 267 13.37 17.41 24.37
C HIS C 267 12.88 16.00 24.67
N ASN C 268 13.82 15.05 24.77
CA ASN C 268 13.53 13.66 25.11
C ASN C 268 12.84 13.60 26.47
N GLY C 269 11.76 12.83 26.57
CA GLY C 269 11.03 12.69 27.84
C GLY C 269 11.90 12.17 28.96
N ASN C 270 12.40 10.95 28.79
CA ASN C 270 13.27 10.27 29.77
C ASN C 270 14.57 11.00 30.06
N ASN C 271 15.09 11.71 29.07
CA ASN C 271 16.38 12.41 29.19
C ASN C 271 16.25 13.88 28.76
N PRO C 272 15.64 14.71 29.62
CA PRO C 272 15.36 16.12 29.30
C PRO C 272 16.52 16.96 28.74
N HIS C 273 17.76 16.62 29.06
CA HIS C 273 18.92 17.35 28.52
C HIS C 273 19.10 17.17 27.01
N VAL C 274 18.52 16.09 26.47
CA VAL C 274 18.65 15.77 25.04
C VAL C 274 17.52 16.40 24.21
N PRO C 275 17.88 17.31 23.30
CA PRO C 275 16.86 17.98 22.49
C PRO C 275 16.33 17.18 21.30
N ILE C 276 15.14 17.58 20.86
CA ILE C 276 14.53 17.05 19.66
C ILE C 276 14.86 18.12 18.64
N PRO C 277 15.64 17.78 17.60
CA PRO C 277 15.95 18.81 16.63
C PRO C 277 14.71 19.18 15.80
N PRO C 278 14.80 20.25 15.00
CA PRO C 278 13.63 20.59 14.18
C PRO C 278 13.31 19.45 13.21
N LEU C 279 12.02 19.26 12.92
CA LEU C 279 11.55 18.16 12.06
C LEU C 279 12.27 18.01 10.71
N PRO C 280 12.58 19.13 10.02
CA PRO C 280 13.34 18.97 8.78
C PRO C 280 14.66 18.21 8.96
N GLU C 281 15.31 18.38 10.11
CA GLU C 281 16.55 17.66 10.42
C GLU C 281 16.29 16.22 10.83
N VAL C 282 15.17 15.99 11.52
CA VAL C 282 14.81 14.64 11.94
C VAL C 282 14.50 13.83 10.69
N ILE C 283 13.81 14.44 9.73
CA ILE C 283 13.48 13.79 8.47
C ILE C 283 14.74 13.38 7.69
N ARG C 284 15.74 14.27 7.64
CA ARG C 284 17.01 13.96 6.97
C ARG C 284 17.72 12.79 7.67
N LEU C 285 17.73 12.83 9.00
CA LEU C 285 18.31 11.75 9.79
C LEU C 285 17.71 10.41 9.40
N TYR C 286 16.38 10.30 9.49
CA TYR C 286 15.70 9.04 9.15
C TYR C 286 15.89 8.60 7.69
N GLU C 287 15.83 9.56 6.78
CA GLU C 287 16.02 9.26 5.35
C GLU C 287 17.43 8.78 5.03
N THR C 288 18.43 9.36 5.70
CA THR C 288 19.85 8.98 5.48
C THR C 288 20.09 7.57 6.01
N VAL C 289 19.57 7.31 7.20
CA VAL C 289 19.70 6.00 7.83
C VAL C 289 19.01 4.95 6.98
N ALA C 290 17.82 5.26 6.45
CA ALA C 290 17.08 4.32 5.59
C ALA C 290 17.75 4.02 4.24
N SER C 291 18.34 5.05 3.63
CA SER C 291 19.05 4.86 2.37
C SER C 291 20.42 4.22 2.58
N GLY C 292 20.99 4.41 3.78
CA GLY C 292 22.31 3.88 4.10
C GLY C 292 23.36 4.61 3.29
N GLY C 293 23.10 5.90 3.04
CA GLY C 293 23.97 6.73 2.22
C GLY C 293 24.10 6.24 0.79
N GLY C 294 23.18 5.38 0.34
CA GLY C 294 23.20 4.79 -0.99
C GLY C 294 23.25 3.26 -1.02
N ALA C 295 23.33 2.61 0.13
CA ALA C 295 23.39 1.15 0.15
C ALA C 295 22.02 0.52 -0.13
N PHE C 296 20.96 1.21 0.29
CA PHE C 296 19.59 0.74 0.09
C PHE C 296 18.83 1.78 -0.73
N GLY C 297 17.62 1.45 -1.14
CA GLY C 297 16.84 2.39 -1.93
C GLY C 297 16.44 3.59 -1.09
N THR C 298 16.18 4.71 -1.76
CA THR C 298 15.71 5.91 -1.09
C THR C 298 14.35 5.62 -0.50
N VAL C 299 14.17 5.90 0.79
CA VAL C 299 12.89 5.70 1.47
C VAL C 299 12.46 7.06 2.00
N PRO C 300 11.33 7.61 1.49
CA PRO C 300 10.88 8.91 1.93
C PRO C 300 9.99 8.91 3.17
N VAL C 301 10.06 10.01 3.92
CA VAL C 301 9.11 10.26 4.99
C VAL C 301 8.00 10.93 4.20
N VAL C 302 6.88 10.23 4.04
CA VAL C 302 5.78 10.72 3.22
C VAL C 302 4.84 11.68 3.95
N GLY C 303 4.92 11.71 5.27
CA GLY C 303 4.06 12.61 6.02
C GLY C 303 4.36 12.57 7.51
N ILE C 304 3.70 13.44 8.26
CA ILE C 304 3.91 13.51 9.70
C ILE C 304 2.61 13.27 10.46
N ALA C 305 2.65 12.38 11.45
CA ALA C 305 1.50 12.10 12.30
C ALA C 305 1.69 12.86 13.60
N LEU C 306 1.03 14.00 13.70
CA LEU C 306 1.21 14.88 14.83
C LEU C 306 0.29 14.48 15.99
N ASN C 307 0.87 14.17 17.14
CA ASN C 307 0.09 13.84 18.34
C ASN C 307 -0.27 15.14 19.04
N THR C 308 -1.55 15.47 19.08
CA THR C 308 -2.05 16.72 19.68
C THR C 308 -2.97 16.53 20.92
N ALA C 309 -3.01 15.31 21.46
CA ALA C 309 -3.90 14.94 22.59
C ALA C 309 -4.01 15.96 23.72
N HIS C 310 -2.88 16.57 24.07
CA HIS C 310 -2.81 17.59 25.12
C HIS C 310 -3.38 18.98 24.78
N LEU C 311 -3.69 19.23 23.50
CA LEU C 311 -4.21 20.53 23.03
C LEU C 311 -5.71 20.47 22.75
N ASP C 312 -6.37 21.64 22.68
CA ASP C 312 -7.79 21.73 22.30
C ASP C 312 -7.86 21.72 20.78
N GLU C 313 -9.02 21.43 20.21
CA GLU C 313 -9.16 21.30 18.76
C GLU C 313 -8.63 22.51 17.97
N TYR C 314 -8.81 23.70 18.52
CA TYR C 314 -8.36 24.92 17.87
C TYR C 314 -6.84 24.98 17.79
N ALA C 315 -6.19 24.63 18.91
CA ALA C 315 -4.71 24.60 19.01
C ALA C 315 -4.13 23.43 18.23
N ALA C 316 -4.89 22.34 18.14
CA ALA C 316 -4.45 21.15 17.40
C ALA C 316 -4.32 21.43 15.90
N LYS C 317 -5.38 22.01 15.32
CA LYS C 317 -5.41 22.36 13.88
C LYS C 317 -4.32 23.37 13.50
N GLU C 318 -4.01 24.28 14.42
CA GLU C 318 -2.97 25.28 14.23
C GLU C 318 -1.60 24.59 14.18
N ALA C 319 -1.38 23.67 15.11
CA ALA C 319 -0.13 22.93 15.17
C ALA C 319 0.09 22.08 13.90
N ILE C 320 -0.98 21.49 13.39
CA ILE C 320 -0.91 20.70 12.16
C ILE C 320 -0.46 21.60 11.01
N ALA C 321 -1.12 22.75 10.88
CA ALA C 321 -0.80 23.73 9.85
C ALA C 321 0.63 24.24 9.96
N HIS C 322 1.09 24.47 11.20
CA HIS C 322 2.46 24.94 11.43
C HIS C 322 3.46 23.92 10.92
N THR C 323 3.22 22.67 11.24
CA THR C 323 4.08 21.57 10.81
C THR C 323 4.13 21.48 9.28
N ILE C 324 2.97 21.56 8.63
CA ILE C 324 2.88 21.51 7.16
C ILE C 324 3.69 22.64 6.52
N ALA C 325 3.60 23.84 7.10
CA ALA C 325 4.35 24.98 6.58
C ALA C 325 5.86 24.79 6.77
N GLU C 326 6.23 24.22 7.92
CA GLU C 326 7.62 24.02 8.28
C GLU C 326 8.31 22.88 7.50
N THR C 327 7.56 21.83 7.19
CA THR C 327 8.11 20.64 6.52
C THR C 327 7.74 20.49 5.06
N GLY C 328 6.64 21.12 4.64
CA GLY C 328 6.15 20.99 3.28
C GLY C 328 5.61 19.59 3.01
N LEU C 329 5.21 18.89 4.07
CA LEU C 329 4.70 17.54 3.94
C LEU C 329 3.28 17.44 4.44
N PRO C 330 2.53 16.44 3.95
CA PRO C 330 1.18 16.17 4.47
C PRO C 330 1.22 15.91 5.97
N CYS C 331 0.20 16.38 6.68
CA CYS C 331 0.14 16.20 8.13
C CYS C 331 -1.25 16.26 8.72
N THR C 332 -1.46 15.46 9.77
CA THR C 332 -2.69 15.48 10.56
C THR C 332 -2.47 14.65 11.84
N ASP C 333 -3.43 14.70 12.75
CA ASP C 333 -3.43 13.88 13.95
C ASP C 333 -4.40 12.77 13.56
N VAL C 334 -3.84 11.63 13.11
CA VAL C 334 -4.63 10.48 12.62
C VAL C 334 -5.67 9.93 13.59
N VAL C 335 -5.31 9.90 14.87
CA VAL C 335 -6.20 9.43 15.92
C VAL C 335 -7.35 10.40 16.13
N ARG C 336 -7.07 11.67 15.94
CA ARG C 336 -8.05 12.72 16.19
C ARG C 336 -8.90 13.02 14.97
N PHE C 337 -8.28 13.19 13.81
CA PHE C 337 -9.01 13.60 12.62
C PHE C 337 -9.06 12.60 11.48
N GLY C 338 -8.73 11.34 11.74
CA GLY C 338 -8.74 10.32 10.68
C GLY C 338 -7.40 10.16 10.00
N ALA C 339 -7.16 8.97 9.44
CA ALA C 339 -5.88 8.63 8.81
C ALA C 339 -5.80 8.86 7.30
N ASP C 340 -6.89 9.32 6.68
CA ASP C 340 -6.97 9.53 5.22
C ASP C 340 -5.87 10.39 4.60
N VAL C 341 -5.54 11.51 5.25
CA VAL C 341 -4.50 12.42 4.75
C VAL C 341 -3.17 11.69 4.53
N LEU C 342 -2.71 10.98 5.56
CA LEU C 342 -1.44 10.25 5.49
C LEU C 342 -1.53 8.96 4.69
N LEU C 343 -2.68 8.30 4.70
CA LEU C 343 -2.82 7.10 3.87
C LEU C 343 -2.72 7.49 2.38
N ASP C 344 -3.30 8.64 2.00
CA ASP C 344 -3.14 9.16 0.63
C ASP C 344 -1.65 9.36 0.32
N ALA C 345 -0.90 9.93 1.26
CA ALA C 345 0.52 10.22 1.06
C ALA C 345 1.33 8.94 0.86
N VAL C 346 0.96 7.91 1.61
CA VAL C 346 1.60 6.61 1.51
C VAL C 346 1.29 5.95 0.17
N GLN C 348 0.02 7.13 -2.62
CA GLN C 348 0.34 7.86 -3.86
C GLN C 348 1.83 8.24 -3.99
N ASN C 349 2.69 7.51 -3.28
CA ASN C 349 4.13 7.74 -3.35
C ASN C 349 4.78 6.88 -4.40
N ARG D 3 36.54 -14.70 36.62
CA ARG D 3 36.41 -16.15 36.94
C ARG D 3 37.67 -16.93 36.55
N LEU D 4 38.09 -16.75 35.29
CA LEU D 4 39.29 -17.39 34.75
C LEU D 4 40.50 -16.44 34.67
N PRO D 5 41.59 -16.75 35.39
CA PRO D 5 42.80 -15.93 35.23
C PRO D 5 43.28 -16.01 33.77
N LEU D 6 43.75 -14.90 33.21
CA LEU D 6 44.17 -14.86 31.80
C LEU D 6 45.56 -15.50 31.54
N ASN D 7 46.29 -15.80 32.61
CA ASN D 7 47.61 -16.43 32.53
C ASN D 7 47.60 -17.96 32.34
N GLN D 8 46.43 -18.57 32.19
CA GLN D 8 46.34 -20.02 32.08
C GLN D 8 46.71 -20.59 30.72
N ARG D 9 47.21 -21.83 30.72
CA ARG D 9 47.68 -22.48 29.50
C ARG D 9 46.52 -22.89 28.61
N VAL D 10 46.52 -22.33 27.41
CA VAL D 10 45.42 -22.49 26.46
C VAL D 10 45.64 -23.52 25.37
N ALA D 11 44.57 -24.26 25.11
CA ALA D 11 44.48 -25.19 23.99
C ALA D 11 43.30 -24.65 23.18
N ILE D 12 43.48 -24.41 21.89
CA ILE D 12 42.43 -23.89 21.05
C ILE D 12 41.85 -24.98 20.16
N LEU D 13 40.52 -25.16 20.24
CA LEU D 13 39.83 -26.11 19.39
C LEU D 13 39.68 -25.38 18.08
N LEU D 14 40.42 -25.82 17.06
CA LEU D 14 40.46 -25.09 15.82
C LEU D 14 40.30 -25.98 14.58
N HIS D 15 39.58 -27.09 14.73
CA HIS D 15 39.34 -28.06 13.64
C HIS D 15 38.77 -27.42 12.36
N GLU D 16 39.41 -27.67 11.24
CA GLU D 16 39.03 -27.14 9.92
C GLU D 16 39.16 -25.63 9.77
N GLY D 17 39.64 -24.93 10.81
CA GLY D 17 39.69 -23.46 10.81
C GLY D 17 41.04 -22.79 10.71
N THR D 18 42.13 -23.54 10.90
CA THR D 18 43.48 -22.98 10.86
C THR D 18 43.83 -22.53 9.43
N THR D 19 43.36 -23.27 8.44
CA THR D 19 43.54 -22.87 7.05
C THR D 19 42.21 -22.80 6.27
N GLY D 20 41.09 -23.10 6.95
CA GLY D 20 39.77 -23.03 6.32
C GLY D 20 39.17 -21.64 6.52
N THR D 21 37.85 -21.58 6.70
CA THR D 21 37.16 -20.29 6.89
C THR D 21 36.37 -20.13 8.18
N ILE D 22 36.22 -21.19 8.97
CA ILE D 22 35.43 -21.12 10.21
C ILE D 22 36.24 -20.77 11.47
N GLY D 23 37.56 -20.63 11.34
CA GLY D 23 38.44 -20.39 12.49
C GLY D 23 38.87 -18.97 12.80
N LYS D 24 38.05 -18.00 12.40
CA LYS D 24 38.32 -16.56 12.61
C LYS D 24 38.70 -16.27 14.07
N THR D 25 37.96 -16.87 15.00
CA THR D 25 38.17 -16.68 16.41
C THR D 25 39.54 -17.20 16.86
N GLY D 26 39.81 -18.47 16.59
CA GLY D 26 41.08 -19.07 16.98
C GLY D 26 42.32 -18.40 16.37
N LEU D 27 42.25 -18.10 15.08
CA LEU D 27 43.35 -17.45 14.36
C LEU D 27 43.63 -16.06 14.92
N ALA D 28 42.56 -15.37 15.32
CA ALA D 28 42.67 -14.05 15.92
C ALA D 28 43.39 -14.13 17.26
N LEU D 29 43.08 -15.18 18.02
CA LEU D 29 43.73 -15.45 19.30
C LEU D 29 45.20 -15.79 19.11
N LEU D 30 45.51 -16.63 18.13
CA LEU D 30 46.90 -16.97 17.85
C LEU D 30 47.66 -15.73 17.40
N ARG D 31 46.97 -14.83 16.71
CA ARG D 31 47.58 -13.62 16.22
C ARG D 31 47.76 -12.55 17.32
N TYR D 32 46.79 -12.44 18.24
CA TYR D 32 46.83 -11.35 19.24
C TYR D 32 46.88 -11.69 20.71
N SER D 33 46.56 -12.92 21.10
CA SER D 33 46.46 -13.26 22.51
C SER D 33 47.79 -13.32 23.23
N GLU D 34 47.83 -12.75 24.44
CA GLU D 34 49.04 -12.78 25.24
C GLU D 34 49.02 -13.92 26.25
N ALA D 35 47.99 -14.77 26.18
CA ALA D 35 47.90 -15.96 27.02
C ALA D 35 48.88 -16.97 26.47
N PRO D 36 49.37 -17.87 27.34
CA PRO D 36 50.29 -18.90 26.87
C PRO D 36 49.50 -19.96 26.15
N ILE D 37 49.63 -20.00 24.82
CA ILE D 37 48.92 -20.97 23.99
C ILE D 37 49.85 -22.14 23.78
N VAL D 38 49.49 -23.28 24.36
CA VAL D 38 50.34 -24.48 24.33
C VAL D 38 49.99 -25.50 23.26
N ALA D 39 48.80 -25.37 22.67
CA ALA D 39 48.39 -26.29 21.62
C ALA D 39 47.24 -25.77 20.78
N VAL D 40 47.29 -26.13 19.49
CA VAL D 40 46.24 -25.84 18.52
C VAL D 40 45.74 -27.23 18.12
N ILE D 41 44.42 -27.42 18.12
CA ILE D 41 43.82 -28.72 17.84
C ILE D 41 43.10 -28.64 16.50
N ASP D 42 43.65 -29.31 15.50
CA ASP D 42 43.06 -29.32 14.16
C ASP D 42 43.46 -30.60 13.41
N ARG D 43 42.46 -31.44 13.11
CA ARG D 43 42.65 -32.70 12.38
C ARG D 43 43.34 -32.49 11.05
N ASN D 44 42.92 -31.44 10.34
CA ASN D 44 43.45 -31.12 9.01
C ASN D 44 44.88 -30.58 9.00
N CYS D 45 45.40 -30.19 10.17
CA CYS D 45 46.73 -29.59 10.30
C CYS D 45 47.74 -30.26 11.23
N ALA D 46 47.34 -31.28 11.99
CA ALA D 46 48.22 -31.92 12.97
C ALA D 46 49.67 -32.16 12.49
N GLY D 47 50.64 -31.58 13.21
CA GLY D 47 52.07 -31.74 12.91
C GLY D 47 52.75 -30.63 12.11
N GLN D 48 51.97 -29.82 11.41
CA GLN D 48 52.51 -28.75 10.57
C GLN D 48 52.93 -27.47 11.33
N SER D 49 53.67 -26.62 10.63
CA SER D 49 54.15 -25.35 11.19
C SER D 49 53.11 -24.25 11.06
N LEU D 50 52.62 -23.76 12.20
CA LEU D 50 51.61 -22.70 12.21
C LEU D 50 52.03 -21.51 11.35
N ARG D 51 53.30 -21.10 11.46
CA ARG D 51 53.82 -19.98 10.70
C ARG D 51 53.78 -20.24 9.19
N GLU D 52 54.24 -21.41 8.78
CA GLU D 52 54.26 -21.75 7.35
C GLU D 52 52.87 -21.75 6.71
N ILE D 53 51.87 -22.24 7.42
CA ILE D 53 50.51 -22.34 6.87
C ILE D 53 49.57 -21.15 7.14
N THR D 54 49.94 -20.25 8.06
CA THR D 54 49.10 -19.09 8.38
C THR D 54 49.80 -17.72 8.32
N GLY D 55 51.13 -17.71 8.39
CA GLY D 55 51.87 -16.46 8.39
C GLY D 55 51.87 -15.84 9.78
N ILE D 56 51.36 -16.57 10.78
CA ILE D 56 51.38 -16.11 12.15
C ILE D 56 52.68 -16.64 12.75
N TYR D 57 53.62 -15.73 12.97
CA TYR D 57 54.94 -16.04 13.53
C TYR D 57 54.87 -16.33 15.01
N ARG D 58 54.39 -17.52 15.33
CA ARG D 58 54.21 -17.96 16.70
C ARG D 58 54.31 -19.47 16.73
N TYR D 59 55.17 -19.99 17.60
CA TYR D 59 55.30 -21.43 17.72
C TYR D 59 54.25 -22.01 18.65
N VAL D 60 53.46 -22.93 18.11
CA VAL D 60 52.47 -23.67 18.88
C VAL D 60 52.27 -25.00 18.15
N PRO D 61 52.44 -26.13 18.85
CA PRO D 61 52.18 -27.40 18.20
C PRO D 61 50.72 -27.53 17.75
N ILE D 62 50.50 -28.23 16.64
CA ILE D 62 49.16 -28.51 16.12
C ILE D 62 48.92 -30.01 16.32
N VAL D 63 47.86 -30.36 17.04
CA VAL D 63 47.57 -31.78 17.35
C VAL D 63 46.21 -32.18 16.79
N LYS D 64 46.02 -33.47 16.58
CA LYS D 64 44.78 -33.98 15.95
C LYS D 64 43.56 -33.99 16.85
N SER D 65 43.74 -33.89 18.16
CA SER D 65 42.61 -33.95 19.10
C SER D 65 42.93 -33.40 20.47
N VAL D 66 41.90 -33.18 21.29
CA VAL D 66 42.09 -32.73 22.67
C VAL D 66 42.95 -33.72 23.45
N GLU D 67 42.70 -35.03 23.27
CA GLU D 67 43.49 -36.07 23.93
C GLU D 67 44.99 -35.88 23.59
N ALA D 68 45.28 -35.62 22.32
CA ALA D 68 46.67 -35.40 21.89
C ALA D 68 47.25 -34.11 22.47
N ALA D 69 46.39 -33.15 22.81
CA ALA D 69 46.81 -31.88 23.41
C ALA D 69 47.19 -31.99 24.90
N LEU D 70 46.63 -32.97 25.59
CA LEU D 70 46.90 -33.18 27.04
C LEU D 70 48.39 -33.28 27.35
N GLU D 71 49.13 -33.82 26.39
CA GLU D 71 50.58 -33.93 26.38
C GLU D 71 51.27 -32.59 26.69
N TYR D 72 50.67 -31.48 26.25
CA TYR D 72 51.20 -30.13 26.48
C TYR D 72 50.60 -29.40 27.69
N LYS D 73 49.96 -30.15 28.59
CA LYS D 73 49.42 -29.62 29.84
C LYS D 73 48.49 -28.41 29.77
N PRO D 74 47.50 -28.43 28.84
CA PRO D 74 46.58 -27.31 28.77
C PRO D 74 45.67 -27.30 30.00
N GLN D 75 45.23 -26.11 30.40
CA GLN D 75 44.33 -25.91 31.54
C GLN D 75 42.94 -25.43 31.13
N VAL D 76 42.86 -24.79 29.96
CA VAL D 76 41.64 -24.20 29.43
C VAL D 76 41.51 -24.53 27.95
N LEU D 77 40.35 -25.04 27.55
CA LEU D 77 40.04 -25.30 26.15
C LEU D 77 39.20 -24.14 25.64
N VAL D 78 39.67 -23.47 24.59
CA VAL D 78 38.97 -22.34 23.99
C VAL D 78 38.42 -22.78 22.63
N ILE D 79 37.13 -22.60 22.42
CA ILE D 79 36.51 -22.97 21.16
C ILE D 79 36.87 -21.86 20.16
N GLY D 80 37.71 -22.19 19.17
CA GLY D 80 38.16 -21.23 18.16
C GLY D 80 37.52 -21.36 16.79
N ILE D 81 36.41 -22.10 16.72
CA ILE D 81 35.67 -22.30 15.47
C ILE D 81 34.17 -22.12 15.66
N ALA D 82 33.47 -21.91 14.55
CA ALA D 82 32.02 -21.77 14.54
C ALA D 82 31.51 -22.16 13.16
N PRO D 83 30.55 -23.09 13.10
CA PRO D 83 30.04 -23.55 11.81
C PRO D 83 29.29 -22.48 11.01
N GLY D 85 26.94 -21.83 9.15
CA GLY D 85 25.61 -22.28 9.58
C GLY D 85 25.66 -23.54 10.45
N GLY D 86 24.92 -23.51 11.57
CA GLY D 86 24.87 -24.62 12.53
C GLY D 86 24.94 -24.11 13.96
N GLY D 87 24.39 -24.85 14.91
CA GLY D 87 24.42 -24.47 16.33
C GLY D 87 25.73 -24.96 16.93
N ILE D 88 25.66 -26.10 17.62
CA ILE D 88 26.83 -26.77 18.19
C ILE D 88 26.90 -28.10 17.43
N PRO D 89 27.85 -28.23 16.47
CA PRO D 89 27.96 -29.49 15.73
C PRO D 89 28.18 -30.71 16.64
N ASP D 90 27.87 -31.88 16.12
CA ASP D 90 27.89 -33.10 16.90
C ASP D 90 29.30 -33.54 17.33
N ASP D 91 30.26 -33.39 16.42
CA ASP D 91 31.65 -33.79 16.70
C ASP D 91 32.34 -32.97 17.80
N TYR D 92 31.84 -31.76 18.06
CA TYR D 92 32.37 -30.90 19.11
C TYR D 92 32.28 -31.54 20.49
N TRP D 93 31.12 -32.12 20.80
CA TRP D 93 30.85 -32.70 22.12
C TRP D 93 31.93 -33.66 22.62
N ILE D 94 32.38 -34.57 21.78
CA ILE D 94 33.43 -35.51 22.18
C ILE D 94 34.65 -34.77 22.75
N GLU D 95 35.06 -33.71 22.05
CA GLU D 95 36.20 -32.89 22.44
C GLU D 95 35.94 -32.08 23.71
N LEU D 96 34.73 -31.54 23.83
CA LEU D 96 34.35 -30.77 25.01
C LEU D 96 34.37 -31.59 26.29
N LYS D 97 33.78 -32.78 26.22
CA LYS D 97 33.71 -33.67 27.38
C LYS D 97 35.07 -34.27 27.70
N THR D 98 35.94 -34.37 26.70
CA THR D 98 37.28 -34.91 26.89
C THR D 98 38.06 -33.93 27.75
N ALA D 99 37.96 -32.66 27.43
CA ALA D 99 38.62 -31.61 28.19
C ALA D 99 38.11 -31.55 29.63
N LEU D 100 36.78 -31.56 29.79
CA LEU D 100 36.16 -31.51 31.11
C LEU D 100 36.55 -32.67 31.99
N GLN D 101 36.61 -33.87 31.42
CA GLN D 101 36.96 -35.08 32.17
C GLN D 101 38.45 -35.05 32.54
N ALA D 102 39.23 -34.30 31.75
CA ALA D 102 40.65 -34.10 32.00
C ALA D 102 40.93 -32.97 33.01
N GLY D 103 39.88 -32.46 33.68
CA GLY D 103 40.02 -31.39 34.67
C GLY D 103 40.21 -30.00 34.11
N SER D 105 38.88 -26.32 31.98
CA SER D 105 37.82 -25.34 31.91
C SER D 105 37.53 -25.07 30.43
N LEU D 106 36.34 -24.52 30.17
CA LEU D 106 35.87 -24.22 28.81
C LEU D 106 35.59 -22.77 28.59
N VAL D 107 36.03 -22.26 27.44
CA VAL D 107 35.71 -20.91 27.01
C VAL D 107 34.93 -21.08 25.71
N ASN D 108 33.62 -20.79 25.78
CA ASN D 108 32.70 -20.91 24.65
C ASN D 108 32.24 -19.55 24.17
N GLY D 109 32.54 -19.25 22.91
CA GLY D 109 32.17 -17.98 22.31
C GLY D 109 30.98 -18.06 21.36
N LEU D 110 30.32 -19.20 21.32
CA LEU D 110 29.20 -19.42 20.42
C LEU D 110 27.93 -18.85 21.03
N HIS D 111 26.93 -18.59 20.20
CA HIS D 111 25.64 -18.09 20.69
C HIS D 111 24.96 -19.08 21.63
N THR D 112 25.09 -20.38 21.36
CA THR D 112 24.53 -21.42 22.21
C THR D 112 25.34 -21.57 23.51
N PRO D 113 24.70 -21.38 24.67
CA PRO D 113 25.45 -21.51 25.94
C PRO D 113 25.66 -22.97 26.34
N LEU D 114 26.80 -23.25 26.96
CA LEU D 114 27.13 -24.61 27.40
C LEU D 114 27.22 -24.77 28.92
N ALA D 115 27.19 -23.67 29.67
CA ALA D 115 27.34 -23.71 31.13
C ALA D 115 26.23 -24.41 31.92
N ASN D 116 25.03 -24.53 31.35
CA ASN D 116 23.92 -25.20 32.03
C ASN D 116 23.42 -26.45 31.30
N ILE D 117 24.34 -27.14 30.62
CA ILE D 117 24.07 -28.42 29.97
C ILE D 117 24.42 -29.48 31.03
N PRO D 118 23.43 -30.24 31.52
CA PRO D 118 23.66 -31.26 32.56
C PRO D 118 24.87 -32.18 32.36
N ASP D 119 25.01 -32.74 31.15
CA ASP D 119 26.13 -33.63 30.83
C ASP D 119 27.48 -32.96 31.04
N LEU D 120 27.60 -31.69 30.69
CA LEU D 120 28.85 -30.97 30.86
C LEU D 120 29.06 -30.61 32.33
N ASN D 121 28.02 -30.11 33.00
CA ASN D 121 28.08 -29.78 34.43
C ASN D 121 28.54 -30.93 35.30
N ALA D 122 27.99 -32.11 35.06
CA ALA D 122 28.34 -33.31 35.80
C ALA D 122 29.83 -33.63 35.73
N LEU D 123 30.45 -33.29 34.60
CA LEU D 123 31.88 -33.53 34.36
C LEU D 123 32.81 -32.41 34.80
N LEU D 124 32.25 -31.28 35.22
CA LEU D 124 33.04 -30.12 35.60
C LEU D 124 33.62 -30.30 37.00
N GLN D 125 34.96 -30.36 37.10
CA GLN D 125 35.63 -30.56 38.40
C GLN D 125 35.60 -29.26 39.22
N PRO D 126 35.76 -29.36 40.57
CA PRO D 126 35.77 -28.16 41.42
C PRO D 126 36.87 -27.17 41.04
N GLY D 127 36.54 -25.88 41.08
CA GLY D 127 37.49 -24.86 40.65
C GLY D 127 37.43 -24.59 39.14
N GLN D 128 37.08 -25.61 38.34
CA GLN D 128 36.99 -25.44 36.89
C GLN D 128 35.66 -24.79 36.53
N LEU D 129 35.61 -24.25 35.31
CA LEU D 129 34.46 -23.48 34.90
C LEU D 129 34.19 -23.46 33.41
N ILE D 130 32.91 -23.28 33.06
CA ILE D 130 32.48 -23.12 31.67
C ILE D 130 32.10 -21.66 31.49
N TRP D 131 32.86 -20.95 30.66
CA TRP D 131 32.60 -19.54 30.41
C TRP D 131 31.91 -19.35 29.07
N ASP D 132 30.62 -18.99 29.14
CA ASP D 132 29.82 -18.61 27.99
C ASP D 132 30.02 -17.11 27.78
N VAL D 133 30.95 -16.80 26.90
CA VAL D 133 31.34 -15.43 26.60
C VAL D 133 30.15 -14.57 26.17
N ARG D 134 29.21 -15.15 25.42
CA ARG D 134 28.06 -14.39 24.91
C ARG D 134 26.93 -14.10 25.89
N LYS D 135 26.97 -14.71 27.07
CA LYS D 135 25.98 -14.45 28.09
C LYS D 135 25.91 -12.95 28.36
N GLU D 136 24.67 -12.44 28.42
CA GLU D 136 24.42 -11.03 28.59
C GLU D 136 24.91 -10.55 29.96
N PRO D 137 25.60 -9.39 30.01
CA PRO D 137 26.03 -8.93 31.31
C PRO D 137 24.80 -8.62 32.15
N ALA D 138 24.88 -8.90 33.45
CA ALA D 138 23.78 -8.72 34.39
C ALA D 138 23.49 -7.27 34.77
N ASN D 139 22.31 -7.07 35.35
CA ASN D 139 21.89 -5.77 35.88
C ASN D 139 22.05 -4.63 34.87
N LEU D 140 21.49 -4.79 33.69
CA LEU D 140 21.54 -3.77 32.65
C LEU D 140 20.24 -2.99 32.68
N ASP D 141 20.38 -1.67 32.56
CA ASP D 141 19.24 -0.76 32.49
C ASP D 141 19.22 -0.16 31.08
N VAL D 142 18.30 0.75 30.82
CA VAL D 142 18.25 1.43 29.53
C VAL D 142 19.26 2.56 29.57
N ALA D 143 20.01 2.74 28.49
CA ALA D 143 21.05 3.79 28.45
C ALA D 143 20.44 5.21 28.52
N SER D 144 21.26 6.16 28.96
CA SER D 144 20.84 7.53 29.17
C SER D 144 21.86 8.58 28.70
N GLY D 145 22.82 8.18 27.86
CA GLY D 145 23.88 9.08 27.41
C GLY D 145 24.82 9.50 28.53
N ALA D 146 24.86 8.72 29.61
CA ALA D 146 25.70 8.98 30.77
C ALA D 146 27.21 9.09 30.45
N ALA D 147 27.66 8.45 29.38
CA ALA D 147 29.07 8.49 29.01
C ALA D 147 29.54 9.86 28.55
N ARG D 148 28.62 10.74 28.16
CA ARG D 148 28.99 12.09 27.71
C ARG D 148 29.73 12.91 28.78
N THR D 149 29.49 12.58 30.04
CA THR D 149 30.10 13.30 31.18
C THR D 149 31.52 12.86 31.54
N LEU D 150 31.98 11.77 30.94
CA LEU D 150 33.31 11.24 31.23
C LEU D 150 34.44 12.15 30.74
N PRO D 151 35.56 12.17 31.46
CA PRO D 151 36.70 13.02 31.13
C PRO D 151 37.61 12.47 30.04
N CYS D 152 37.43 11.20 29.67
CA CYS D 152 38.28 10.54 28.70
C CYS D 152 37.82 10.69 27.26
N ARG D 153 38.76 10.48 26.35
CA ARG D 153 38.42 10.42 24.94
C ARG D 153 37.79 9.05 24.78
N ARG D 154 36.80 8.95 23.89
CA ARG D 154 36.11 7.70 23.64
C ARG D 154 36.08 7.52 22.14
N VAL D 155 37.00 6.68 21.65
CA VAL D 155 37.17 6.46 20.23
C VAL D 155 36.58 5.13 19.76
N LEU D 156 35.73 5.20 18.74
CA LEU D 156 35.04 4.04 18.21
C LEU D 156 35.40 3.78 16.77
N THR D 157 35.75 2.54 16.47
CA THR D 157 35.99 2.18 15.08
C THR D 157 34.64 1.83 14.43
N VAL D 158 34.43 2.33 13.22
CA VAL D 158 33.24 2.03 12.43
C VAL D 158 33.75 1.55 11.11
N GLY D 159 32.92 0.84 10.34
CA GLY D 159 33.35 0.30 9.07
C GLY D 159 32.31 0.24 7.99
N THR D 160 32.79 0.02 6.76
CA THR D 160 31.97 -0.12 5.59
C THR D 160 31.47 -1.56 5.44
N ASP D 161 31.92 -2.45 6.30
CA ASP D 161 31.50 -3.86 6.29
C ASP D 161 32.00 -4.53 7.58
N ALA D 163 34.18 -7.75 9.46
CA ALA D 163 35.40 -8.52 9.25
C ALA D 163 36.37 -7.80 8.31
N ILE D 164 36.63 -6.53 8.58
CA ILE D 164 37.56 -5.75 7.77
C ILE D 164 38.75 -5.21 8.55
N GLY D 165 38.75 -5.38 9.89
CA GLY D 165 39.87 -4.93 10.72
C GLY D 165 39.59 -3.82 11.70
N LYS D 166 38.33 -3.68 12.13
CA LYS D 166 37.96 -2.64 13.11
C LYS D 166 38.63 -2.94 14.46
N SER D 168 41.33 -4.83 14.90
CA SER D 168 42.75 -4.61 14.67
C SER D 168 43.12 -3.15 14.75
N THR D 169 42.30 -2.29 14.16
CA THR D 169 42.53 -0.84 14.20
C THR D 169 42.45 -0.31 15.61
N SER D 170 41.43 -0.74 16.35
CA SER D 170 41.24 -0.31 17.72
C SER D 170 42.41 -0.74 18.57
N LEU D 171 42.82 -2.00 18.41
CA LEU D 171 43.97 -2.53 19.14
C LEU D 171 45.28 -1.79 18.84
N GLU D 172 45.55 -1.55 17.56
CA GLU D 172 46.76 -0.85 17.16
C GLU D 172 46.85 0.59 17.70
N LEU D 173 45.74 1.30 17.69
CA LEU D 173 45.66 2.66 18.22
C LEU D 173 45.91 2.61 19.72
N HIS D 174 45.28 1.65 20.37
CA HIS D 174 45.48 1.40 21.78
C HIS D 174 46.98 1.18 22.09
N TRP D 175 47.59 0.19 21.45
CA TRP D 175 49.02 -0.11 21.70
C TRP D 175 49.92 1.11 21.51
N ALA D 176 49.68 1.90 20.47
CA ALA D 176 50.48 3.10 20.20
C ALA D 176 50.26 4.19 21.26
N ALA D 177 49.00 4.38 21.65
CA ALA D 177 48.69 5.37 22.67
C ALA D 177 49.46 5.04 23.94
N LYS D 178 49.36 3.78 24.35
CA LYS D 178 50.05 3.26 25.51
C LYS D 178 51.57 3.47 25.40
N LEU D 179 52.16 3.17 24.25
CA LEU D 179 53.61 3.42 24.04
C LEU D 179 54.03 4.88 24.18
N ARG D 180 53.13 5.79 23.79
CA ARG D 180 53.37 7.23 23.87
C ARG D 180 53.34 7.70 25.30
N GLY D 181 52.61 6.98 26.15
CA GLY D 181 52.54 7.32 27.58
C GLY D 181 51.14 7.53 28.11
N TRP D 182 50.11 7.46 27.27
CA TRP D 182 48.74 7.66 27.77
C TRP D 182 48.27 6.45 28.55
N ARG D 183 47.37 6.70 29.49
CA ARG D 183 46.71 5.63 30.21
C ARG D 183 45.58 5.27 29.24
N SER D 184 45.74 4.11 28.61
CA SER D 184 44.84 3.67 27.56
C SER D 184 44.22 2.35 27.92
N LYS D 185 42.99 2.14 27.45
CA LYS D 185 42.30 0.85 27.61
C LYS D 185 41.45 0.46 26.39
N PHE D 186 41.58 -0.81 25.98
CA PHE D 186 40.77 -1.37 24.90
C PHE D 186 39.51 -2.05 25.47
N LEU D 187 38.35 -1.73 24.90
CA LEU D 187 37.07 -2.31 25.34
C LEU D 187 36.51 -3.25 24.26
N ALA D 188 36.47 -4.53 24.60
CA ALA D 188 35.97 -5.56 23.71
C ALA D 188 34.45 -5.49 23.64
N THR D 189 33.94 -5.61 22.40
CA THR D 189 32.53 -5.54 22.10
C THR D 189 32.01 -6.81 21.38
N GLY D 190 32.88 -7.77 21.09
CA GLY D 190 32.45 -9.00 20.42
C GLY D 190 33.04 -10.20 21.08
N GLN D 191 32.72 -11.39 20.56
CA GLN D 191 33.17 -12.64 21.20
C GLN D 191 34.69 -12.84 21.14
N THR D 192 35.27 -12.49 20.00
CA THR D 192 36.72 -12.63 19.81
C THR D 192 37.48 -11.67 20.70
N GLY D 193 37.00 -10.43 20.81
CA GLY D 193 37.65 -9.42 21.63
C GLY D 193 37.57 -9.75 23.11
N VAL D 194 36.40 -10.20 23.56
CA VAL D 194 36.22 -10.58 24.95
C VAL D 194 37.12 -11.75 25.32
N LEU D 196 39.94 -12.48 24.08
CA LEU D 196 41.30 -11.97 24.01
C LEU D 196 41.63 -11.14 25.23
N GLU D 197 40.69 -10.30 25.66
CA GLU D 197 40.87 -9.46 26.83
C GLU D 197 40.52 -10.16 28.14
N GLY D 198 39.73 -11.22 28.07
CA GLY D 198 39.25 -11.92 29.25
C GLY D 198 38.02 -11.26 29.85
N ASP D 199 37.58 -10.14 29.27
CA ASP D 199 36.42 -9.41 29.75
C ASP D 199 35.93 -8.43 28.67
N GLY D 200 34.70 -7.97 28.84
CA GLY D 200 34.05 -7.03 27.93
C GLY D 200 32.58 -7.43 27.78
N VAL D 201 32.01 -7.21 26.60
CA VAL D 201 30.64 -7.61 26.34
C VAL D 201 30.46 -8.07 24.89
N ALA D 202 29.87 -9.25 24.71
CA ALA D 202 29.55 -9.74 23.39
C ALA D 202 28.22 -9.07 23.06
N LEU D 203 28.30 -7.92 22.37
CA LEU D 203 27.13 -7.08 22.14
C LEU D 203 26.05 -7.67 21.24
N ASP D 204 26.46 -8.44 20.25
CA ASP D 204 25.51 -9.07 19.34
C ASP D 204 24.56 -10.08 20.00
N ALA D 205 24.95 -10.57 21.18
CA ALA D 205 24.12 -11.49 21.97
C ALA D 205 23.33 -10.77 23.07
N VAL D 206 23.34 -9.43 23.07
CA VAL D 206 22.56 -8.69 24.08
C VAL D 206 21.18 -8.35 23.53
N ARG D 207 20.18 -8.30 24.40
CA ARG D 207 18.85 -7.90 23.97
C ARG D 207 18.83 -6.46 23.51
N VAL D 208 18.10 -6.21 22.42
CA VAL D 208 17.98 -4.88 21.81
C VAL D 208 17.70 -3.80 22.87
N ASP D 209 16.76 -4.08 23.75
CA ASP D 209 16.37 -3.16 24.81
C ASP D 209 17.56 -2.73 25.68
N PHE D 210 18.54 -3.62 25.88
CA PHE D 210 19.69 -3.34 26.76
C PHE D 210 21.02 -3.25 26.03
N ALA D 211 21.00 -3.21 24.71
CA ALA D 211 22.24 -3.13 23.94
C ALA D 211 23.01 -1.86 24.20
N ALA D 212 22.32 -0.72 24.20
CA ALA D 212 23.01 0.54 24.49
C ALA D 212 23.45 0.57 25.95
N GLY D 213 22.62 0.01 26.82
CA GLY D 213 22.92 -0.05 28.25
C GLY D 213 24.16 -0.86 28.57
N ALA D 214 24.38 -1.94 27.82
CA ALA D 214 25.55 -2.79 28.03
C ALA D 214 26.86 -2.05 27.68
N VAL D 215 26.83 -1.32 26.56
CA VAL D 215 27.99 -0.55 26.15
C VAL D 215 28.25 0.58 27.16
N GLU D 216 27.18 1.26 27.58
CA GLU D 216 27.29 2.33 28.56
C GLU D 216 27.86 1.82 29.87
N GLN D 217 27.37 0.67 30.34
CA GLN D 217 27.82 0.06 31.58
C GLN D 217 29.33 -0.08 31.57
N VAL D 219 31.59 1.27 29.58
CA VAL D 219 32.31 2.53 29.41
C VAL D 219 32.37 3.32 30.71
N ARG D 221 32.42 1.95 33.68
CA ARG D 221 33.32 1.24 34.61
C ARG D 221 34.75 1.76 34.62
N TYR D 222 35.25 2.16 33.46
CA TYR D 222 36.63 2.58 33.30
C TYR D 222 36.89 4.05 32.91
N GLY D 223 35.86 4.76 32.45
CA GLY D 223 35.97 6.14 31.98
C GLY D 223 36.72 7.15 32.85
N LYS D 224 36.58 7.05 34.16
CA LYS D 224 37.28 7.94 35.06
C LYS D 224 38.74 7.53 35.34
N ASN D 225 39.17 6.35 34.88
CA ASN D 225 40.52 5.83 35.18
C ASN D 225 41.53 5.88 34.03
N TYR D 226 41.11 6.35 32.85
CA TYR D 226 41.96 6.34 31.67
C TYR D 226 41.84 7.63 30.87
N ASP D 227 42.89 7.97 30.13
CA ASP D 227 42.92 9.15 29.29
C ASP D 227 42.13 8.92 28.01
N ILE D 228 42.14 7.67 27.54
CA ILE D 228 41.42 7.30 26.33
C ILE D 228 40.89 5.86 26.40
N LEU D 229 39.65 5.68 25.93
CA LEU D 229 39.00 4.37 25.81
C LEU D 229 38.85 4.05 24.32
N HIS D 230 39.37 2.90 23.89
CA HIS D 230 39.23 2.47 22.48
C HIS D 230 38.11 1.42 22.40
N ILE D 231 36.91 1.81 21.95
CA ILE D 231 35.78 0.87 21.87
C ILE D 231 35.84 0.11 20.55
N GLU D 232 35.87 -1.22 20.61
CA GLU D 232 35.93 -2.08 19.43
C GLU D 232 34.65 -1.94 18.60
N GLY D 233 34.78 -1.63 17.31
CA GLY D 233 33.62 -1.57 16.45
C GLY D 233 33.03 -2.93 16.15
N GLN D 234 31.74 -2.93 15.78
CA GLN D 234 31.01 -4.15 15.36
C GLN D 234 30.03 -3.76 14.26
N GLY D 235 29.72 -4.69 13.38
CA GLY D 235 28.76 -4.44 12.32
C GLY D 235 29.08 -3.32 11.35
N SER D 236 28.04 -2.84 10.67
CA SER D 236 28.14 -1.76 9.70
C SER D 236 26.73 -1.27 9.37
N LEU D 237 26.57 0.04 9.29
CA LEU D 237 25.32 0.63 8.86
C LEU D 237 25.06 0.30 7.38
N LEU D 238 26.04 -0.24 6.67
CA LEU D 238 25.89 -0.63 5.26
C LEU D 238 25.51 -2.10 5.07
N HIS D 239 25.51 -2.87 6.17
CA HIS D 239 25.18 -4.29 6.13
C HIS D 239 23.68 -4.41 6.41
N PRO D 240 22.94 -5.12 5.55
CA PRO D 240 21.47 -5.19 5.72
C PRO D 240 20.93 -5.92 6.96
N GLY D 241 21.77 -6.67 7.66
CA GLY D 241 21.33 -7.42 8.83
C GLY D 241 22.00 -7.00 10.12
N SER D 242 22.75 -5.89 10.05
CA SER D 242 23.52 -5.40 11.17
C SER D 242 22.80 -4.31 11.95
N THR D 243 22.81 -4.46 13.27
CA THR D 243 22.24 -3.51 14.20
C THR D 243 23.28 -2.89 15.18
N ALA D 244 24.32 -3.65 15.49
CA ALA D 244 25.28 -3.30 16.54
C ALA D 244 25.94 -1.91 16.55
N THR D 245 26.13 -1.29 15.39
CA THR D 245 26.79 0.01 15.37
C THR D 245 26.06 1.10 16.16
N LEU D 246 24.73 1.10 16.11
CA LEU D 246 23.95 2.11 16.79
C LEU D 246 24.14 2.08 18.31
N PRO D 247 23.86 0.93 18.97
CA PRO D 247 24.11 0.91 20.41
C PRO D 247 25.57 1.20 20.83
N LEU D 248 26.55 0.95 19.95
CA LEU D 248 27.94 1.26 20.28
C LEU D 248 28.12 2.76 20.38
N ILE D 249 27.55 3.45 19.40
CA ILE D 249 27.58 4.91 19.33
C ILE D 249 26.76 5.53 20.46
N ARG D 250 25.54 5.05 20.63
CA ARG D 250 24.67 5.56 21.67
C ARG D 250 25.22 5.30 23.06
N GLY D 251 25.61 4.05 23.32
CA GLY D 251 26.13 3.67 24.61
C GLY D 251 27.43 4.31 25.01
N SER D 252 28.36 4.49 24.07
CA SER D 252 29.66 5.06 24.39
C SER D 252 29.76 6.58 24.27
N GLN D 253 28.81 7.25 23.62
CA GLN D 253 28.89 8.70 23.46
C GLN D 253 30.32 9.07 23.01
N PRO D 254 30.73 8.60 21.83
CA PRO D 254 32.12 8.78 21.41
C PRO D 254 32.51 10.21 21.08
N THR D 255 33.76 10.55 21.36
CA THR D 255 34.31 11.86 21.01
C THR D 255 34.91 11.83 19.60
N GLN D 256 35.33 10.67 19.15
CA GLN D 256 35.89 10.51 17.81
C GLN D 256 35.52 9.17 17.22
N LEU D 257 35.42 9.13 15.89
CA LEU D 257 35.18 7.91 15.14
C LEU D 257 36.34 7.73 14.19
N VAL D 258 36.68 6.47 13.90
CA VAL D 258 37.71 6.11 12.95
C VAL D 258 37.03 5.13 12.02
N LEU D 259 36.92 5.50 10.76
CA LEU D 259 36.26 4.67 9.74
C LEU D 259 37.21 3.66 9.10
N VAL D 260 36.85 2.38 9.14
CA VAL D 260 37.67 1.32 8.58
C VAL D 260 37.05 0.89 7.28
N HIS D 261 37.90 0.59 6.28
CA HIS D 261 37.44 0.22 4.96
C HIS D 261 38.46 -0.62 4.22
N ARG D 262 38.02 -1.69 3.56
CA ARG D 262 38.94 -2.47 2.74
C ARG D 262 39.05 -1.81 1.35
N ALA D 263 40.28 -1.45 1.00
CA ALA D 263 40.54 -0.80 -0.29
C ALA D 263 40.05 -1.68 -1.42
N GLY D 264 39.28 -1.09 -2.35
CA GLY D 264 38.77 -1.83 -3.49
C GLY D 264 37.37 -2.43 -3.35
N GLN D 265 36.92 -2.70 -2.12
CA GLN D 265 35.60 -3.32 -1.88
C GLN D 265 34.46 -2.36 -2.23
N THR D 266 33.54 -2.82 -3.08
CA THR D 266 32.39 -2.04 -3.56
C THR D 266 31.01 -2.59 -3.19
N HIS D 267 30.98 -3.81 -2.68
CA HIS D 267 29.73 -4.43 -2.26
C HIS D 267 29.95 -5.15 -0.95
N ASN D 268 28.86 -5.32 -0.21
CA ASN D 268 28.84 -6.04 1.07
C ASN D 268 29.33 -7.47 0.80
N GLY D 269 30.04 -8.05 1.76
CA GLY D 269 30.58 -9.42 1.60
C GLY D 269 29.51 -10.51 1.59
N ASN D 270 28.73 -10.56 2.67
CA ASN D 270 27.68 -11.56 2.85
C ASN D 270 26.48 -11.37 1.93
N ASN D 271 26.27 -10.12 1.50
CA ASN D 271 25.11 -9.76 0.66
C ASN D 271 25.59 -8.88 -0.50
N PRO D 272 26.28 -9.50 -1.49
CA PRO D 272 26.89 -8.75 -2.62
C PRO D 272 25.97 -7.87 -3.45
N HIS D 273 24.65 -8.03 -3.34
CA HIS D 273 23.73 -7.12 -4.02
C HIS D 273 23.74 -5.69 -3.38
N VAL D 274 24.20 -5.58 -2.14
CA VAL D 274 24.19 -4.31 -1.43
C VAL D 274 25.51 -3.57 -1.68
N PRO D 275 25.48 -2.43 -2.39
CA PRO D 275 26.74 -1.74 -2.61
C PRO D 275 27.27 -0.98 -1.41
N ILE D 276 28.54 -0.60 -1.50
CA ILE D 276 29.18 0.26 -0.52
C ILE D 276 29.28 1.62 -1.20
N PRO D 277 28.60 2.64 -0.67
CA PRO D 277 28.68 3.97 -1.31
C PRO D 277 30.05 4.64 -1.19
N PRO D 278 30.29 5.70 -1.99
CA PRO D 278 31.57 6.40 -1.88
C PRO D 278 31.83 6.80 -0.44
N LEU D 279 33.10 6.82 -0.02
CA LEU D 279 33.45 7.10 1.37
C LEU D 279 32.89 8.39 1.96
N PRO D 280 32.92 9.51 1.22
CA PRO D 280 32.31 10.73 1.76
C PRO D 280 30.83 10.56 2.16
N GLU D 281 30.08 9.71 1.47
CA GLU D 281 28.69 9.43 1.82
C GLU D 281 28.62 8.53 3.03
N VAL D 282 29.59 7.63 3.16
CA VAL D 282 29.64 6.76 4.32
C VAL D 282 29.97 7.64 5.53
N ILE D 283 30.89 8.58 5.35
CA ILE D 283 31.28 9.53 6.39
C ILE D 283 30.08 10.39 6.84
N ARG D 284 29.31 10.90 5.88
CA ARG D 284 28.11 11.68 6.21
C ARG D 284 27.12 10.82 7.00
N LEU D 285 26.92 9.58 6.57
CA LEU D 285 26.02 8.67 7.25
C LEU D 285 26.37 8.51 8.75
N TYR D 286 27.60 8.12 9.04
CA TYR D 286 28.03 7.89 10.44
C TYR D 286 27.99 9.14 11.31
N GLU D 287 28.40 10.27 10.76
CA GLU D 287 28.37 11.52 11.48
C GLU D 287 26.94 11.94 11.82
N THR D 288 26.02 11.77 10.87
CA THR D 288 24.59 12.07 11.06
C THR D 288 23.98 11.22 12.17
N VAL D 289 24.28 9.93 12.14
CA VAL D 289 23.78 8.97 13.14
C VAL D 289 24.36 9.34 14.50
N ALA D 290 25.64 9.67 14.56
CA ALA D 290 26.29 10.04 15.83
C ALA D 290 25.74 11.33 16.48
N SER D 291 25.38 12.32 15.67
CA SER D 291 24.83 13.57 16.16
C SER D 291 23.33 13.49 16.38
N GLY D 292 22.71 12.44 15.85
CA GLY D 292 21.25 12.30 15.93
C GLY D 292 20.57 13.48 15.29
N GLY D 293 21.18 14.02 14.23
CA GLY D 293 20.67 15.21 13.54
C GLY D 293 20.52 16.43 14.44
N GLY D 294 21.39 16.56 15.44
CA GLY D 294 21.36 17.65 16.39
C GLY D 294 20.96 17.31 17.82
N ALA D 295 20.57 16.07 18.08
CA ALA D 295 20.19 15.66 19.43
C ALA D 295 21.43 15.46 20.31
N PHE D 296 22.52 15.02 19.69
CA PHE D 296 23.79 14.79 20.37
C PHE D 296 24.87 15.69 19.78
N GLY D 297 25.94 15.86 20.54
CA GLY D 297 27.04 16.69 20.08
C GLY D 297 27.70 16.03 18.88
N THR D 298 28.13 16.87 17.94
CA THR D 298 28.83 16.47 16.72
C THR D 298 29.98 15.53 17.06
N VAL D 299 30.04 14.40 16.35
CA VAL D 299 31.12 13.43 16.51
C VAL D 299 31.73 13.22 15.12
N PRO D 300 32.97 13.69 14.92
CA PRO D 300 33.59 13.54 13.60
C PRO D 300 34.33 12.24 13.33
N VAL D 301 34.31 11.81 12.07
CA VAL D 301 35.14 10.73 11.59
C VAL D 301 36.44 11.49 11.35
N VAL D 302 37.47 11.19 12.13
CA VAL D 302 38.75 11.94 12.10
C VAL D 302 39.79 11.42 11.12
N GLY D 303 39.60 10.18 10.70
CA GLY D 303 40.49 9.55 9.74
C GLY D 303 39.96 8.21 9.29
N ILE D 304 40.62 7.66 8.27
CA ILE D 304 40.25 6.38 7.69
C ILE D 304 41.41 5.39 7.80
N ALA D 305 41.09 4.20 8.30
CA ALA D 305 42.04 3.11 8.41
C ALA D 305 41.75 2.27 7.22
N LEU D 306 42.63 2.30 6.23
CA LEU D 306 42.39 1.56 5.01
C LEU D 306 43.02 0.19 5.11
N ASN D 307 42.23 -0.86 4.92
CA ASN D 307 42.76 -2.23 4.93
C ASN D 307 43.30 -2.50 3.53
N THR D 308 44.62 -2.65 3.41
CA THR D 308 45.27 -2.87 2.11
C THR D 308 46.01 -4.20 2.03
N ALA D 309 45.77 -5.11 2.96
CA ALA D 309 46.50 -6.39 3.05
C ALA D 309 46.59 -7.20 1.76
N HIS D 310 45.55 -7.13 0.95
CA HIS D 310 45.48 -7.85 -0.32
C HIS D 310 46.28 -7.21 -1.46
N LEU D 311 46.87 -6.03 -1.23
CA LEU D 311 47.59 -5.26 -2.24
C LEU D 311 49.10 -5.32 -2.01
N ASP D 312 49.89 -5.14 -3.07
CA ASP D 312 51.34 -5.01 -2.89
C ASP D 312 51.57 -3.63 -2.23
N GLU D 313 52.74 -3.43 -1.64
CA GLU D 313 53.03 -2.19 -0.94
C GLU D 313 52.87 -0.95 -1.82
N TYR D 314 53.31 -1.01 -3.07
CA TYR D 314 53.21 0.11 -3.99
C TYR D 314 51.74 0.52 -4.16
N ALA D 315 50.88 -0.48 -4.38
CA ALA D 315 49.44 -0.27 -4.57
C ALA D 315 48.79 0.21 -3.29
N ALA D 316 49.19 -0.38 -2.17
CA ALA D 316 48.70 0.02 -0.87
C ALA D 316 48.90 1.51 -0.68
N LYS D 317 50.13 1.97 -0.86
CA LYS D 317 50.45 3.39 -0.69
C LYS D 317 49.61 4.29 -1.58
N GLU D 318 49.41 3.83 -2.80
CA GLU D 318 48.65 4.55 -3.80
C GLU D 318 47.17 4.61 -3.44
N ALA D 319 46.64 3.52 -2.89
CA ALA D 319 45.25 3.46 -2.41
C ALA D 319 45.06 4.40 -1.21
N ILE D 320 46.06 4.48 -0.34
CA ILE D 320 46.03 5.43 0.77
C ILE D 320 45.98 6.85 0.21
N ALA D 321 46.88 7.16 -0.73
CA ALA D 321 46.93 8.51 -1.34
C ALA D 321 45.60 8.91 -1.98
N HIS D 322 44.99 7.96 -2.65
CA HIS D 322 43.72 8.18 -3.28
C HIS D 322 42.64 8.51 -2.25
N THR D 323 42.57 7.71 -1.19
CA THR D 323 41.58 7.89 -0.13
C THR D 323 41.68 9.27 0.55
N ILE D 324 42.90 9.81 0.61
CA ILE D 324 43.12 11.13 1.19
C ILE D 324 42.60 12.21 0.24
N ALA D 325 42.86 12.02 -1.06
CA ALA D 325 42.41 12.96 -2.09
C ALA D 325 40.88 12.99 -2.18
N GLU D 326 40.27 11.81 -2.10
CA GLU D 326 38.82 11.67 -2.15
C GLU D 326 38.10 12.18 -0.90
N THR D 327 38.59 11.80 0.28
CA THR D 327 37.91 12.16 1.53
C THR D 327 38.40 13.47 2.14
N GLY D 328 39.69 13.75 2.01
CA GLY D 328 40.26 14.95 2.62
C GLY D 328 40.64 14.72 4.08
N LEU D 329 40.74 13.45 4.47
CA LEU D 329 41.08 13.09 5.84
C LEU D 329 42.42 12.34 5.95
N PRO D 330 43.01 12.33 7.16
CA PRO D 330 44.16 11.48 7.44
C PRO D 330 43.86 10.00 7.14
N CYS D 331 44.82 9.28 6.57
CA CYS D 331 44.60 7.88 6.26
C CYS D 331 45.87 7.05 6.18
N THR D 332 45.75 5.79 6.59
CA THR D 332 46.85 4.83 6.46
C THR D 332 46.31 3.43 6.76
N ASP D 333 47.13 2.43 6.51
CA ASP D 333 46.79 1.06 6.92
C ASP D 333 47.59 0.97 8.22
N VAL D 334 46.88 1.04 9.35
CA VAL D 334 47.54 1.07 10.66
C VAL D 334 48.31 -0.20 11.00
N VAL D 335 47.80 -1.33 10.55
CA VAL D 335 48.44 -2.59 10.79
C VAL D 335 49.72 -2.65 9.99
N ARG D 336 49.65 -2.19 8.76
CA ARG D 336 50.77 -2.24 7.83
C ARG D 336 51.83 -1.20 8.03
N PHE D 337 51.43 0.05 8.21
CA PHE D 337 52.40 1.14 8.36
C PHE D 337 52.43 1.82 9.74
N GLY D 338 51.55 1.43 10.66
CA GLY D 338 51.55 2.02 12.00
C GLY D 338 50.38 2.96 12.26
N ALA D 339 49.98 3.06 13.53
CA ALA D 339 48.80 3.85 13.94
C ALA D 339 48.99 5.35 14.09
N ASP D 340 50.24 5.83 14.00
CA ASP D 340 50.57 7.26 14.22
C ASP D 340 49.73 8.30 13.48
N VAL D 341 49.58 8.15 12.18
CA VAL D 341 48.80 9.09 11.39
C VAL D 341 47.41 9.28 12.00
N LEU D 342 46.71 8.17 12.24
CA LEU D 342 45.36 8.19 12.82
C LEU D 342 45.32 8.54 14.30
N LEU D 343 46.33 8.10 15.06
CA LEU D 343 46.35 8.44 16.48
C LEU D 343 46.48 9.95 16.61
N ASP D 344 47.35 10.57 15.80
CA ASP D 344 47.46 12.03 15.82
C ASP D 344 46.10 12.66 15.53
N ALA D 345 45.43 12.20 14.46
CA ALA D 345 44.12 12.73 14.05
C ALA D 345 43.11 12.71 15.19
N VAL D 346 43.06 11.57 15.88
CA VAL D 346 42.19 11.39 17.04
C VAL D 346 42.55 12.33 18.19
N GLN D 348 44.34 15.11 18.35
CA GLN D 348 44.34 16.55 18.18
C GLN D 348 43.00 17.14 17.77
N ASN D 349 41.94 16.33 17.79
CA ASN D 349 40.59 16.82 17.47
C ASN D 349 40.05 17.70 18.61
#